data_6EWV
#
_entry.id   6EWV
#
_cell.length_a   1.000
_cell.length_b   1.000
_cell.length_c   1.000
_cell.angle_alpha   90.00
_cell.angle_beta   90.00
_cell.angle_gamma   90.00
#
_symmetry.space_group_name_H-M   'P 1'
#
_entity_poly.entity_id   1
_entity_poly.type   'polypeptide(L)'
_entity_poly.pdbx_seq_one_letter_code
;GIDAAQIVDEALEQGITLFVVNNRLQYETSRDSIPTELLNKWKQHKQELIDFLNQLDSEEQTKGSGSGSGSGSGSLLKEK
RKHFQAEQNSSQEYLRGEI
;
_entity_poly.pdbx_strand_id   A
#
# COMPACT_ATOMS: atom_id res chain seq x y z
N GLY A 1 -9.05 5.94 -21.52
CA GLY A 1 -8.47 6.57 -20.35
C GLY A 1 -7.34 5.71 -19.82
N ILE A 2 -7.54 5.08 -18.66
CA ILE A 2 -6.55 4.21 -18.01
C ILE A 2 -7.34 3.26 -17.10
N ASP A 3 -6.93 2.00 -17.03
CA ASP A 3 -7.54 0.98 -16.19
C ASP A 3 -6.80 0.92 -14.86
N ALA A 4 -7.51 0.89 -13.75
CA ALA A 4 -6.91 0.82 -12.44
C ALA A 4 -6.01 -0.39 -12.33
N ALA A 5 -6.43 -1.51 -12.92
CA ALA A 5 -5.68 -2.75 -12.90
C ALA A 5 -4.30 -2.56 -13.54
N GLN A 6 -4.24 -1.71 -14.58
CA GLN A 6 -3.02 -1.41 -15.29
C GLN A 6 -2.09 -0.56 -14.46
N ILE A 7 -2.64 0.40 -13.71
CA ILE A 7 -1.83 1.27 -12.86
C ILE A 7 -1.26 0.39 -11.73
N VAL A 8 -2.07 -0.49 -11.14
CA VAL A 8 -1.61 -1.39 -10.08
C VAL A 8 -0.55 -2.36 -10.62
N ASP A 9 -0.71 -2.87 -11.85
CA ASP A 9 0.23 -3.81 -12.45
C ASP A 9 1.65 -3.25 -12.44
N GLU A 10 1.74 -1.98 -12.85
CA GLU A 10 2.96 -1.20 -12.93
C GLU A 10 3.60 -1.05 -11.55
N ALA A 11 2.74 -0.94 -10.52
CA ALA A 11 3.19 -0.79 -9.15
C ALA A 11 3.92 -2.05 -8.73
N LEU A 12 3.28 -3.21 -8.93
CA LEU A 12 3.86 -4.48 -8.53
C LEU A 12 5.16 -4.77 -9.25
N GLU A 13 5.24 -4.51 -10.55
CA GLU A 13 6.50 -4.75 -11.28
C GLU A 13 7.58 -3.81 -10.72
N GLN A 14 7.21 -2.61 -10.25
CA GLN A 14 8.15 -1.66 -9.69
C GLN A 14 8.45 -2.05 -8.23
N GLY A 15 7.70 -2.98 -7.65
CA GLY A 15 7.83 -3.49 -6.30
C GLY A 15 6.99 -2.69 -5.31
N ILE A 16 6.15 -1.76 -5.78
CA ILE A 16 5.29 -0.93 -4.95
C ILE A 16 3.97 -1.63 -4.81
N THR A 17 3.41 -1.61 -3.60
CA THR A 17 2.13 -2.25 -3.34
C THR A 17 1.07 -1.23 -2.99
N LEU A 18 0.18 -0.90 -3.95
CA LEU A 18 -0.92 0.01 -3.72
C LEU A 18 -2.24 -0.67 -4.05
N PHE A 19 -3.31 -0.22 -3.38
CA PHE A 19 -4.67 -0.72 -3.50
C PHE A 19 -5.60 0.22 -2.73
N VAL A 20 -6.91 -0.04 -2.76
CA VAL A 20 -7.90 0.78 -2.09
C VAL A 20 -8.06 0.15 -0.70
N VAL A 21 -8.11 1.02 0.30
CA VAL A 21 -8.26 0.69 1.69
C VAL A 21 -9.01 1.87 2.28
N ASN A 22 -10.09 1.64 3.02
CA ASN A 22 -10.87 2.71 3.66
C ASN A 22 -11.20 3.87 2.71
N ASN A 23 -11.62 3.50 1.50
CA ASN A 23 -12.05 4.36 0.39
C ASN A 23 -10.96 5.31 -0.13
N ARG A 24 -9.69 4.97 0.07
CA ARG A 24 -8.56 5.80 -0.33
C ARG A 24 -7.51 4.92 -0.96
N LEU A 25 -6.68 5.49 -1.82
CA LEU A 25 -5.60 4.76 -2.44
C LEU A 25 -4.37 5.04 -1.59
N GLN A 26 -3.57 4.03 -1.32
CA GLN A 26 -2.34 4.16 -0.53
C GLN A 26 -1.32 3.17 -1.07
N TYR A 27 -0.03 3.50 -0.98
CA TYR A 27 1.11 2.72 -1.44
C TYR A 27 2.10 2.44 -0.31
N GLU A 28 2.89 1.37 -0.44
CA GLU A 28 3.90 0.95 0.52
C GLU A 28 4.99 0.17 -0.21
N THR A 29 6.25 0.42 0.14
CA THR A 29 7.44 -0.24 -0.40
C THR A 29 8.69 0.26 0.30
N SER A 30 9.65 -0.62 0.60
CA SER A 30 10.90 -0.13 1.13
C SER A 30 11.92 -0.43 0.02
N ARG A 31 12.08 0.36 -1.06
CA ARG A 31 13.19 -0.02 -1.96
C ARG A 31 14.21 1.10 -2.07
N ASP A 32 13.95 2.05 -2.98
CA ASP A 32 14.74 3.27 -3.17
C ASP A 32 14.02 4.57 -2.85
N SER A 33 12.73 4.56 -3.23
CA SER A 33 11.67 5.57 -3.22
C SER A 33 10.64 5.12 -4.28
N ILE A 34 9.78 6.02 -4.75
CA ILE A 34 8.77 5.73 -5.77
C ILE A 34 9.21 6.37 -7.09
N PRO A 35 9.22 5.66 -8.22
CA PRO A 35 9.58 6.24 -9.51
C PRO A 35 8.51 7.26 -9.87
N THR A 36 8.91 8.49 -10.20
CA THR A 36 7.98 9.54 -10.58
C THR A 36 7.12 9.11 -11.77
N GLU A 37 7.59 8.19 -12.61
CA GLU A 37 6.87 7.75 -13.79
C GLU A 37 5.44 7.33 -13.48
N LEU A 38 5.29 6.43 -12.50
CA LEU A 38 3.99 5.96 -12.08
C LEU A 38 3.40 6.93 -11.08
N LEU A 39 4.21 7.48 -10.18
CA LEU A 39 3.76 8.41 -9.15
C LEU A 39 3.04 9.61 -9.75
N ASN A 40 3.63 10.24 -10.76
CA ASN A 40 3.06 11.39 -11.47
C ASN A 40 1.64 11.10 -11.93
N LYS A 41 1.43 9.90 -12.48
CA LYS A 41 0.14 9.46 -12.98
C LYS A 41 -0.77 9.07 -11.82
N TRP A 42 -0.24 8.48 -10.76
CA TRP A 42 -1.05 8.05 -9.62
C TRP A 42 -1.83 9.20 -9.05
N LYS A 43 -1.14 10.28 -8.67
CA LYS A 43 -1.83 11.43 -8.11
C LYS A 43 -2.83 12.02 -9.09
N GLN A 44 -2.46 12.02 -10.37
CA GLN A 44 -3.29 12.54 -11.45
C GLN A 44 -4.53 11.70 -11.74
N HIS A 45 -4.48 10.39 -11.50
CA HIS A 45 -5.55 9.43 -11.75
C HIS A 45 -5.93 8.70 -10.45
N LYS A 46 -5.80 9.38 -9.31
CA LYS A 46 -6.10 8.91 -7.97
C LYS A 46 -7.53 8.41 -7.92
N GLN A 47 -8.45 9.26 -8.38
CA GLN A 47 -9.87 8.97 -8.41
C GLN A 47 -10.14 7.76 -9.28
N GLU A 48 -9.45 7.61 -10.41
CA GLU A 48 -9.65 6.49 -11.33
C GLU A 48 -9.45 5.16 -10.61
N LEU A 49 -8.41 5.07 -9.78
CA LEU A 49 -8.08 3.87 -9.02
C LEU A 49 -9.11 3.67 -7.95
N ILE A 50 -9.38 4.68 -7.13
CA ILE A 50 -10.35 4.58 -6.05
C ILE A 50 -11.71 4.18 -6.60
N ASP A 51 -12.08 4.63 -7.80
CA ASP A 51 -13.38 4.32 -8.41
C ASP A 51 -13.43 2.87 -8.87
N PHE A 52 -12.42 2.40 -9.61
CA PHE A 52 -12.40 1.03 -10.10
C PHE A 52 -12.07 0.05 -8.98
N LEU A 53 -10.96 0.27 -8.27
CA LEU A 53 -10.56 -0.61 -7.18
C LEU A 53 -11.64 -0.74 -6.11
N ASN A 54 -12.41 0.32 -5.84
CA ASN A 54 -13.51 0.25 -4.87
C ASN A 54 -14.50 -0.85 -5.27
N GLN A 55 -14.80 -0.87 -6.58
CA GLN A 55 -15.71 -1.84 -7.17
C GLN A 55 -15.12 -3.24 -7.06
N LEU A 56 -13.82 -3.41 -7.38
CA LEU A 56 -13.11 -4.67 -7.32
C LEU A 56 -13.18 -5.30 -5.92
N ASP A 57 -13.02 -4.49 -4.88
CA ASP A 57 -13.08 -4.96 -3.48
C ASP A 57 -14.48 -5.53 -3.18
N SER A 58 -15.52 -4.91 -3.75
CA SER A 58 -16.92 -5.31 -3.59
C SER A 58 -17.24 -6.56 -4.40
N GLU A 59 -16.54 -6.82 -5.50
CA GLU A 59 -16.79 -8.00 -6.32
C GLU A 59 -16.38 -9.26 -5.57
N GLU A 60 -15.28 -9.20 -4.83
CA GLU A 60 -14.73 -10.30 -4.05
C GLU A 60 -15.43 -10.44 -2.70
N GLN A 61 -15.81 -9.31 -2.08
CA GLN A 61 -16.45 -9.19 -0.76
C GLN A 61 -15.52 -9.74 0.35
N THR A 62 -14.25 -10.01 0.01
CA THR A 62 -13.22 -10.54 0.87
C THR A 62 -11.87 -10.18 0.26
N LYS A 63 -10.81 -10.63 0.94
CA LYS A 63 -9.41 -10.47 0.58
C LYS A 63 -9.08 -9.01 0.32
N GLY A 64 -8.27 -8.76 -0.70
CA GLY A 64 -7.85 -7.43 -1.09
C GLY A 64 -7.06 -6.81 0.06
N SER A 65 -6.76 -5.51 -0.03
CA SER A 65 -6.03 -4.84 1.04
C SER A 65 -6.99 -4.68 2.23
N GLY A 66 -6.42 -4.55 3.44
CA GLY A 66 -7.22 -4.39 4.64
C GLY A 66 -6.41 -3.94 5.85
N SER A 67 -5.20 -4.51 6.06
CA SER A 67 -4.32 -4.19 7.18
C SER A 67 -3.86 -2.73 7.23
N GLY A 68 -3.32 -2.32 8.37
CA GLY A 68 -2.78 -1.00 8.67
C GLY A 68 -3.89 -0.01 9.06
N SER A 69 -3.50 1.23 9.33
CA SER A 69 -4.39 2.32 9.71
C SER A 69 -5.09 2.10 11.06
N GLY A 70 -4.73 1.07 11.84
CA GLY A 70 -5.30 0.73 13.14
C GLY A 70 -5.53 1.96 14.01
N SER A 71 -4.46 2.68 14.33
CA SER A 71 -4.53 3.91 15.12
C SER A 71 -4.46 5.09 14.15
N GLY A 72 -4.99 6.24 14.56
CA GLY A 72 -5.01 7.48 13.79
C GLY A 72 -4.93 8.68 14.71
N SER A 73 -5.77 8.72 15.74
CA SER A 73 -5.75 9.82 16.69
C SER A 73 -4.44 9.68 17.48
N GLY A 74 -3.67 10.77 17.67
CA GLY A 74 -2.42 10.73 18.39
C GLY A 74 -1.70 12.07 18.39
N SER A 75 -0.63 12.18 19.17
CA SER A 75 0.21 13.36 19.33
C SER A 75 1.65 12.88 19.59
N LEU A 76 2.61 13.81 19.64
CA LEU A 76 4.03 13.54 19.89
C LEU A 76 4.29 12.70 21.14
N LEU A 77 3.35 12.66 22.10
CA LEU A 77 3.50 11.85 23.30
C LEU A 77 3.80 10.38 22.93
N LYS A 78 3.32 9.91 21.77
CA LYS A 78 3.57 8.54 21.31
C LYS A 78 5.06 8.32 21.14
N GLU A 79 5.70 9.28 20.48
CA GLU A 79 7.11 9.32 20.19
C GLU A 79 7.88 9.51 21.50
N LYS A 80 7.48 10.50 22.32
CA LYS A 80 8.15 10.77 23.59
C LYS A 80 8.18 9.53 24.49
N ARG A 81 7.13 8.69 24.48
CA ARG A 81 7.09 7.48 25.29
C ARG A 81 8.08 6.45 24.76
N LYS A 82 8.09 6.17 23.45
CA LYS A 82 9.04 5.19 22.91
C LYS A 82 10.47 5.73 23.04
N HIS A 83 10.67 7.05 23.05
CA HIS A 83 11.99 7.63 23.22
C HIS A 83 12.52 7.23 24.60
N PHE A 84 11.65 7.24 25.62
CA PHE A 84 12.02 6.87 26.99
C PHE A 84 12.40 5.39 27.06
N GLN A 85 11.60 4.48 26.51
CA GLN A 85 11.90 3.06 26.52
C GLN A 85 11.41 2.38 25.25
N ALA A 86 12.32 1.73 24.53
CA ALA A 86 12.06 1.02 23.30
C ALA A 86 13.23 0.09 22.97
N GLU A 87 13.03 -0.69 21.93
CA GLU A 87 13.94 -1.69 21.39
C GLU A 87 13.74 -1.71 19.87
N GLN A 88 14.73 -2.23 19.15
CA GLN A 88 14.79 -2.38 17.70
C GLN A 88 14.55 -1.11 16.92
N ASN A 89 14.85 -1.20 15.62
CA ASN A 89 14.67 -0.10 14.69
C ASN A 89 13.27 -0.19 14.05
N SER A 90 12.68 -1.39 14.07
CA SER A 90 11.35 -1.73 13.56
C SER A 90 11.01 -1.10 12.20
N SER A 91 11.45 -1.71 11.10
CA SER A 91 11.21 -1.26 9.72
C SER A 91 11.60 0.22 9.52
N GLN A 92 12.90 0.50 9.54
CA GLN A 92 13.48 1.84 9.44
C GLN A 92 13.64 2.49 8.07
N GLU A 93 13.17 1.87 7.00
CA GLU A 93 13.33 2.44 5.65
C GLU A 93 12.05 2.36 4.79
N TYR A 94 10.93 1.99 5.40
CA TYR A 94 9.67 1.88 4.69
C TYR A 94 9.10 3.26 4.42
N LEU A 95 8.88 3.57 3.15
CA LEU A 95 8.31 4.84 2.72
C LEU A 95 6.94 4.51 2.15
N ARG A 96 5.93 5.24 2.61
CA ARG A 96 4.54 5.03 2.20
C ARG A 96 3.88 6.37 1.96
N GLY A 97 2.76 6.34 1.25
CA GLY A 97 1.99 7.54 0.97
C GLY A 97 0.59 7.19 0.52
N GLU A 98 -0.21 8.22 0.29
CA GLU A 98 -1.58 8.17 -0.13
C GLU A 98 -1.67 8.95 -1.43
N ILE A 99 -2.12 8.28 -2.48
CA ILE A 99 -2.29 8.85 -3.80
C ILE A 99 -3.49 9.77 -3.75
N GLY A 1 -9.11 6.15 -21.40
CA GLY A 1 -8.87 6.46 -20.01
C GLY A 1 -7.76 5.60 -19.41
N ILE A 2 -7.96 5.18 -18.17
CA ILE A 2 -6.98 4.36 -17.48
C ILE A 2 -7.65 3.40 -16.48
N ASP A 3 -7.31 2.13 -16.57
CA ASP A 3 -7.87 1.13 -15.67
C ASP A 3 -7.00 0.95 -14.44
N ALA A 4 -7.63 0.98 -13.27
CA ALA A 4 -6.91 0.83 -12.01
C ALA A 4 -6.00 -0.39 -12.04
N ALA A 5 -6.50 -1.48 -12.62
CA ALA A 5 -5.73 -2.71 -12.73
C ALA A 5 -4.41 -2.48 -13.46
N GLN A 6 -4.44 -1.60 -14.45
CA GLN A 6 -3.24 -1.28 -15.23
C GLN A 6 -2.25 -0.47 -14.41
N ILE A 7 -2.78 0.46 -13.60
CA ILE A 7 -1.94 1.31 -12.77
C ILE A 7 -1.30 0.49 -11.64
N VAL A 8 -2.07 -0.40 -11.04
CA VAL A 8 -1.58 -1.24 -9.96
C VAL A 8 -0.48 -2.18 -10.44
N ASP A 9 -0.69 -2.75 -11.62
CA ASP A 9 0.28 -3.67 -12.20
C ASP A 9 1.66 -3.04 -12.25
N GLU A 10 1.73 -1.81 -12.74
CA GLU A 10 3.00 -1.09 -12.86
C GLU A 10 3.66 -0.94 -11.48
N ALA A 11 2.83 -0.84 -10.44
CA ALA A 11 3.33 -0.71 -9.09
C ALA A 11 3.98 -2.00 -8.60
N LEU A 12 3.25 -3.10 -8.72
CA LEU A 12 3.76 -4.40 -8.30
C LEU A 12 5.11 -4.71 -8.95
N GLU A 13 5.20 -4.46 -10.25
CA GLU A 13 6.43 -4.71 -10.99
C GLU A 13 7.54 -3.77 -10.52
N GLN A 14 7.15 -2.57 -10.08
CA GLN A 14 8.11 -1.57 -9.60
C GLN A 14 8.45 -1.82 -8.14
N GLY A 15 7.78 -2.79 -7.53
CA GLY A 15 8.02 -3.09 -6.13
C GLY A 15 7.07 -2.38 -5.20
N ILE A 16 6.12 -1.65 -5.77
CA ILE A 16 5.14 -0.91 -4.99
C ILE A 16 3.81 -1.65 -4.93
N THR A 17 3.23 -1.73 -3.73
CA THR A 17 1.95 -2.41 -3.55
C THR A 17 0.89 -1.44 -3.06
N LEU A 18 0.07 -0.95 -3.98
CA LEU A 18 -1.00 -0.01 -3.65
C LEU A 18 -2.36 -0.61 -3.99
N PHE A 19 -3.40 -0.12 -3.32
CA PHE A 19 -4.76 -0.59 -3.56
C PHE A 19 -5.78 0.28 -2.81
N VAL A 20 -7.04 -0.09 -2.93
CA VAL A 20 -8.11 0.66 -2.27
C VAL A 20 -8.29 0.22 -0.82
N VAL A 21 -8.12 1.16 0.10
CA VAL A 21 -8.26 0.86 1.52
C VAL A 21 -8.97 1.99 2.25
N ASN A 22 -10.17 1.69 2.77
CA ASN A 22 -10.95 2.69 3.49
C ASN A 22 -11.42 3.80 2.55
N ASN A 23 -11.66 3.44 1.30
CA ASN A 23 -12.11 4.41 0.29
C ASN A 23 -11.00 5.39 -0.05
N ARG A 24 -9.77 4.91 -0.07
CA ARG A 24 -8.62 5.75 -0.39
C ARG A 24 -7.50 4.92 -1.02
N LEU A 25 -6.62 5.60 -1.76
CA LEU A 25 -5.50 4.93 -2.41
C LEU A 25 -4.21 5.14 -1.64
N GLN A 26 -3.48 4.05 -1.39
CA GLN A 26 -2.22 4.12 -0.66
C GLN A 26 -1.20 3.17 -1.26
N TYR A 27 0.07 3.57 -1.22
CA TYR A 27 1.15 2.75 -1.75
C TYR A 27 2.19 2.44 -0.68
N GLU A 28 2.83 1.29 -0.80
CA GLU A 28 3.85 0.88 0.16
C GLU A 28 5.00 0.15 -0.53
N THR A 29 6.22 0.49 -0.17
CA THR A 29 7.41 -0.13 -0.76
C THR A 29 8.68 0.34 -0.06
N SER A 30 9.51 -0.63 0.33
CA SER A 30 10.76 -0.32 1.01
C SER A 30 11.97 -0.72 0.16
N ARG A 31 12.23 0.04 -0.89
CA ARG A 31 13.35 -0.23 -1.78
C ARG A 31 14.23 1.00 -1.94
N ASP A 32 13.90 1.83 -2.93
CA ASP A 32 14.67 3.04 -3.18
C ASP A 32 13.77 4.27 -3.12
N SER A 33 12.52 4.12 -3.53
CA SER A 33 11.56 5.23 -3.52
C SER A 33 10.49 5.02 -4.58
N ILE A 34 9.63 6.02 -4.74
CA ILE A 34 8.55 5.95 -5.73
C ILE A 34 8.93 6.69 -7.02
N PRO A 35 8.98 5.94 -8.13
CA PRO A 35 9.32 6.51 -9.44
C PRO A 35 8.23 7.42 -9.98
N THR A 36 8.59 8.68 -10.23
CA THR A 36 7.64 9.65 -10.76
C THR A 36 6.86 9.08 -11.93
N GLU A 37 7.45 8.10 -12.61
CA GLU A 37 6.81 7.47 -13.76
C GLU A 37 5.37 7.08 -13.43
N LEU A 38 5.21 6.27 -12.39
CA LEU A 38 3.89 5.82 -11.98
C LEU A 38 3.30 6.75 -10.93
N LEU A 39 4.16 7.33 -10.09
CA LEU A 39 3.72 8.24 -9.05
C LEU A 39 2.97 9.43 -9.64
N ASN A 40 3.62 10.12 -10.58
CA ASN A 40 3.03 11.27 -11.23
C ASN A 40 1.64 10.94 -11.77
N LYS A 41 1.50 9.73 -12.30
CA LYS A 41 0.22 9.29 -12.86
C LYS A 41 -0.73 8.86 -11.74
N TRP A 42 -0.17 8.39 -10.64
CA TRP A 42 -0.96 7.94 -9.50
C TRP A 42 -1.82 9.08 -8.96
N LYS A 43 -1.17 10.17 -8.55
CA LYS A 43 -1.87 11.33 -8.02
C LYS A 43 -2.78 11.95 -9.07
N GLN A 44 -2.40 11.81 -10.34
CA GLN A 44 -3.19 12.35 -11.44
C GLN A 44 -4.46 11.55 -11.65
N HIS A 45 -4.33 10.23 -11.63
CA HIS A 45 -5.47 9.34 -11.81
C HIS A 45 -5.86 8.67 -10.49
N LYS A 46 -5.62 9.36 -9.39
CA LYS A 46 -5.94 8.84 -8.07
C LYS A 46 -7.39 8.36 -8.02
N GLN A 47 -8.32 9.24 -8.36
CA GLN A 47 -9.73 8.91 -8.35
C GLN A 47 -10.01 7.71 -9.25
N GLU A 48 -9.30 7.64 -10.37
CA GLU A 48 -9.47 6.54 -11.32
C GLU A 48 -9.27 5.20 -10.64
N LEU A 49 -8.25 5.11 -9.80
CA LEU A 49 -7.95 3.88 -9.08
C LEU A 49 -8.95 3.65 -7.95
N ILE A 50 -9.08 4.65 -7.08
CA ILE A 50 -10.01 4.56 -5.95
C ILE A 50 -11.42 4.22 -6.42
N ASP A 51 -11.78 4.70 -7.61
CA ASP A 51 -13.09 4.43 -8.17
C ASP A 51 -13.18 3.01 -8.71
N PHE A 52 -12.20 2.62 -9.51
CA PHE A 52 -12.16 1.29 -10.10
C PHE A 52 -11.89 0.23 -9.03
N LEU A 53 -10.76 0.39 -8.34
CA LEU A 53 -10.39 -0.56 -7.28
C LEU A 53 -11.52 -0.75 -6.30
N ASN A 54 -12.27 0.32 -6.02
CA ASN A 54 -13.39 0.25 -5.09
C ASN A 54 -14.36 -0.85 -5.48
N GLN A 55 -14.58 -1.00 -6.78
CA GLN A 55 -15.49 -2.03 -7.29
C GLN A 55 -14.87 -3.40 -7.17
N LEU A 56 -13.57 -3.49 -7.43
CA LEU A 56 -12.85 -4.77 -7.35
C LEU A 56 -12.93 -5.35 -5.94
N ASP A 57 -12.70 -4.51 -4.94
CA ASP A 57 -12.74 -4.94 -3.55
C ASP A 57 -14.11 -5.54 -3.22
N SER A 58 -15.16 -4.96 -3.79
CA SER A 58 -16.52 -5.44 -3.54
C SER A 58 -16.82 -6.66 -4.40
N GLU A 59 -16.24 -6.70 -5.60
CA GLU A 59 -16.45 -7.82 -6.51
C GLU A 59 -15.98 -9.14 -5.88
N GLU A 60 -14.82 -9.10 -5.25
CA GLU A 60 -14.27 -10.29 -4.60
C GLU A 60 -14.92 -10.52 -3.24
N GLN A 61 -15.41 -9.45 -2.64
CA GLN A 61 -16.06 -9.55 -1.33
C GLN A 61 -15.16 -10.24 -0.32
N THR A 62 -13.86 -10.29 -0.62
CA THR A 62 -12.89 -10.93 0.25
C THR A 62 -12.20 -9.91 1.16
N LYS A 63 -11.06 -10.30 1.73
CA LYS A 63 -10.31 -9.42 2.60
C LYS A 63 -9.05 -10.11 3.12
N GLY A 64 -8.62 -9.73 4.32
CA GLY A 64 -7.44 -10.33 4.91
C GLY A 64 -6.17 -9.68 4.43
N SER A 65 -6.03 -8.38 4.65
CA SER A 65 -4.84 -7.65 4.23
C SER A 65 -3.69 -7.88 5.20
N GLY A 66 -2.70 -6.97 5.16
CA GLY A 66 -1.56 -7.09 6.04
C GLY A 66 -1.96 -7.28 7.49
N SER A 67 -3.14 -6.79 7.85
CA SER A 67 -3.63 -6.91 9.21
C SER A 67 -2.58 -6.43 10.22
N GLY A 68 -1.94 -5.31 9.90
CA GLY A 68 -0.92 -4.77 10.78
C GLY A 68 0.09 -5.81 11.21
N SER A 69 0.56 -6.61 10.26
CA SER A 69 1.53 -7.66 10.55
C SER A 69 0.90 -8.76 11.42
N GLY A 70 -0.42 -8.78 11.46
CA GLY A 70 -1.12 -9.78 12.26
C GLY A 70 -0.52 -9.93 13.64
N SER A 71 0.13 -8.87 14.12
CA SER A 71 0.75 -8.90 15.44
C SER A 71 -0.28 -8.66 16.54
N GLY A 72 -1.27 -7.83 16.24
CA GLY A 72 -2.30 -7.52 17.20
C GLY A 72 -1.74 -7.14 18.55
N SER A 73 -0.55 -6.55 18.55
CA SER A 73 0.11 -6.14 19.78
C SER A 73 0.75 -7.33 20.49
N GLY A 74 0.39 -8.53 20.05
CA GLY A 74 0.93 -9.74 20.65
C GLY A 74 1.39 -9.52 22.08
N SER A 75 0.46 -9.11 22.94
CA SER A 75 0.79 -8.86 24.34
C SER A 75 1.82 -7.74 24.47
N LEU A 76 1.39 -6.62 25.05
CA LEU A 76 2.28 -5.48 25.24
C LEU A 76 3.70 -5.94 25.56
N LEU A 77 3.81 -6.99 26.37
CA LEU A 77 5.11 -7.53 26.75
C LEU A 77 6.04 -7.63 25.53
N LYS A 78 5.51 -8.18 24.45
CA LYS A 78 6.28 -8.34 23.22
C LYS A 78 6.83 -6.99 22.75
N GLU A 79 5.99 -5.97 22.78
CA GLU A 79 6.39 -4.64 22.35
C GLU A 79 7.62 -4.17 23.13
N LYS A 80 7.69 -4.56 24.40
CA LYS A 80 8.81 -4.17 25.25
C LYS A 80 10.08 -4.91 24.84
N ARG A 81 9.99 -6.23 24.72
CA ARG A 81 11.14 -7.04 24.33
C ARG A 81 11.73 -6.56 23.01
N LYS A 82 10.85 -6.09 22.12
CA LYS A 82 11.28 -5.60 20.81
C LYS A 82 11.49 -4.09 20.85
N HIS A 83 10.49 -3.36 21.33
CA HIS A 83 10.58 -1.91 21.42
C HIS A 83 11.42 -1.49 22.61
N PHE A 84 11.03 -1.93 23.81
CA PHE A 84 11.74 -1.60 25.03
C PHE A 84 13.20 -2.07 24.95
N GLN A 85 13.49 -2.92 23.97
CA GLN A 85 14.83 -3.45 23.80
C GLN A 85 14.91 -4.31 22.54
N ALA A 86 15.15 -3.69 21.39
CA ALA A 86 15.25 -4.40 20.13
C ALA A 86 14.43 -3.71 19.05
N GLU A 87 13.42 -4.41 18.54
CA GLU A 87 12.58 -3.86 17.49
C GLU A 87 13.36 -3.63 16.20
N GLN A 88 14.13 -2.55 16.17
CA GLN A 88 14.94 -2.21 15.00
C GLN A 88 14.06 -1.69 13.87
N ASN A 89 12.75 -1.67 14.10
CA ASN A 89 11.81 -1.19 13.10
C ASN A 89 11.70 -2.18 11.95
N SER A 90 12.83 -2.74 11.54
CA SER A 90 12.86 -3.70 10.44
C SER A 90 12.09 -3.16 9.23
N SER A 91 11.95 -1.84 9.18
CA SER A 91 11.23 -1.21 8.08
C SER A 91 11.52 0.29 8.04
N GLN A 92 12.70 0.67 8.53
CA GLN A 92 13.11 2.07 8.55
C GLN A 92 13.22 2.63 7.13
N GLU A 93 13.19 1.73 6.15
CA GLU A 93 13.29 2.15 4.75
C GLU A 93 11.94 2.02 4.05
N TYR A 94 10.88 1.81 4.84
CA TYR A 94 9.54 1.67 4.30
C TYR A 94 8.90 3.04 4.08
N LEU A 95 8.71 3.40 2.82
CA LEU A 95 8.10 4.69 2.48
C LEU A 95 6.73 4.48 1.85
N ARG A 96 5.70 5.04 2.48
CA ARG A 96 4.34 4.92 1.98
C ARG A 96 3.69 6.30 1.85
N GLY A 97 2.61 6.36 1.08
CA GLY A 97 1.90 7.63 0.89
C GLY A 97 0.44 7.42 0.57
N GLU A 98 -0.23 8.52 0.21
CA GLU A 98 -1.65 8.46 -0.13
C GLU A 98 -1.91 9.11 -1.48
N ILE A 99 -2.08 8.27 -2.51
CA ILE A 99 -2.33 8.77 -3.86
C ILE A 99 -3.63 9.57 -3.91
N GLY A 1 -9.41 7.31 -21.09
CA GLY A 1 -9.55 6.55 -19.85
C GLY A 1 -8.31 5.76 -19.52
N ILE A 2 -8.30 5.17 -18.32
CA ILE A 2 -7.22 4.35 -17.79
C ILE A 2 -7.90 3.35 -16.85
N ASP A 3 -7.43 2.11 -16.86
CA ASP A 3 -7.92 1.02 -16.05
C ASP A 3 -7.10 0.93 -14.78
N ALA A 4 -7.76 0.78 -13.64
CA ALA A 4 -7.06 0.66 -12.36
C ALA A 4 -6.01 -0.45 -12.38
N ALA A 5 -6.32 -1.59 -13.03
CA ALA A 5 -5.42 -2.73 -13.10
C ALA A 5 -4.12 -2.34 -13.80
N GLN A 6 -4.20 -1.49 -14.84
CA GLN A 6 -3.02 -1.06 -15.57
C GLN A 6 -2.14 -0.20 -14.66
N ILE A 7 -2.77 0.58 -13.78
CA ILE A 7 -2.01 1.42 -12.87
C ILE A 7 -1.37 0.57 -11.75
N VAL A 8 -2.08 -0.42 -11.23
CA VAL A 8 -1.57 -1.29 -10.16
C VAL A 8 -0.45 -2.18 -10.69
N ASP A 9 -0.58 -2.73 -11.90
CA ASP A 9 0.43 -3.63 -12.51
C ASP A 9 1.81 -2.98 -12.51
N GLU A 10 1.83 -1.71 -12.90
CA GLU A 10 3.01 -0.87 -12.98
C GLU A 10 3.67 -0.79 -11.59
N ALA A 11 2.84 -0.70 -10.54
CA ALA A 11 3.28 -0.63 -9.16
C ALA A 11 4.00 -1.91 -8.80
N LEU A 12 3.37 -3.04 -9.07
CA LEU A 12 3.92 -4.34 -8.74
C LEU A 12 5.25 -4.56 -9.43
N GLU A 13 5.36 -4.26 -10.72
CA GLU A 13 6.65 -4.46 -11.38
C GLU A 13 7.74 -3.55 -10.80
N GLN A 14 7.36 -2.40 -10.24
CA GLN A 14 8.28 -1.46 -9.63
C GLN A 14 8.56 -1.81 -8.15
N GLY A 15 7.91 -2.86 -7.64
CA GLY A 15 8.06 -3.31 -6.26
C GLY A 15 7.17 -2.56 -5.29
N ILE A 16 6.23 -1.75 -5.76
CA ILE A 16 5.31 -0.97 -4.93
C ILE A 16 3.98 -1.70 -4.85
N THR A 17 3.40 -1.73 -3.66
CA THR A 17 2.12 -2.40 -3.41
C THR A 17 1.08 -1.40 -2.94
N LEU A 18 0.17 -1.03 -3.83
CA LEU A 18 -0.94 -0.13 -3.55
C LEU A 18 -2.25 -0.81 -3.85
N PHE A 19 -3.32 -0.33 -3.21
CA PHE A 19 -4.69 -0.81 -3.36
C PHE A 19 -5.62 0.16 -2.62
N VAL A 20 -6.95 -0.06 -2.70
CA VAL A 20 -7.91 0.81 -2.05
C VAL A 20 -8.17 0.22 -0.68
N VAL A 21 -8.16 1.14 0.28
CA VAL A 21 -8.37 0.84 1.68
C VAL A 21 -9.19 2.02 2.21
N ASN A 22 -10.33 1.77 2.83
CA ASN A 22 -11.18 2.80 3.42
C ASN A 22 -11.47 3.98 2.49
N ASN A 23 -11.74 3.65 1.21
CA ASN A 23 -12.07 4.50 0.08
C ASN A 23 -10.98 5.51 -0.28
N ARG A 24 -9.74 5.14 -0.02
CA ARG A 24 -8.57 5.97 -0.30
C ARG A 24 -7.49 5.08 -0.89
N LEU A 25 -6.58 5.67 -1.66
CA LEU A 25 -5.49 4.91 -2.25
C LEU A 25 -4.27 5.12 -1.37
N GLN A 26 -3.49 4.07 -1.18
CA GLN A 26 -2.28 4.16 -0.38
C GLN A 26 -1.31 3.11 -0.90
N TYR A 27 -0.02 3.41 -0.83
CA TYR A 27 1.09 2.57 -1.28
C TYR A 27 2.09 2.28 -0.16
N GLU A 28 2.91 1.26 -0.38
CA GLU A 28 3.95 0.80 0.52
C GLU A 28 5.03 0.12 -0.32
N THR A 29 6.30 0.32 0.06
CA THR A 29 7.47 -0.28 -0.56
C THR A 29 8.71 0.14 0.22
N SER A 30 9.64 -0.76 0.53
CA SER A 30 10.86 -0.25 1.14
C SER A 30 11.95 -0.48 0.09
N ARG A 31 12.09 0.34 -0.98
CA ARG A 31 13.23 0.02 -1.85
C ARG A 31 14.16 1.21 -1.93
N ASP A 32 13.87 2.16 -2.82
CA ASP A 32 14.59 3.41 -2.97
C ASP A 32 13.72 4.64 -2.65
N SER A 33 12.47 4.49 -3.09
CA SER A 33 11.35 5.44 -3.09
C SER A 33 10.38 4.97 -4.18
N ILE A 34 9.55 5.89 -4.65
CA ILE A 34 8.56 5.69 -5.69
C ILE A 34 9.03 6.37 -6.99
N PRO A 35 9.04 5.66 -8.13
CA PRO A 35 9.43 6.20 -9.43
C PRO A 35 8.37 7.19 -9.92
N THR A 36 8.79 8.37 -10.36
CA THR A 36 7.88 9.38 -10.88
C THR A 36 7.09 8.83 -12.07
N GLU A 37 7.63 7.83 -12.78
CA GLU A 37 7.00 7.27 -13.96
C GLU A 37 5.55 6.87 -13.67
N LEU A 38 5.33 6.09 -12.61
CA LEU A 38 4.00 5.68 -12.19
C LEU A 38 3.36 6.71 -11.29
N LEU A 39 4.13 7.26 -10.36
CA LEU A 39 3.67 8.23 -9.37
C LEU A 39 3.03 9.46 -9.98
N ASN A 40 3.63 10.01 -11.03
CA ASN A 40 3.10 11.17 -11.73
C ASN A 40 1.67 10.85 -12.21
N LYS A 41 1.47 9.63 -12.69
CA LYS A 41 0.18 9.14 -13.16
C LYS A 41 -0.74 8.89 -11.96
N TRP A 42 -0.22 8.37 -10.84
CA TRP A 42 -1.00 8.08 -9.65
C TRP A 42 -1.73 9.29 -9.15
N LYS A 43 -1.04 10.39 -8.92
CA LYS A 43 -1.72 11.57 -8.43
C LYS A 43 -2.73 12.12 -9.43
N GLN A 44 -2.40 12.07 -10.72
CA GLN A 44 -3.29 12.55 -11.76
C GLN A 44 -4.55 11.69 -11.90
N HIS A 45 -4.45 10.38 -11.67
CA HIS A 45 -5.56 9.43 -11.79
C HIS A 45 -6.01 8.84 -10.44
N LYS A 46 -5.79 9.56 -9.34
CA LYS A 46 -6.14 9.17 -7.96
C LYS A 46 -7.54 8.60 -7.88
N GLN A 47 -8.49 9.35 -8.41
CA GLN A 47 -9.88 8.98 -8.40
C GLN A 47 -10.18 7.76 -9.27
N GLU A 48 -9.44 7.55 -10.36
CA GLU A 48 -9.72 6.41 -11.23
C GLU A 48 -9.47 5.10 -10.51
N LEU A 49 -8.37 5.03 -9.76
CA LEU A 49 -8.03 3.82 -9.02
C LEU A 49 -9.03 3.65 -7.90
N ILE A 50 -9.23 4.68 -7.10
CA ILE A 50 -10.15 4.64 -5.97
C ILE A 50 -11.54 4.23 -6.42
N ASP A 51 -11.98 4.63 -7.60
CA ASP A 51 -13.31 4.30 -8.12
C ASP A 51 -13.40 2.86 -8.59
N PHE A 52 -12.43 2.41 -9.40
CA PHE A 52 -12.43 1.04 -9.92
C PHE A 52 -12.03 0.04 -8.83
N LEU A 53 -10.93 0.28 -8.14
CA LEU A 53 -10.48 -0.61 -7.07
C LEU A 53 -11.55 -0.72 -5.98
N ASN A 54 -12.29 0.36 -5.71
CA ASN A 54 -13.39 0.29 -4.71
C ASN A 54 -14.36 -0.81 -5.10
N GLN A 55 -14.67 -0.87 -6.40
CA GLN A 55 -15.55 -1.85 -7.01
C GLN A 55 -14.95 -3.26 -6.97
N LEU A 56 -13.65 -3.39 -7.23
CA LEU A 56 -12.93 -4.67 -7.22
C LEU A 56 -13.07 -5.39 -5.89
N ASP A 57 -12.99 -4.66 -4.78
CA ASP A 57 -13.13 -5.27 -3.44
C ASP A 57 -14.55 -5.81 -3.28
N SER A 58 -15.52 -5.10 -3.83
CA SER A 58 -16.93 -5.47 -3.78
C SER A 58 -17.22 -6.66 -4.69
N GLU A 59 -16.47 -6.85 -5.78
CA GLU A 59 -16.67 -7.98 -6.70
C GLU A 59 -16.08 -9.26 -6.12
N GLU A 60 -15.02 -9.14 -5.32
CA GLU A 60 -14.39 -10.26 -4.68
C GLU A 60 -15.18 -10.67 -3.43
N GLN A 61 -15.70 -9.68 -2.70
CA GLN A 61 -16.45 -9.89 -1.46
C GLN A 61 -15.62 -10.77 -0.50
N THR A 62 -14.29 -10.66 -0.55
CA THR A 62 -13.37 -11.41 0.28
C THR A 62 -12.16 -10.54 0.65
N LYS A 63 -11.45 -10.98 1.67
CA LYS A 63 -10.26 -10.36 2.24
C LYS A 63 -9.35 -11.45 2.78
N GLY A 64 -8.12 -11.09 3.17
CA GLY A 64 -7.17 -12.04 3.70
C GLY A 64 -5.81 -11.43 3.96
N SER A 65 -5.60 -10.92 5.17
CA SER A 65 -4.39 -10.29 5.69
C SER A 65 -4.30 -8.79 5.38
N GLY A 66 -3.11 -8.20 5.59
CA GLY A 66 -2.80 -6.81 5.37
C GLY A 66 -2.31 -6.13 6.64
N SER A 67 -2.25 -4.80 6.61
CA SER A 67 -1.79 -3.97 7.73
C SER A 67 -2.94 -3.72 8.73
N GLY A 68 -2.72 -2.79 9.65
CA GLY A 68 -3.64 -2.38 10.69
C GLY A 68 -3.08 -2.70 12.06
N SER A 69 -3.52 -1.96 13.09
CA SER A 69 -3.07 -2.14 14.46
C SER A 69 -4.02 -1.52 15.48
N GLY A 70 -5.21 -1.03 15.10
CA GLY A 70 -6.14 -0.43 16.04
C GLY A 70 -7.60 -0.52 15.58
N SER A 71 -8.51 -0.26 16.50
CA SER A 71 -9.96 -0.29 16.29
C SER A 71 -10.47 0.70 15.22
N GLY A 72 -9.72 1.78 14.93
CA GLY A 72 -10.08 2.80 13.96
C GLY A 72 -10.33 4.15 14.66
N SER A 73 -11.05 5.05 13.97
CA SER A 73 -11.39 6.41 14.40
C SER A 73 -10.22 7.10 15.12
N GLY A 74 -9.20 7.47 14.34
CA GLY A 74 -8.02 8.14 14.86
C GLY A 74 -8.34 9.56 15.33
N SER A 75 -7.53 10.07 16.27
CA SER A 75 -7.64 11.39 16.86
C SER A 75 -6.31 11.82 17.46
N LEU A 76 -6.14 13.12 17.68
CA LEU A 76 -4.92 13.74 18.23
C LEU A 76 -4.54 13.14 19.59
N LEU A 77 -5.51 13.06 20.51
CA LEU A 77 -5.28 12.55 21.87
C LEU A 77 -4.69 11.14 21.86
N LYS A 78 -5.24 10.23 21.07
CA LYS A 78 -4.77 8.84 21.01
C LYS A 78 -3.52 8.71 20.15
N GLU A 79 -3.41 9.50 19.07
CA GLU A 79 -2.26 9.49 18.18
C GLU A 79 -1.04 9.87 19.02
N LYS A 80 -1.14 10.90 19.87
CA LYS A 80 -0.05 11.35 20.73
C LYS A 80 0.30 10.31 21.78
N ARG A 81 -0.68 9.60 22.35
CA ARG A 81 -0.37 8.58 23.37
C ARG A 81 0.43 7.46 22.73
N LYS A 82 -0.03 6.92 21.59
CA LYS A 82 0.71 5.84 20.93
C LYS A 82 2.04 6.39 20.39
N HIS A 83 2.10 7.68 20.04
CA HIS A 83 3.33 8.27 19.54
C HIS A 83 4.41 8.22 20.62
N PHE A 84 4.08 8.63 21.85
CA PHE A 84 5.05 8.62 22.94
C PHE A 84 5.52 7.21 23.28
N GLN A 85 4.61 6.23 23.33
CA GLN A 85 4.96 4.85 23.64
C GLN A 85 4.03 3.90 22.89
N ALA A 86 4.62 3.04 22.08
CA ALA A 86 4.04 2.00 21.26
C ALA A 86 5.16 1.00 21.00
N GLU A 87 4.83 -0.19 20.53
CA GLU A 87 5.83 -1.22 20.25
C GLU A 87 6.72 -0.78 19.09
N GLN A 88 7.89 -1.41 19.01
CA GLN A 88 8.90 -1.15 17.99
C GLN A 88 8.31 -1.17 16.58
N ASN A 89 8.75 -0.19 15.78
CA ASN A 89 8.35 0.01 14.39
C ASN A 89 8.98 -1.11 13.55
N SER A 90 10.18 -1.57 13.94
CA SER A 90 10.98 -2.63 13.30
C SER A 90 11.16 -2.50 11.78
N SER A 91 10.91 -1.31 11.26
CA SER A 91 11.02 -0.89 9.88
C SER A 91 11.52 0.54 9.96
N GLN A 92 12.62 0.86 9.28
CA GLN A 92 13.23 2.19 9.28
C GLN A 92 13.54 2.70 7.86
N GLU A 93 13.19 1.89 6.86
CA GLU A 93 13.39 2.12 5.43
C GLU A 93 12.08 1.95 4.64
N TYR A 94 10.96 1.88 5.34
CA TYR A 94 9.65 1.73 4.73
C TYR A 94 9.07 3.12 4.53
N LEU A 95 8.85 3.45 3.27
CA LEU A 95 8.27 4.70 2.82
C LEU A 95 6.89 4.36 2.27
N ARG A 96 5.88 5.03 2.77
CA ARG A 96 4.49 4.84 2.40
C ARG A 96 3.86 6.20 2.12
N GLY A 97 2.74 6.20 1.41
CA GLY A 97 2.03 7.44 1.11
C GLY A 97 0.59 7.16 0.71
N GLU A 98 -0.15 8.24 0.46
CA GLU A 98 -1.56 8.23 0.11
C GLU A 98 -1.80 9.05 -1.16
N ILE A 99 -2.08 8.36 -2.27
CA ILE A 99 -2.37 8.96 -3.56
C ILE A 99 -3.76 9.56 -3.44
N GLY A 1 -8.35 7.09 -21.51
CA GLY A 1 -8.79 6.31 -20.37
C GLY A 1 -7.63 5.48 -19.82
N ILE A 2 -7.73 5.05 -18.57
CA ILE A 2 -6.72 4.24 -17.91
C ILE A 2 -7.48 3.26 -17.00
N ASP A 3 -7.03 2.01 -16.97
CA ASP A 3 -7.61 0.96 -16.15
C ASP A 3 -6.88 0.89 -14.83
N ALA A 4 -7.60 0.84 -13.72
CA ALA A 4 -6.98 0.75 -12.40
C ALA A 4 -6.01 -0.42 -12.34
N ALA A 5 -6.37 -1.54 -12.94
CA ALA A 5 -5.55 -2.74 -12.95
C ALA A 5 -4.18 -2.46 -13.55
N GLN A 6 -4.13 -1.65 -14.62
CA GLN A 6 -2.89 -1.30 -15.29
C GLN A 6 -1.99 -0.47 -14.37
N ILE A 7 -2.59 0.46 -13.61
CA ILE A 7 -1.84 1.31 -12.71
C ILE A 7 -1.25 0.45 -11.58
N VAL A 8 -2.03 -0.51 -11.07
CA VAL A 8 -1.56 -1.40 -10.02
C VAL A 8 -0.50 -2.33 -10.58
N ASP A 9 -0.66 -2.87 -11.79
CA ASP A 9 0.31 -3.79 -12.38
C ASP A 9 1.67 -3.11 -12.50
N GLU A 10 1.68 -1.83 -12.88
CA GLU A 10 2.93 -1.09 -12.98
C GLU A 10 3.55 -0.93 -11.56
N ALA A 11 2.73 -0.77 -10.53
CA ALA A 11 3.18 -0.64 -9.16
C ALA A 11 3.90 -1.90 -8.74
N LEU A 12 3.27 -3.07 -8.92
CA LEU A 12 3.83 -4.36 -8.54
C LEU A 12 5.13 -4.65 -9.28
N GLU A 13 5.19 -4.34 -10.58
CA GLU A 13 6.43 -4.59 -11.31
C GLU A 13 7.54 -3.65 -10.79
N GLN A 14 7.17 -2.49 -10.24
CA GLN A 14 8.12 -1.54 -9.68
C GLN A 14 8.41 -1.86 -8.19
N GLY A 15 7.81 -2.93 -7.66
CA GLY A 15 7.97 -3.41 -6.30
C GLY A 15 7.09 -2.64 -5.31
N ILE A 16 6.21 -1.75 -5.79
CA ILE A 16 5.34 -0.95 -4.94
C ILE A 16 3.99 -1.67 -4.77
N THR A 17 3.47 -1.65 -3.55
CA THR A 17 2.20 -2.30 -3.24
C THR A 17 1.14 -1.27 -2.83
N LEU A 18 0.23 -0.92 -3.75
CA LEU A 18 -0.88 -0.01 -3.50
C LEU A 18 -2.19 -0.72 -3.76
N PHE A 19 -3.25 -0.25 -3.12
CA PHE A 19 -4.59 -0.78 -3.23
C PHE A 19 -5.56 0.18 -2.53
N VAL A 20 -6.85 -0.14 -2.57
CA VAL A 20 -7.89 0.70 -1.98
C VAL A 20 -8.06 0.25 -0.53
N VAL A 21 -8.13 1.24 0.35
CA VAL A 21 -8.31 1.03 1.76
C VAL A 21 -9.13 2.18 2.36
N ASN A 22 -10.30 1.89 2.92
CA ASN A 22 -11.16 2.87 3.60
C ASN A 22 -11.49 4.13 2.81
N ASN A 23 -11.72 3.97 1.51
CA ASN A 23 -12.07 4.98 0.52
C ASN A 23 -10.90 5.86 0.06
N ARG A 24 -9.67 5.37 0.16
CA ARG A 24 -8.46 6.07 -0.22
C ARG A 24 -7.47 5.11 -0.84
N LEU A 25 -6.55 5.61 -1.66
CA LEU A 25 -5.52 4.79 -2.27
C LEU A 25 -4.26 5.01 -1.42
N GLN A 26 -3.48 3.97 -1.15
CA GLN A 26 -2.24 4.12 -0.38
C GLN A 26 -1.20 3.14 -0.92
N TYR A 27 0.08 3.50 -0.86
CA TYR A 27 1.22 2.69 -1.34
C TYR A 27 2.27 2.42 -0.26
N GLU A 28 3.10 1.39 -0.47
CA GLU A 28 4.17 0.98 0.42
C GLU A 28 5.28 0.27 -0.35
N THR A 29 6.53 0.45 0.09
CA THR A 29 7.70 -0.18 -0.49
C THR A 29 8.95 0.23 0.29
N SER A 30 9.85 -0.71 0.57
CA SER A 30 11.09 -0.26 1.18
C SER A 30 12.16 -0.53 0.11
N ARG A 31 12.33 0.29 -0.94
CA ARG A 31 13.48 0.00 -1.82
C ARG A 31 14.42 1.19 -1.96
N ASP A 32 14.12 2.09 -2.90
CA ASP A 32 14.80 3.37 -3.16
C ASP A 32 13.98 4.64 -2.94
N SER A 33 12.70 4.51 -3.32
CA SER A 33 11.64 5.52 -3.35
C SER A 33 10.54 5.01 -4.30
N ILE A 34 9.83 5.94 -4.93
CA ILE A 34 8.76 5.69 -5.88
C ILE A 34 9.17 6.26 -7.24
N PRO A 35 9.11 5.50 -8.34
CA PRO A 35 9.44 6.03 -9.66
C PRO A 35 8.40 7.08 -10.02
N THR A 36 8.85 8.30 -10.30
CA THR A 36 7.96 9.40 -10.67
C THR A 36 7.06 9.01 -11.85
N GLU A 37 7.46 8.07 -12.70
CA GLU A 37 6.68 7.67 -13.86
C GLU A 37 5.26 7.25 -13.49
N LEU A 38 5.16 6.36 -12.50
CA LEU A 38 3.88 5.89 -12.01
C LEU A 38 3.35 6.87 -11.00
N LEU A 39 4.21 7.45 -10.17
CA LEU A 39 3.79 8.40 -9.12
C LEU A 39 3.05 9.58 -9.73
N ASN A 40 3.63 10.21 -10.75
CA ASN A 40 3.03 11.33 -11.47
C ASN A 40 1.63 10.97 -11.97
N LYS A 41 1.48 9.73 -12.46
CA LYS A 41 0.22 9.19 -12.94
C LYS A 41 -0.73 8.91 -11.79
N TRP A 42 -0.23 8.40 -10.66
CA TRP A 42 -1.03 8.06 -9.50
C TRP A 42 -1.84 9.23 -9.02
N LYS A 43 -1.20 10.36 -8.78
CA LYS A 43 -1.92 11.54 -8.30
C LYS A 43 -2.90 12.04 -9.36
N GLN A 44 -2.52 12.02 -10.63
CA GLN A 44 -3.39 12.49 -11.70
C GLN A 44 -4.62 11.61 -11.91
N HIS A 45 -4.48 10.31 -11.71
CA HIS A 45 -5.52 9.29 -11.87
C HIS A 45 -5.92 8.68 -10.51
N LYS A 46 -5.76 9.45 -9.43
CA LYS A 46 -6.06 9.06 -8.06
C LYS A 46 -7.46 8.49 -7.91
N GLN A 47 -8.45 9.26 -8.35
CA GLN A 47 -9.85 8.90 -8.27
C GLN A 47 -10.16 7.67 -9.14
N GLU A 48 -9.51 7.56 -10.29
CA GLU A 48 -9.73 6.46 -11.24
C GLU A 48 -9.52 5.10 -10.56
N LEU A 49 -8.51 5.00 -9.69
CA LEU A 49 -8.18 3.78 -8.97
C LEU A 49 -9.20 3.54 -7.88
N ILE A 50 -9.41 4.53 -7.02
CA ILE A 50 -10.33 4.46 -5.90
C ILE A 50 -11.73 4.06 -6.38
N ASP A 51 -12.15 4.50 -7.56
CA ASP A 51 -13.45 4.18 -8.16
C ASP A 51 -13.50 2.75 -8.68
N PHE A 52 -12.50 2.34 -9.48
CA PHE A 52 -12.47 0.99 -10.05
C PHE A 52 -12.12 -0.04 -8.99
N LEU A 53 -11.00 0.12 -8.29
CA LEU A 53 -10.59 -0.81 -7.24
C LEU A 53 -11.73 -0.97 -6.23
N ASN A 54 -12.49 0.10 -5.92
CA ASN A 54 -13.63 -0.03 -4.99
C ASN A 54 -14.64 -1.06 -5.51
N GLN A 55 -14.90 -1.00 -6.81
CA GLN A 55 -15.83 -1.91 -7.48
C GLN A 55 -15.25 -3.33 -7.49
N LEU A 56 -13.96 -3.47 -7.83
CA LEU A 56 -13.26 -4.76 -7.86
C LEU A 56 -13.30 -5.38 -6.46
N ASP A 57 -13.13 -4.57 -5.43
CA ASP A 57 -13.15 -4.97 -4.02
C ASP A 57 -14.54 -5.46 -3.65
N SER A 58 -15.59 -4.80 -4.15
CA SER A 58 -16.97 -5.17 -3.87
C SER A 58 -17.29 -6.49 -4.58
N GLU A 59 -16.71 -6.76 -5.74
CA GLU A 59 -16.99 -8.00 -6.45
C GLU A 59 -16.44 -9.18 -5.66
N GLU A 60 -15.28 -9.02 -5.02
CA GLU A 60 -14.65 -10.08 -4.25
C GLU A 60 -15.19 -10.26 -2.84
N GLN A 61 -15.49 -9.15 -2.14
CA GLN A 61 -15.95 -9.15 -0.76
C GLN A 61 -14.99 -9.96 0.13
N THR A 62 -13.70 -9.98 -0.19
CA THR A 62 -12.63 -10.68 0.51
C THR A 62 -12.41 -10.10 1.92
N LYS A 63 -11.49 -10.67 2.69
CA LYS A 63 -11.19 -10.25 4.05
C LYS A 63 -9.74 -10.48 4.42
N GLY A 64 -9.29 -9.86 5.51
CA GLY A 64 -7.95 -9.95 6.02
C GLY A 64 -7.77 -8.94 7.15
N SER A 65 -6.53 -8.79 7.63
CA SER A 65 -6.19 -7.87 8.69
C SER A 65 -6.47 -6.42 8.25
N GLY A 66 -6.60 -5.50 9.22
CA GLY A 66 -6.88 -4.09 9.01
C GLY A 66 -8.32 -3.88 8.55
N SER A 67 -8.63 -4.32 7.33
CA SER A 67 -9.91 -4.23 6.64
C SER A 67 -10.19 -2.78 6.28
N GLY A 68 -11.27 -2.52 5.53
CA GLY A 68 -11.63 -1.19 5.11
C GLY A 68 -12.41 -1.13 3.81
N SER A 69 -13.14 -2.19 3.44
CA SER A 69 -13.94 -2.27 2.21
C SER A 69 -14.89 -1.09 2.01
N GLY A 70 -15.23 -0.38 3.09
CA GLY A 70 -16.09 0.78 3.15
C GLY A 70 -15.82 1.50 4.47
N SER A 71 -16.61 2.54 4.72
CA SER A 71 -16.55 3.36 5.92
C SER A 71 -16.61 2.47 7.16
N GLY A 72 -15.78 2.75 8.17
CA GLY A 72 -15.72 1.96 9.39
C GLY A 72 -15.54 2.76 10.68
N SER A 73 -15.92 4.04 10.73
CA SER A 73 -15.81 4.84 11.94
C SER A 73 -16.68 4.19 13.00
N GLY A 74 -16.11 3.89 14.16
CA GLY A 74 -16.79 3.27 15.28
C GLY A 74 -16.17 3.81 16.56
N SER A 75 -15.89 2.93 17.52
CA SER A 75 -15.29 3.27 18.79
C SER A 75 -13.81 3.62 18.60
N LEU A 76 -13.52 4.86 18.17
CA LEU A 76 -12.17 5.40 17.95
C LEU A 76 -11.32 5.25 19.22
N LEU A 77 -11.93 5.10 20.40
CA LEU A 77 -11.23 4.88 21.67
C LEU A 77 -10.25 3.70 21.54
N LYS A 78 -10.56 2.70 20.69
CA LYS A 78 -9.72 1.53 20.46
C LYS A 78 -8.38 1.99 19.86
N GLU A 79 -8.46 2.95 18.93
CA GLU A 79 -7.35 3.55 18.21
C GLU A 79 -6.57 4.42 19.19
N LYS A 80 -7.25 5.25 19.99
CA LYS A 80 -6.60 6.12 20.96
C LYS A 80 -5.71 5.29 21.90
N ARG A 81 -6.26 4.19 22.42
CA ARG A 81 -5.53 3.31 23.33
C ARG A 81 -4.25 2.77 22.71
N LYS A 82 -4.31 2.22 21.49
CA LYS A 82 -3.10 1.69 20.84
C LYS A 82 -2.14 2.82 20.45
N HIS A 83 -2.66 3.99 20.08
CA HIS A 83 -1.86 5.14 19.70
C HIS A 83 -1.03 5.61 20.90
N PHE A 84 -1.53 5.48 22.13
CA PHE A 84 -0.82 5.88 23.33
C PHE A 84 0.39 4.97 23.60
N GLN A 85 0.31 3.67 23.29
CA GLN A 85 1.38 2.70 23.48
C GLN A 85 1.21 1.55 22.50
N ALA A 86 2.24 1.29 21.70
CA ALA A 86 2.32 0.23 20.72
C ALA A 86 3.50 -0.66 21.12
N GLU A 87 4.28 -1.10 20.15
CA GLU A 87 5.48 -1.94 20.26
C GLU A 87 6.48 -1.48 19.19
N GLN A 88 7.55 -2.25 18.98
CA GLN A 88 8.57 -1.95 18.00
C GLN A 88 8.05 -2.17 16.58
N ASN A 89 8.71 -1.54 15.62
CA ASN A 89 8.37 -1.60 14.21
C ASN A 89 9.44 -2.36 13.42
N SER A 90 10.66 -2.49 13.95
CA SER A 90 11.77 -3.21 13.31
C SER A 90 12.05 -2.76 11.87
N SER A 91 11.73 -1.51 11.50
CA SER A 91 11.94 -1.00 10.14
C SER A 91 12.38 0.47 10.18
N GLN A 92 13.13 0.92 9.16
CA GLN A 92 13.62 2.30 9.01
C GLN A 92 13.74 2.78 7.57
N GLU A 93 13.38 1.95 6.60
CA GLU A 93 13.46 2.27 5.16
C GLU A 93 12.13 2.12 4.42
N TYR A 94 11.08 1.76 5.15
CA TYR A 94 9.76 1.60 4.56
C TYR A 94 9.16 2.98 4.40
N LEU A 95 8.91 3.36 3.14
CA LEU A 95 8.32 4.63 2.78
C LEU A 95 6.94 4.32 2.24
N ARG A 96 5.99 5.18 2.56
CA ARG A 96 4.60 5.02 2.18
C ARG A 96 3.97 6.36 1.88
N GLY A 97 2.84 6.35 1.20
CA GLY A 97 2.11 7.56 0.88
C GLY A 97 0.68 7.22 0.53
N GLU A 98 -0.13 8.25 0.40
CA GLU A 98 -1.55 8.18 0.09
C GLU A 98 -1.76 8.97 -1.19
N ILE A 99 -2.22 8.29 -2.23
CA ILE A 99 -2.51 8.88 -3.52
C ILE A 99 -3.91 9.45 -3.33
N GLY A 1 -10.58 6.85 -19.14
CA GLY A 1 -9.45 6.37 -19.93
C GLY A 1 -8.27 6.17 -19.00
N ILE A 2 -7.93 4.91 -18.79
CA ILE A 2 -6.90 4.26 -17.98
C ILE A 2 -7.65 3.38 -16.97
N ASP A 3 -7.35 2.10 -16.95
CA ASP A 3 -7.95 1.14 -16.04
C ASP A 3 -7.07 0.99 -14.82
N ALA A 4 -7.69 0.98 -13.64
CA ALA A 4 -6.97 0.85 -12.39
C ALA A 4 -6.03 -0.34 -12.36
N ALA A 5 -6.46 -1.48 -12.92
CA ALA A 5 -5.65 -2.69 -12.95
C ALA A 5 -4.31 -2.44 -13.65
N GLN A 6 -4.30 -1.61 -14.70
CA GLN A 6 -3.11 -1.27 -15.47
C GLN A 6 -2.18 -0.41 -14.60
N ILE A 7 -2.73 0.47 -13.78
CA ILE A 7 -1.93 1.33 -12.91
C ILE A 7 -1.32 0.50 -11.78
N VAL A 8 -2.09 -0.42 -11.19
CA VAL A 8 -1.60 -1.28 -10.13
C VAL A 8 -0.51 -2.19 -10.68
N ASP A 9 -0.68 -2.74 -11.89
CA ASP A 9 0.31 -3.64 -12.48
C ASP A 9 1.71 -3.01 -12.52
N GLU A 10 1.78 -1.75 -12.92
CA GLU A 10 3.02 -1.00 -12.99
C GLU A 10 3.65 -0.92 -11.60
N ALA A 11 2.82 -0.75 -10.56
CA ALA A 11 3.27 -0.66 -9.19
C ALA A 11 3.91 -1.99 -8.79
N LEU A 12 3.21 -3.09 -9.05
CA LEU A 12 3.67 -4.41 -8.70
C LEU A 12 5.00 -4.74 -9.33
N GLU A 13 5.14 -4.52 -10.65
CA GLU A 13 6.39 -4.82 -11.33
C GLU A 13 7.51 -3.94 -10.81
N GLN A 14 7.18 -2.73 -10.33
CA GLN A 14 8.18 -1.83 -9.80
C GLN A 14 8.55 -2.17 -8.35
N GLY A 15 7.84 -3.10 -7.73
CA GLY A 15 8.05 -3.53 -6.35
C GLY A 15 7.20 -2.79 -5.33
N ILE A 16 6.25 -1.95 -5.78
CA ILE A 16 5.35 -1.19 -4.91
C ILE A 16 4.07 -2.00 -4.80
N THR A 17 3.45 -2.08 -3.63
CA THR A 17 2.20 -2.83 -3.49
C THR A 17 1.14 -1.85 -2.98
N LEU A 18 0.32 -1.32 -3.91
CA LEU A 18 -0.75 -0.38 -3.62
C LEU A 18 -2.11 -1.00 -3.92
N PHE A 19 -3.14 -0.53 -3.20
CA PHE A 19 -4.52 -0.99 -3.36
C PHE A 19 -5.49 -0.03 -2.67
N VAL A 20 -6.80 -0.25 -2.74
CA VAL A 20 -7.76 0.66 -2.12
C VAL A 20 -8.00 0.14 -0.71
N VAL A 21 -8.09 1.11 0.19
CA VAL A 21 -8.32 0.90 1.61
C VAL A 21 -9.23 2.02 2.10
N ASN A 22 -10.36 1.70 2.72
CA ASN A 22 -11.28 2.69 3.27
C ASN A 22 -11.67 3.82 2.31
N ASN A 23 -11.76 3.47 1.02
CA ASN A 23 -12.10 4.28 -0.14
C ASN A 23 -11.01 5.28 -0.54
N ARG A 24 -9.75 4.92 -0.33
CA ARG A 24 -8.60 5.75 -0.68
C ARG A 24 -7.46 4.90 -1.16
N LEU A 25 -6.55 5.47 -1.93
CA LEU A 25 -5.40 4.75 -2.42
C LEU A 25 -4.24 5.06 -1.45
N GLN A 26 -3.44 4.06 -1.16
CA GLN A 26 -2.26 4.12 -0.33
C GLN A 26 -1.24 3.07 -0.83
N TYR A 27 0.05 3.42 -0.83
CA TYR A 27 1.15 2.61 -1.32
C TYR A 27 2.17 2.34 -0.23
N GLU A 28 2.93 1.26 -0.40
CA GLU A 28 3.95 0.85 0.55
C GLU A 28 5.03 0.05 -0.17
N THR A 29 6.29 0.30 0.21
CA THR A 29 7.48 -0.35 -0.33
C THR A 29 8.72 0.19 0.37
N SER A 30 9.71 -0.63 0.73
CA SER A 30 10.93 -0.05 1.26
C SER A 30 12.00 -0.34 0.20
N ARG A 31 12.13 0.40 -0.92
CA ARG A 31 13.25 0.03 -1.79
C ARG A 31 14.23 1.17 -1.99
N ASP A 32 13.95 2.08 -2.93
CA ASP A 32 14.70 3.29 -3.16
C ASP A 32 13.95 4.57 -2.90
N SER A 33 12.66 4.50 -3.28
CA SER A 33 11.64 5.55 -3.28
C SER A 33 10.56 5.13 -4.28
N ILE A 34 9.75 6.10 -4.74
CA ILE A 34 8.71 5.91 -5.70
C ILE A 34 9.13 6.69 -6.98
N PRO A 35 9.17 6.02 -8.14
CA PRO A 35 9.51 6.59 -9.43
C PRO A 35 8.38 7.53 -9.83
N THR A 36 8.73 8.75 -10.20
CA THR A 36 7.78 9.76 -10.64
C THR A 36 6.97 9.23 -11.84
N GLU A 37 7.52 8.28 -12.61
CA GLU A 37 6.87 7.72 -13.79
C GLU A 37 5.45 7.23 -13.49
N LEU A 38 5.32 6.39 -12.46
CA LEU A 38 4.04 5.87 -12.01
C LEU A 38 3.38 6.82 -11.04
N LEU A 39 4.16 7.40 -10.13
CA LEU A 39 3.67 8.32 -9.10
C LEU A 39 2.97 9.53 -9.69
N ASN A 40 3.57 10.19 -10.67
CA ASN A 40 2.96 11.34 -11.34
C ASN A 40 1.61 10.92 -11.92
N LYS A 41 1.53 9.69 -12.44
CA LYS A 41 0.31 9.12 -13.00
C LYS A 41 -0.67 8.86 -11.87
N TRP A 42 -0.20 8.34 -10.72
CA TRP A 42 -1.03 8.03 -9.57
C TRP A 42 -1.79 9.26 -9.08
N LYS A 43 -1.12 10.36 -8.79
CA LYS A 43 -1.81 11.57 -8.32
C LYS A 43 -2.76 12.13 -9.37
N GLN A 44 -2.42 12.04 -10.66
CA GLN A 44 -3.27 12.53 -11.72
C GLN A 44 -4.47 11.61 -12.02
N HIS A 45 -4.36 10.29 -11.79
CA HIS A 45 -5.40 9.28 -12.00
C HIS A 45 -5.87 8.69 -10.65
N LYS A 46 -5.76 9.49 -9.58
CA LYS A 46 -6.13 9.15 -8.21
C LYS A 46 -7.55 8.59 -8.11
N GLN A 47 -8.51 9.37 -8.59
CA GLN A 47 -9.91 9.00 -8.54
C GLN A 47 -10.20 7.77 -9.40
N GLU A 48 -9.50 7.59 -10.52
CA GLU A 48 -9.74 6.44 -11.40
C GLU A 48 -9.57 5.14 -10.62
N LEU A 49 -8.46 5.06 -9.89
CA LEU A 49 -8.12 3.89 -9.10
C LEU A 49 -9.06 3.71 -7.96
N ILE A 50 -9.29 4.73 -7.15
CA ILE A 50 -10.16 4.61 -6.01
C ILE A 50 -11.56 4.16 -6.43
N ASP A 51 -12.03 4.59 -7.59
CA ASP A 51 -13.36 4.23 -8.09
C ASP A 51 -13.39 2.78 -8.57
N PHE A 52 -12.43 2.38 -9.39
CA PHE A 52 -12.35 1.02 -9.95
C PHE A 52 -11.98 0.03 -8.85
N LEU A 53 -10.89 0.29 -8.13
CA LEU A 53 -10.43 -0.59 -7.06
C LEU A 53 -11.49 -0.68 -5.97
N ASN A 54 -12.26 0.39 -5.69
CA ASN A 54 -13.32 0.25 -4.67
C ASN A 54 -14.33 -0.79 -5.15
N GLN A 55 -14.56 -0.83 -6.47
CA GLN A 55 -15.46 -1.77 -7.13
C GLN A 55 -14.87 -3.18 -6.94
N LEU A 56 -13.56 -3.35 -7.19
CA LEU A 56 -12.86 -4.63 -7.04
C LEU A 56 -12.98 -5.13 -5.60
N ASP A 57 -12.80 -4.24 -4.62
CA ASP A 57 -12.90 -4.63 -3.21
C ASP A 57 -14.32 -5.09 -2.89
N SER A 58 -15.33 -4.56 -3.58
CA SER A 58 -16.73 -4.93 -3.41
C SER A 58 -17.06 -6.20 -4.20
N GLU A 59 -16.35 -6.48 -5.28
CA GLU A 59 -16.58 -7.68 -6.06
C GLU A 59 -15.94 -8.89 -5.39
N GLU A 60 -14.79 -8.68 -4.74
CA GLU A 60 -14.08 -9.74 -4.05
C GLU A 60 -14.66 -9.93 -2.66
N GLN A 61 -15.11 -8.84 -2.05
CA GLN A 61 -15.72 -8.69 -0.73
C GLN A 61 -14.80 -9.07 0.44
N THR A 62 -13.71 -9.82 0.20
CA THR A 62 -12.79 -10.24 1.25
C THR A 62 -12.03 -9.04 1.86
N LYS A 63 -11.50 -9.25 3.05
CA LYS A 63 -10.72 -8.30 3.86
C LYS A 63 -9.78 -9.07 4.78
N GLY A 64 -8.87 -8.36 5.44
CA GLY A 64 -7.91 -8.94 6.37
C GLY A 64 -6.52 -8.40 6.07
N SER A 65 -6.02 -7.49 6.91
CA SER A 65 -4.72 -6.87 6.77
C SER A 65 -4.11 -6.43 8.11
N GLY A 66 -4.85 -6.53 9.22
CA GLY A 66 -4.39 -6.17 10.55
C GLY A 66 -3.92 -7.42 11.28
N SER A 67 -3.01 -7.28 12.24
CA SER A 67 -2.49 -8.40 13.04
C SER A 67 -2.26 -7.91 14.46
N GLY A 68 -2.15 -8.84 15.41
CA GLY A 68 -1.92 -8.53 16.81
C GLY A 68 -0.44 -8.44 17.13
N SER A 69 -0.12 -8.31 18.42
CA SER A 69 1.22 -8.23 18.97
C SER A 69 1.25 -9.13 20.22
N GLY A 70 2.44 -9.36 20.78
CA GLY A 70 2.63 -10.20 21.95
C GLY A 70 3.78 -9.65 22.78
N SER A 71 3.45 -8.99 23.88
CA SER A 71 4.40 -8.38 24.81
C SER A 71 4.14 -8.84 26.24
N GLY A 72 3.57 -10.04 26.42
CA GLY A 72 3.25 -10.61 27.72
C GLY A 72 4.46 -10.74 28.65
N SER A 73 4.17 -11.09 29.91
CA SER A 73 5.16 -11.27 30.96
C SER A 73 6.02 -12.53 30.72
N GLY A 74 6.84 -12.86 31.70
CA GLY A 74 7.72 -14.01 31.72
C GLY A 74 8.92 -13.70 32.59
N SER A 75 9.55 -14.76 33.11
CA SER A 75 10.72 -14.66 33.96
C SER A 75 11.81 -13.86 33.24
N LEU A 76 12.32 -12.81 33.91
CA LEU A 76 13.34 -11.87 33.45
C LEU A 76 14.58 -12.53 32.85
N LEU A 77 14.84 -13.82 33.16
CA LEU A 77 15.97 -14.54 32.60
C LEU A 77 15.86 -14.54 31.06
N LYS A 78 14.64 -14.46 30.48
CA LYS A 78 14.44 -14.42 29.04
C LYS A 78 15.15 -13.18 28.49
N GLU A 79 14.91 -12.03 29.12
CA GLU A 79 15.48 -10.75 28.77
C GLU A 79 16.99 -10.77 29.02
N LYS A 80 17.43 -11.23 30.19
CA LYS A 80 18.86 -11.25 30.47
C LYS A 80 19.60 -12.14 29.47
N ARG A 81 19.01 -13.24 28.98
CA ARG A 81 19.69 -14.08 27.99
C ARG A 81 19.79 -13.35 26.66
N LYS A 82 18.69 -12.77 26.16
CA LYS A 82 18.70 -12.06 24.88
C LYS A 82 19.56 -10.80 24.94
N HIS A 83 19.70 -10.15 26.10
CA HIS A 83 20.52 -8.95 26.21
C HIS A 83 21.98 -9.24 25.86
N PHE A 84 22.44 -10.49 26.01
CA PHE A 84 23.81 -10.88 25.68
C PHE A 84 23.99 -10.80 24.16
N GLN A 85 23.11 -11.45 23.40
CA GLN A 85 23.15 -11.47 21.93
C GLN A 85 21.73 -11.63 21.39
N ALA A 86 21.24 -10.68 20.61
CA ALA A 86 19.93 -10.73 19.99
C ALA A 86 19.89 -9.73 18.83
N GLU A 87 19.05 -10.05 17.86
CA GLU A 87 18.84 -9.30 16.63
C GLU A 87 17.65 -8.35 16.75
N GLN A 88 17.37 -7.68 15.63
CA GLN A 88 16.31 -6.71 15.39
C GLN A 88 15.60 -7.07 14.07
N ASN A 89 14.41 -6.51 13.82
CA ASN A 89 13.65 -6.75 12.59
C ASN A 89 14.26 -5.96 11.43
N SER A 90 14.93 -4.84 11.74
CA SER A 90 15.58 -3.95 10.79
C SER A 90 14.63 -3.55 9.66
N SER A 91 13.54 -2.81 9.97
CA SER A 91 12.55 -2.38 8.99
C SER A 91 12.17 -0.90 9.15
N GLN A 92 13.16 0.00 9.19
CA GLN A 92 12.96 1.44 9.35
C GLN A 92 13.20 2.21 8.05
N GLU A 93 13.16 1.54 6.89
CA GLU A 93 13.36 2.18 5.57
C GLU A 93 12.04 2.14 4.75
N TYR A 94 10.92 1.92 5.43
CA TYR A 94 9.59 1.83 4.84
C TYR A 94 9.00 3.20 4.57
N LEU A 95 8.76 3.47 3.28
CA LEU A 95 8.16 4.71 2.83
C LEU A 95 6.79 4.33 2.28
N ARG A 96 5.78 5.14 2.59
CA ARG A 96 4.41 4.91 2.18
C ARG A 96 3.76 6.26 1.88
N GLY A 97 2.65 6.26 1.16
CA GLY A 97 1.92 7.48 0.84
C GLY A 97 0.46 7.17 0.56
N GLU A 98 -0.33 8.22 0.36
CA GLU A 98 -1.77 8.17 0.10
C GLU A 98 -2.07 9.01 -1.14
N ILE A 99 -2.33 8.33 -2.25
CA ILE A 99 -2.61 8.92 -3.55
C ILE A 99 -4.02 9.48 -3.51
N GLY A 1 -9.21 5.40 -21.99
CA GLY A 1 -8.77 6.03 -20.75
C GLY A 1 -7.69 5.19 -20.12
N ILE A 2 -7.84 4.82 -18.84
CA ILE A 2 -6.88 4.02 -18.12
C ILE A 2 -7.68 3.18 -17.12
N ASP A 3 -7.36 1.90 -17.00
CA ASP A 3 -7.98 0.97 -16.06
C ASP A 3 -7.14 0.92 -14.80
N ALA A 4 -7.77 0.97 -13.63
CA ALA A 4 -7.08 0.91 -12.36
C ALA A 4 -6.15 -0.29 -12.27
N ALA A 5 -6.59 -1.44 -12.77
CA ALA A 5 -5.85 -2.70 -12.74
C ALA A 5 -4.49 -2.55 -13.43
N GLN A 6 -4.44 -1.76 -14.49
CA GLN A 6 -3.25 -1.50 -15.27
C GLN A 6 -2.30 -0.59 -14.47
N ILE A 7 -2.85 0.38 -13.73
CA ILE A 7 -2.02 1.27 -12.93
C ILE A 7 -1.38 0.49 -11.78
N VAL A 8 -2.12 -0.46 -11.20
CA VAL A 8 -1.63 -1.30 -10.11
C VAL A 8 -0.53 -2.22 -10.63
N ASP A 9 -0.67 -2.80 -11.83
CA ASP A 9 0.32 -3.71 -12.41
C ASP A 9 1.70 -3.06 -12.43
N GLU A 10 1.74 -1.81 -12.90
CA GLU A 10 2.93 -0.99 -13.00
C GLU A 10 3.57 -0.82 -11.61
N ALA A 11 2.75 -0.77 -10.55
CA ALA A 11 3.21 -0.65 -9.18
C ALA A 11 3.90 -1.94 -8.77
N LEU A 12 3.24 -3.07 -8.97
CA LEU A 12 3.78 -4.37 -8.59
C LEU A 12 5.12 -4.63 -9.26
N GLU A 13 5.25 -4.39 -10.56
CA GLU A 13 6.52 -4.62 -11.25
C GLU A 13 7.62 -3.71 -10.67
N GLN A 14 7.26 -2.55 -10.14
CA GLN A 14 8.18 -1.59 -9.52
C GLN A 14 8.42 -1.93 -8.03
N GLY A 15 7.79 -2.99 -7.54
CA GLY A 15 7.89 -3.47 -6.17
C GLY A 15 6.99 -2.69 -5.22
N ILE A 16 6.14 -1.80 -5.73
CA ILE A 16 5.23 -0.99 -4.92
C ILE A 16 3.91 -1.71 -4.81
N THR A 17 3.33 -1.68 -3.62
CA THR A 17 2.06 -2.33 -3.34
C THR A 17 1.01 -1.34 -2.88
N LEU A 18 0.11 -0.96 -3.80
CA LEU A 18 -1.00 -0.06 -3.52
C LEU A 18 -2.35 -0.71 -3.78
N PHE A 19 -3.40 -0.21 -3.10
CA PHE A 19 -4.77 -0.69 -3.23
C PHE A 19 -5.75 0.26 -2.52
N VAL A 20 -7.05 -0.03 -2.60
CA VAL A 20 -8.11 0.79 -2.00
C VAL A 20 -8.33 0.23 -0.60
N VAL A 21 -8.30 1.15 0.36
CA VAL A 21 -8.49 0.86 1.76
C VAL A 21 -9.16 2.11 2.34
N ASN A 22 -10.24 1.97 3.11
CA ASN A 22 -10.95 3.08 3.75
C ASN A 22 -11.32 4.23 2.79
N ASN A 23 -11.65 3.88 1.54
CA ASN A 23 -12.06 4.72 0.42
C ASN A 23 -10.95 5.60 -0.12
N ARG A 24 -9.70 5.17 0.01
CA ARG A 24 -8.54 5.92 -0.42
C ARG A 24 -7.48 4.97 -0.94
N LEU A 25 -6.60 5.49 -1.79
CA LEU A 25 -5.51 4.70 -2.33
C LEU A 25 -4.29 4.94 -1.43
N GLN A 26 -3.50 3.91 -1.16
CA GLN A 26 -2.29 4.04 -0.37
C GLN A 26 -1.24 3.12 -0.94
N TYR A 27 0.04 3.49 -0.85
CA TYR A 27 1.18 2.72 -1.35
C TYR A 27 2.21 2.45 -0.27
N GLU A 28 3.01 1.40 -0.46
CA GLU A 28 4.08 0.98 0.45
C GLU A 28 5.14 0.22 -0.35
N THR A 29 6.41 0.38 0.02
CA THR A 29 7.56 -0.29 -0.57
C THR A 29 8.83 0.17 0.17
N SER A 30 9.77 -0.72 0.46
CA SER A 30 11.02 -0.24 1.03
C SER A 30 12.04 -0.51 -0.07
N ARG A 31 12.22 0.31 -1.13
CA ARG A 31 13.35 -0.05 -2.01
C ARG A 31 14.34 1.12 -2.06
N ASP A 32 14.07 2.09 -2.95
CA ASP A 32 14.81 3.33 -3.06
C ASP A 32 13.98 4.58 -2.76
N SER A 33 12.72 4.51 -3.22
CA SER A 33 11.62 5.49 -3.23
C SER A 33 10.62 5.03 -4.30
N ILE A 34 9.81 5.95 -4.83
CA ILE A 34 8.81 5.69 -5.86
C ILE A 34 9.20 6.38 -7.17
N PRO A 35 9.20 5.68 -8.32
CA PRO A 35 9.50 6.28 -9.61
C PRO A 35 8.40 7.28 -9.96
N THR A 36 8.79 8.51 -10.26
CA THR A 36 7.84 9.55 -10.63
C THR A 36 6.97 9.11 -11.80
N GLU A 37 7.43 8.18 -12.65
CA GLU A 37 6.67 7.73 -13.82
C GLU A 37 5.27 7.23 -13.44
N LEU A 38 5.19 6.33 -12.46
CA LEU A 38 3.91 5.82 -12.00
C LEU A 38 3.32 6.76 -10.97
N LEU A 39 4.15 7.36 -10.11
CA LEU A 39 3.70 8.26 -9.05
C LEU A 39 2.94 9.46 -9.62
N ASN A 40 3.49 10.11 -10.65
CA ASN A 40 2.88 11.25 -11.32
C ASN A 40 1.50 10.83 -11.85
N LYS A 41 1.41 9.64 -12.43
CA LYS A 41 0.17 9.11 -12.96
C LYS A 41 -0.77 8.80 -11.82
N TRP A 42 -0.28 8.27 -10.70
CA TRP A 42 -1.08 7.90 -9.55
C TRP A 42 -1.84 9.07 -8.99
N LYS A 43 -1.14 10.15 -8.66
CA LYS A 43 -1.79 11.31 -8.09
C LYS A 43 -2.77 11.93 -9.08
N GLN A 44 -2.43 11.93 -10.36
CA GLN A 44 -3.27 12.49 -11.40
C GLN A 44 -4.53 11.67 -11.67
N HIS A 45 -4.43 10.33 -11.63
CA HIS A 45 -5.51 9.38 -11.87
C HIS A 45 -5.94 8.70 -10.56
N LYS A 46 -5.76 9.39 -9.43
CA LYS A 46 -6.08 8.93 -8.08
C LYS A 46 -7.51 8.43 -8.02
N GLN A 47 -8.44 9.26 -8.47
CA GLN A 47 -9.85 8.92 -8.46
C GLN A 47 -10.14 7.77 -9.41
N GLU A 48 -9.43 7.66 -10.54
CA GLU A 48 -9.70 6.56 -11.46
C GLU A 48 -9.44 5.22 -10.78
N LEU A 49 -8.39 5.14 -9.96
CA LEU A 49 -8.04 3.96 -9.22
C LEU A 49 -9.03 3.73 -8.09
N ILE A 50 -9.26 4.70 -7.22
CA ILE A 50 -10.18 4.54 -6.11
C ILE A 50 -11.57 4.17 -6.64
N ASP A 51 -11.97 4.67 -7.81
CA ASP A 51 -13.27 4.41 -8.39
C ASP A 51 -13.39 2.97 -8.92
N PHE A 52 -12.40 2.51 -9.69
CA PHE A 52 -12.41 1.16 -10.22
C PHE A 52 -12.05 0.14 -9.14
N LEU A 53 -10.92 0.34 -8.44
CA LEU A 53 -10.47 -0.57 -7.38
C LEU A 53 -11.54 -0.74 -6.32
N ASN A 54 -12.32 0.32 -6.04
CA ASN A 54 -13.40 0.17 -5.05
C ASN A 54 -14.35 -0.95 -5.42
N GLN A 55 -14.64 -1.10 -6.71
CA GLN A 55 -15.52 -2.15 -7.22
C GLN A 55 -14.82 -3.50 -7.25
N LEU A 56 -13.51 -3.54 -7.53
CA LEU A 56 -12.75 -4.77 -7.56
C LEU A 56 -12.76 -5.39 -6.15
N ASP A 57 -12.58 -4.56 -5.12
CA ASP A 57 -12.61 -5.02 -3.72
C ASP A 57 -14.03 -5.50 -3.37
N SER A 58 -15.04 -4.80 -3.91
CA SER A 58 -16.45 -5.10 -3.73
C SER A 58 -16.81 -6.46 -4.34
N GLU A 59 -16.11 -6.86 -5.40
CA GLU A 59 -16.33 -8.12 -6.08
C GLU A 59 -15.96 -9.27 -5.13
N GLU A 60 -14.89 -9.12 -4.35
CA GLU A 60 -14.42 -10.14 -3.43
C GLU A 60 -15.38 -10.25 -2.24
N GLN A 61 -15.74 -9.12 -1.62
CA GLN A 61 -16.63 -9.03 -0.47
C GLN A 61 -16.10 -9.77 0.77
N THR A 62 -14.92 -10.37 0.73
CA THR A 62 -14.32 -11.10 1.82
C THR A 62 -12.99 -10.49 2.25
N LYS A 63 -12.49 -10.96 3.40
CA LYS A 63 -11.25 -10.60 4.05
C LYS A 63 -10.04 -10.95 3.17
N GLY A 64 -8.85 -10.59 3.61
CA GLY A 64 -7.59 -10.83 2.94
C GLY A 64 -6.76 -9.56 3.00
N SER A 65 -5.46 -9.69 3.30
CA SER A 65 -4.54 -8.57 3.40
C SER A 65 -3.13 -9.03 3.01
N GLY A 66 -2.18 -8.10 3.01
CA GLY A 66 -0.77 -8.31 2.69
C GLY A 66 0.02 -8.25 4.01
N SER A 67 1.27 -7.78 3.96
CA SER A 67 2.11 -7.69 5.16
C SER A 67 1.48 -6.72 6.18
N GLY A 68 1.90 -6.80 7.44
CA GLY A 68 1.42 -5.96 8.53
C GLY A 68 1.30 -6.82 9.80
N SER A 69 1.24 -6.17 10.97
CA SER A 69 1.13 -6.86 12.26
C SER A 69 -0.31 -7.26 12.61
N GLY A 70 -1.25 -7.14 11.66
CA GLY A 70 -2.66 -7.47 11.86
C GLY A 70 -3.50 -7.12 10.63
N SER A 71 -3.23 -5.96 10.02
CA SER A 71 -3.89 -5.41 8.83
C SER A 71 -5.42 -5.60 8.88
N GLY A 72 -6.07 -5.71 7.73
CA GLY A 72 -7.50 -5.93 7.59
C GLY A 72 -8.40 -4.71 7.50
N SER A 73 -7.99 -3.55 8.05
CA SER A 73 -8.70 -2.26 8.09
C SER A 73 -10.22 -2.48 8.12
N GLY A 74 -10.71 -3.00 9.26
CA GLY A 74 -12.13 -3.30 9.42
C GLY A 74 -12.99 -2.12 9.81
N SER A 75 -12.53 -1.33 10.79
CA SER A 75 -13.21 -0.15 11.28
C SER A 75 -12.15 0.70 11.96
N LEU A 76 -12.27 2.02 11.85
CA LEU A 76 -11.32 2.96 12.42
C LEU A 76 -11.20 2.76 13.92
N LEU A 77 -12.29 2.40 14.60
CA LEU A 77 -12.30 2.17 16.03
C LEU A 77 -11.23 1.15 16.46
N LYS A 78 -11.10 0.02 15.75
CA LYS A 78 -10.12 -1.02 16.04
C LYS A 78 -8.76 -0.65 15.48
N GLU A 79 -8.76 0.00 14.32
CA GLU A 79 -7.55 0.44 13.64
C GLU A 79 -6.75 1.37 14.57
N LYS A 80 -7.43 2.29 15.26
CA LYS A 80 -6.73 3.20 16.14
C LYS A 80 -6.02 2.47 17.27
N ARG A 81 -6.66 1.45 17.86
CA ARG A 81 -6.12 0.68 18.99
C ARG A 81 -4.77 0.09 18.63
N LYS A 82 -4.66 -0.57 17.47
CA LYS A 82 -3.36 -1.13 17.08
C LYS A 82 -2.41 -0.01 16.66
N HIS A 83 -2.92 1.09 16.12
CA HIS A 83 -2.07 2.21 15.73
C HIS A 83 -1.42 2.81 16.99
N PHE A 84 -2.10 2.74 18.14
CA PHE A 84 -1.63 3.22 19.43
C PHE A 84 -0.40 2.41 19.85
N GLN A 85 -0.47 1.07 19.77
CA GLN A 85 0.64 0.19 20.12
C GLN A 85 0.60 -1.10 19.31
N ALA A 86 1.75 -1.38 18.70
CA ALA A 86 2.07 -2.54 17.89
C ALA A 86 3.59 -2.65 17.80
N GLU A 87 4.13 -3.85 18.03
CA GLU A 87 5.54 -4.18 18.02
C GLU A 87 6.20 -3.83 16.69
N GLN A 88 7.48 -3.43 16.72
CA GLN A 88 8.20 -3.10 15.50
C GLN A 88 8.58 -4.40 14.78
N ASN A 89 9.06 -4.26 13.56
CA ASN A 89 9.50 -5.37 12.72
C ASN A 89 10.88 -5.06 12.13
N SER A 90 11.67 -4.23 12.83
CA SER A 90 13.00 -3.79 12.44
C SER A 90 12.90 -3.16 11.04
N SER A 91 12.22 -2.01 10.97
CA SER A 91 12.01 -1.28 9.72
C SER A 91 12.20 0.21 9.96
N GLN A 92 13.07 0.86 9.19
CA GLN A 92 13.39 2.29 9.27
C GLN A 92 13.62 2.91 7.88
N GLU A 93 13.28 2.18 6.81
CA GLU A 93 13.43 2.59 5.42
C GLU A 93 12.17 2.29 4.61
N TYR A 94 11.05 2.04 5.29
CA TYR A 94 9.78 1.76 4.65
C TYR A 94 9.10 3.10 4.41
N LEU A 95 8.89 3.43 3.15
CA LEU A 95 8.24 4.67 2.75
C LEU A 95 6.86 4.30 2.24
N ARG A 96 5.87 5.10 2.64
CA ARG A 96 4.47 4.91 2.29
C ARG A 96 3.86 6.27 2.03
N GLY A 97 2.75 6.30 1.30
CA GLY A 97 2.05 7.53 1.01
C GLY A 97 0.60 7.24 0.62
N GLU A 98 -0.15 8.31 0.37
CA GLU A 98 -1.56 8.27 0.01
C GLU A 98 -1.72 8.97 -1.34
N ILE A 99 -2.17 8.23 -2.34
CA ILE A 99 -2.42 8.73 -3.69
C ILE A 99 -3.80 9.34 -3.63
N GLY A 1 -11.44 5.57 -19.73
CA GLY A 1 -10.04 6.00 -19.83
C GLY A 1 -9.10 4.89 -19.37
N ILE A 2 -8.00 5.27 -18.71
CA ILE A 2 -6.97 4.40 -18.16
C ILE A 2 -7.70 3.46 -17.17
N ASP A 3 -7.31 2.18 -17.17
CA ASP A 3 -7.87 1.17 -16.28
C ASP A 3 -7.03 1.07 -15.03
N ALA A 4 -7.67 1.03 -13.86
CA ALA A 4 -7.00 0.93 -12.58
C ALA A 4 -6.04 -0.25 -12.58
N ALA A 5 -6.43 -1.38 -13.16
CA ALA A 5 -5.62 -2.58 -13.22
C ALA A 5 -4.26 -2.27 -13.84
N GLN A 6 -4.27 -1.48 -14.92
CA GLN A 6 -3.06 -1.09 -15.65
C GLN A 6 -2.15 -0.27 -14.74
N ILE A 7 -2.75 0.58 -13.91
CA ILE A 7 -1.98 1.42 -13.00
C ILE A 7 -1.41 0.58 -11.84
N VAL A 8 -2.16 -0.41 -11.36
CA VAL A 8 -1.73 -1.28 -10.26
C VAL A 8 -0.68 -2.29 -10.75
N ASP A 9 -0.83 -2.86 -11.94
CA ASP A 9 0.09 -3.84 -12.50
C ASP A 9 1.50 -3.26 -12.48
N GLU A 10 1.62 -1.99 -12.90
CA GLU A 10 2.87 -1.28 -12.94
C GLU A 10 3.49 -1.12 -11.53
N ALA A 11 2.65 -0.99 -10.49
CA ALA A 11 3.12 -0.83 -9.12
C ALA A 11 3.86 -2.09 -8.69
N LEU A 12 3.22 -3.25 -8.87
CA LEU A 12 3.79 -4.53 -8.46
C LEU A 12 5.13 -4.79 -9.13
N GLU A 13 5.22 -4.61 -10.46
CA GLU A 13 6.49 -4.84 -11.16
C GLU A 13 7.57 -3.86 -10.65
N GLN A 14 7.18 -2.66 -10.21
CA GLN A 14 8.10 -1.67 -9.68
C GLN A 14 8.48 -1.95 -8.21
N GLY A 15 7.84 -2.93 -7.59
CA GLY A 15 8.05 -3.34 -6.20
C GLY A 15 7.15 -2.61 -5.22
N ILE A 16 6.18 -1.84 -5.72
CA ILE A 16 5.26 -1.07 -4.88
C ILE A 16 3.94 -1.81 -4.75
N THR A 17 3.37 -1.82 -3.55
CA THR A 17 2.09 -2.49 -3.28
C THR A 17 1.03 -1.48 -2.86
N LEU A 18 0.14 -1.13 -3.81
CA LEU A 18 -0.98 -0.23 -3.56
C LEU A 18 -2.29 -0.92 -3.88
N PHE A 19 -3.35 -0.42 -3.26
CA PHE A 19 -4.73 -0.89 -3.43
C PHE A 19 -5.67 0.08 -2.72
N VAL A 20 -6.98 -0.16 -2.79
CA VAL A 20 -7.96 0.72 -2.16
C VAL A 20 -8.14 0.13 -0.78
N VAL A 21 -8.04 1.04 0.20
CA VAL A 21 -8.16 0.72 1.59
C VAL A 21 -8.92 1.88 2.22
N ASN A 22 -10.01 1.58 2.91
CA ASN A 22 -10.83 2.53 3.64
C ASN A 22 -11.16 3.81 2.86
N ASN A 23 -11.55 3.61 1.61
CA ASN A 23 -11.95 4.56 0.57
C ASN A 23 -10.86 5.49 0.07
N ARG A 24 -9.61 5.08 0.22
CA ARG A 24 -8.44 5.86 -0.19
C ARG A 24 -7.44 4.95 -0.86
N LEU A 25 -6.57 5.51 -1.69
CA LEU A 25 -5.55 4.72 -2.35
C LEU A 25 -4.30 4.91 -1.51
N GLN A 26 -3.51 3.86 -1.31
CA GLN A 26 -2.28 3.98 -0.54
C GLN A 26 -1.25 2.98 -1.08
N TYR A 27 0.04 3.32 -1.00
CA TYR A 27 1.18 2.53 -1.46
C TYR A 27 2.17 2.27 -0.34
N GLU A 28 2.99 1.22 -0.49
CA GLU A 28 4.03 0.80 0.45
C GLU A 28 5.15 0.08 -0.31
N THR A 29 6.40 0.30 0.09
CA THR A 29 7.62 -0.32 -0.45
C THR A 29 8.84 0.22 0.29
N SER A 30 9.87 -0.58 0.59
CA SER A 30 11.07 0.00 1.18
C SER A 30 12.18 -0.15 0.15
N ARG A 31 12.29 0.66 -0.92
CA ARG A 31 13.47 0.45 -1.78
C ARG A 31 14.38 1.66 -1.93
N ASP A 32 14.02 2.55 -2.87
CA ASP A 32 14.70 3.80 -3.15
C ASP A 32 13.94 5.08 -2.87
N SER A 33 12.65 4.97 -3.19
CA SER A 33 11.57 5.97 -3.20
C SER A 33 10.62 5.50 -4.32
N ILE A 34 9.52 6.20 -4.56
CA ILE A 34 8.57 5.79 -5.59
C ILE A 34 8.97 6.39 -6.95
N PRO A 35 9.00 5.60 -8.04
CA PRO A 35 9.32 6.08 -9.37
C PRO A 35 8.27 7.08 -9.81
N THR A 36 8.70 8.29 -10.16
CA THR A 36 7.84 9.37 -10.60
C THR A 36 6.98 8.95 -11.79
N GLU A 37 7.41 7.96 -12.58
CA GLU A 37 6.67 7.50 -13.75
C GLU A 37 5.25 7.07 -13.41
N LEU A 38 5.14 6.19 -12.41
CA LEU A 38 3.84 5.71 -11.97
C LEU A 38 3.27 6.70 -10.96
N LEU A 39 4.11 7.27 -10.10
CA LEU A 39 3.66 8.21 -9.07
C LEU A 39 2.97 9.41 -9.68
N ASN A 40 3.60 10.07 -10.65
CA ASN A 40 2.99 11.22 -11.31
C ASN A 40 1.62 10.82 -11.89
N LYS A 41 1.51 9.62 -12.45
CA LYS A 41 0.26 9.12 -13.01
C LYS A 41 -0.72 8.85 -11.87
N TRP A 42 -0.26 8.29 -10.75
CA TRP A 42 -1.10 7.96 -9.61
C TRP A 42 -1.85 9.17 -9.13
N LYS A 43 -1.15 10.27 -8.83
CA LYS A 43 -1.84 11.47 -8.36
C LYS A 43 -2.75 12.03 -9.44
N GLN A 44 -2.31 12.00 -10.70
CA GLN A 44 -3.08 12.51 -11.83
C GLN A 44 -4.35 11.70 -12.10
N HIS A 45 -4.35 10.41 -11.77
CA HIS A 45 -5.46 9.48 -11.96
C HIS A 45 -5.86 8.80 -10.64
N LYS A 46 -5.76 9.53 -9.53
CA LYS A 46 -6.06 9.10 -8.17
C LYS A 46 -7.47 8.54 -8.06
N GLN A 47 -8.44 9.35 -8.48
CA GLN A 47 -9.84 8.96 -8.43
C GLN A 47 -10.08 7.76 -9.33
N GLU A 48 -9.36 7.67 -10.46
CA GLU A 48 -9.56 6.55 -11.38
C GLU A 48 -9.38 5.21 -10.68
N LEU A 49 -8.33 5.11 -9.85
CA LEU A 49 -8.02 3.91 -9.11
C LEU A 49 -9.04 3.72 -8.01
N ILE A 50 -9.27 4.71 -7.16
CA ILE A 50 -10.21 4.63 -6.05
C ILE A 50 -11.60 4.24 -6.54
N ASP A 51 -12.01 4.68 -7.72
CA ASP A 51 -13.32 4.38 -8.28
C ASP A 51 -13.43 2.95 -8.78
N PHE A 52 -12.44 2.51 -9.58
CA PHE A 52 -12.45 1.18 -10.14
C PHE A 52 -12.08 0.14 -9.08
N LEU A 53 -10.97 0.34 -8.37
CA LEU A 53 -10.53 -0.57 -7.33
C LEU A 53 -11.61 -0.69 -6.26
N ASN A 54 -12.38 0.39 -5.99
CA ASN A 54 -13.48 0.31 -5.00
C ASN A 54 -14.43 -0.83 -5.39
N GLN A 55 -14.77 -0.89 -6.67
CA GLN A 55 -15.67 -1.89 -7.20
C GLN A 55 -15.05 -3.29 -7.05
N LEU A 56 -13.77 -3.45 -7.36
CA LEU A 56 -13.06 -4.73 -7.25
C LEU A 56 -13.09 -5.23 -5.82
N ASP A 57 -12.76 -4.36 -4.86
CA ASP A 57 -12.72 -4.71 -3.43
C ASP A 57 -14.11 -5.15 -2.94
N SER A 58 -15.16 -4.69 -3.62
CA SER A 58 -16.55 -5.04 -3.33
C SER A 58 -16.91 -6.38 -3.97
N GLU A 59 -16.25 -6.77 -5.06
CA GLU A 59 -16.47 -8.04 -5.74
C GLU A 59 -15.73 -9.11 -4.92
N GLU A 60 -14.58 -8.77 -4.32
CA GLU A 60 -13.78 -9.68 -3.52
C GLU A 60 -14.47 -9.97 -2.18
N GLN A 61 -14.91 -8.92 -1.47
CA GLN A 61 -15.55 -9.04 -0.15
C GLN A 61 -14.68 -9.80 0.86
N THR A 62 -13.38 -9.93 0.60
CA THR A 62 -12.36 -10.57 1.39
C THR A 62 -11.07 -9.81 1.10
N LYS A 63 -10.02 -10.06 1.88
CA LYS A 63 -8.73 -9.43 1.73
C LYS A 63 -7.65 -10.35 2.29
N GLY A 64 -6.39 -10.05 2.04
CA GLY A 64 -5.28 -10.84 2.54
C GLY A 64 -3.96 -10.32 2.00
N SER A 65 -2.91 -10.49 2.80
CA SER A 65 -1.50 -10.12 2.62
C SER A 65 -0.76 -10.20 3.96
N GLY A 66 -1.48 -10.03 5.08
CA GLY A 66 -0.95 -10.06 6.43
C GLY A 66 -0.64 -11.46 6.96
N SER A 67 0.10 -12.28 6.20
CA SER A 67 0.47 -13.63 6.58
C SER A 67 1.85 -13.96 6.01
N GLY A 68 2.54 -14.95 6.57
CA GLY A 68 3.85 -15.38 6.13
C GLY A 68 4.52 -16.26 7.18
N SER A 69 5.17 -15.63 8.16
CA SER A 69 5.88 -16.33 9.23
C SER A 69 4.94 -17.15 10.13
N GLY A 70 5.51 -18.13 10.84
CA GLY A 70 4.78 -19.03 11.72
C GLY A 70 4.44 -18.42 13.08
N SER A 71 3.64 -19.15 13.84
CA SER A 71 3.21 -18.77 15.17
C SER A 71 2.84 -20.02 15.98
N GLY A 72 3.43 -21.17 15.68
CA GLY A 72 3.16 -22.43 16.38
C GLY A 72 3.78 -23.60 15.61
N SER A 73 3.82 -24.77 16.26
CA SER A 73 4.33 -26.07 15.84
C SER A 73 5.69 -26.33 16.52
N GLY A 74 6.18 -27.56 16.45
CA GLY A 74 7.46 -27.99 17.00
C GLY A 74 8.38 -27.96 15.79
N SER A 75 8.76 -26.75 15.38
CA SER A 75 9.62 -26.52 14.21
C SER A 75 10.79 -25.59 14.51
N LEU A 76 11.21 -25.41 15.79
CA LEU A 76 12.29 -24.52 16.23
C LEU A 76 13.59 -24.64 15.44
N LEU A 77 13.87 -25.78 14.80
CA LEU A 77 15.08 -25.94 13.99
C LEU A 77 15.12 -24.86 12.89
N LYS A 78 13.95 -24.41 12.40
CA LYS A 78 13.81 -23.39 11.37
C LYS A 78 14.41 -22.08 11.87
N GLU A 79 14.12 -21.75 13.12
CA GLU A 79 14.55 -20.54 13.78
C GLU A 79 16.04 -20.57 14.09
N LYS A 80 16.54 -21.64 14.71
CA LYS A 80 17.95 -21.70 15.07
C LYS A 80 18.84 -21.60 13.82
N ARG A 81 18.45 -22.24 12.72
CA ARG A 81 19.19 -22.23 11.48
C ARG A 81 19.26 -20.81 10.92
N LYS A 82 18.13 -20.09 10.83
CA LYS A 82 18.15 -18.73 10.29
C LYS A 82 18.78 -17.74 11.26
N HIS A 83 18.76 -18.00 12.57
CA HIS A 83 19.39 -17.07 13.52
C HIS A 83 20.91 -17.15 13.31
N PHE A 84 21.44 -18.34 12.97
CA PHE A 84 22.85 -18.55 12.70
C PHE A 84 23.21 -17.71 11.47
N GLN A 85 22.52 -17.96 10.34
CA GLN A 85 22.77 -17.24 9.10
C GLN A 85 21.49 -16.94 8.34
N ALA A 86 21.32 -15.67 8.00
CA ALA A 86 20.21 -15.07 7.26
C ALA A 86 20.62 -13.63 6.98
N GLU A 87 19.94 -12.97 6.04
CA GLU A 87 20.23 -11.58 5.68
C GLU A 87 19.63 -10.60 6.70
N GLN A 88 19.77 -9.32 6.40
CA GLN A 88 19.24 -8.23 7.20
C GLN A 88 17.71 -8.25 7.10
N ASN A 89 17.01 -7.49 7.96
CA ASN A 89 15.55 -7.44 7.94
C ASN A 89 15.03 -6.17 7.23
N SER A 90 15.88 -5.49 6.45
CA SER A 90 15.63 -4.26 5.67
C SER A 90 14.47 -3.45 6.26
N SER A 91 14.74 -2.89 7.45
CA SER A 91 13.81 -2.09 8.24
C SER A 91 14.33 -0.66 8.35
N GLN A 92 13.59 0.23 9.02
CA GLN A 92 13.95 1.63 9.21
C GLN A 92 14.06 2.37 7.86
N GLU A 93 13.39 1.87 6.81
CA GLU A 93 13.42 2.46 5.47
C GLU A 93 12.07 2.34 4.72
N TYR A 94 11.03 1.88 5.39
CA TYR A 94 9.71 1.71 4.79
C TYR A 94 9.09 3.06 4.54
N LEU A 95 8.82 3.36 3.27
CA LEU A 95 8.22 4.60 2.83
C LEU A 95 6.84 4.24 2.29
N ARG A 96 5.83 5.01 2.69
CA ARG A 96 4.45 4.83 2.29
C ARG A 96 3.83 6.19 2.02
N GLY A 97 2.71 6.19 1.33
CA GLY A 97 1.99 7.41 1.02
C GLY A 97 0.49 7.19 0.93
N GLU A 98 -0.20 8.12 0.26
CA GLU A 98 -1.64 8.13 0.03
C GLU A 98 -1.86 8.92 -1.26
N ILE A 99 -2.20 8.21 -2.33
CA ILE A 99 -2.46 8.79 -3.64
C ILE A 99 -3.83 9.44 -3.53
N GLY A 1 -9.08 7.34 -19.85
CA GLY A 1 -8.48 6.35 -20.73
C GLY A 1 -7.35 5.62 -20.04
N ILE A 2 -7.61 4.99 -18.88
CA ILE A 2 -6.62 4.24 -18.13
C ILE A 2 -7.43 3.34 -17.20
N ASP A 3 -7.10 2.05 -17.11
CA ASP A 3 -7.77 1.11 -16.22
C ASP A 3 -6.96 1.05 -14.93
N ALA A 4 -7.63 1.13 -13.79
CA ALA A 4 -7.00 1.07 -12.48
C ALA A 4 -6.05 -0.12 -12.37
N ALA A 5 -6.47 -1.28 -12.87
CA ALA A 5 -5.69 -2.50 -12.82
C ALA A 5 -4.32 -2.32 -13.50
N GLN A 6 -4.27 -1.56 -14.60
CA GLN A 6 -3.05 -1.29 -15.35
C GLN A 6 -2.11 -0.40 -14.52
N ILE A 7 -2.68 0.53 -13.75
CA ILE A 7 -1.88 1.40 -12.90
C ILE A 7 -1.29 0.54 -11.76
N VAL A 8 -2.08 -0.38 -11.21
CA VAL A 8 -1.62 -1.27 -10.14
C VAL A 8 -0.55 -2.22 -10.71
N ASP A 9 -0.70 -2.68 -11.95
CA ASP A 9 0.25 -3.60 -12.59
C ASP A 9 1.65 -3.02 -12.54
N GLU A 10 1.75 -1.75 -12.96
CA GLU A 10 2.98 -0.98 -12.98
C GLU A 10 3.55 -0.81 -11.57
N ALA A 11 2.70 -0.74 -10.54
CA ALA A 11 3.15 -0.62 -9.17
C ALA A 11 3.84 -1.92 -8.76
N LEU A 12 3.18 -3.06 -8.97
CA LEU A 12 3.70 -4.37 -8.61
C LEU A 12 5.01 -4.66 -9.30
N GLU A 13 5.11 -4.44 -10.62
CA GLU A 13 6.37 -4.71 -11.31
C GLU A 13 7.50 -3.82 -10.75
N GLN A 14 7.17 -2.65 -10.18
CA GLN A 14 8.12 -1.71 -9.59
C GLN A 14 8.41 -2.05 -8.12
N GLY A 15 7.73 -3.06 -7.57
CA GLY A 15 7.87 -3.53 -6.21
C GLY A 15 7.00 -2.74 -5.23
N ILE A 16 6.07 -1.91 -5.70
CA ILE A 16 5.18 -1.11 -4.85
C ILE A 16 3.86 -1.83 -4.72
N THR A 17 3.30 -1.82 -3.52
CA THR A 17 2.04 -2.50 -3.26
C THR A 17 0.98 -1.50 -2.81
N LEU A 18 0.10 -1.09 -3.73
CA LEU A 18 -1.00 -0.15 -3.49
C LEU A 18 -2.35 -0.84 -3.72
N PHE A 19 -3.43 -0.32 -3.11
CA PHE A 19 -4.80 -0.84 -3.21
C PHE A 19 -5.82 0.12 -2.57
N VAL A 20 -7.12 -0.21 -2.63
CA VAL A 20 -8.20 0.61 -2.08
C VAL A 20 -8.40 0.15 -0.65
N VAL A 21 -8.39 1.13 0.24
CA VAL A 21 -8.59 0.88 1.65
C VAL A 21 -9.19 2.15 2.22
N ASN A 22 -10.32 2.04 2.92
CA ASN A 22 -10.97 3.17 3.58
C ASN A 22 -11.21 4.38 2.67
N ASN A 23 -11.69 4.08 1.45
CA ASN A 23 -12.06 5.00 0.38
C ASN A 23 -10.91 5.85 -0.14
N ARG A 24 -9.69 5.33 -0.08
CA ARG A 24 -8.50 6.06 -0.49
C ARG A 24 -7.47 5.12 -1.06
N LEU A 25 -6.56 5.66 -1.85
CA LEU A 25 -5.48 4.88 -2.40
C LEU A 25 -4.31 5.08 -1.44
N GLN A 26 -3.53 4.03 -1.18
CA GLN A 26 -2.35 4.08 -0.33
C GLN A 26 -1.33 3.11 -0.92
N TYR A 27 -0.04 3.45 -0.90
CA TYR A 27 1.07 2.64 -1.39
C TYR A 27 2.11 2.38 -0.30
N GLU A 28 2.88 1.29 -0.43
CA GLU A 28 3.94 0.94 0.52
C GLU A 28 5.00 0.09 -0.18
N THR A 29 6.26 0.27 0.20
CA THR A 29 7.43 -0.43 -0.30
C THR A 29 8.69 0.09 0.41
N SER A 30 9.68 -0.74 0.76
CA SER A 30 10.90 -0.14 1.30
C SER A 30 11.99 -0.43 0.25
N ARG A 31 12.13 0.29 -0.87
CA ARG A 31 13.27 -0.06 -1.75
C ARG A 31 14.22 1.10 -1.99
N ASP A 32 13.93 1.96 -2.98
CA ASP A 32 14.67 3.18 -3.27
C ASP A 32 13.93 4.49 -3.08
N SER A 33 12.65 4.43 -3.47
CA SER A 33 11.62 5.47 -3.53
C SER A 33 10.67 5.16 -4.69
N ILE A 34 9.65 6.00 -4.86
CA ILE A 34 8.64 5.81 -5.90
C ILE A 34 9.06 6.47 -7.21
N PRO A 35 9.12 5.70 -8.32
CA PRO A 35 9.47 6.24 -9.63
C PRO A 35 8.40 7.23 -10.04
N THR A 36 8.80 8.46 -10.38
CA THR A 36 7.90 9.51 -10.82
C THR A 36 7.01 9.01 -11.98
N GLU A 37 7.47 8.02 -12.76
CA GLU A 37 6.72 7.49 -13.90
C GLU A 37 5.30 7.10 -13.49
N LEU A 38 5.20 6.28 -12.44
CA LEU A 38 3.93 5.84 -11.90
C LEU A 38 3.40 6.85 -10.92
N LEU A 39 4.23 7.43 -10.06
CA LEU A 39 3.80 8.39 -9.05
C LEU A 39 3.06 9.58 -9.67
N ASN A 40 3.62 10.18 -10.71
CA ASN A 40 3.04 11.32 -11.40
C ASN A 40 1.65 10.94 -11.93
N LYS A 41 1.53 9.74 -12.49
CA LYS A 41 0.29 9.21 -13.03
C LYS A 41 -0.68 8.91 -11.89
N TRP A 42 -0.20 8.38 -10.76
CA TRP A 42 -1.00 8.02 -9.62
C TRP A 42 -1.78 9.18 -9.08
N LYS A 43 -1.12 10.29 -8.77
CA LYS A 43 -1.82 11.44 -8.23
C LYS A 43 -2.79 12.03 -9.23
N GLN A 44 -2.42 12.03 -10.52
CA GLN A 44 -3.27 12.56 -11.55
C GLN A 44 -4.54 11.71 -11.71
N HIS A 45 -4.42 10.37 -11.69
CA HIS A 45 -5.52 9.44 -11.83
C HIS A 45 -5.87 8.80 -10.49
N LYS A 46 -5.70 9.54 -9.40
CA LYS A 46 -5.96 9.13 -8.02
C LYS A 46 -7.36 8.58 -7.88
N GLN A 47 -8.32 9.34 -8.36
CA GLN A 47 -9.73 9.02 -8.30
C GLN A 47 -10.07 7.79 -9.11
N GLU A 48 -9.38 7.59 -10.25
CA GLU A 48 -9.66 6.47 -11.12
C GLU A 48 -9.46 5.14 -10.40
N LEU A 49 -8.38 5.05 -9.62
CA LEU A 49 -8.07 3.85 -8.88
C LEU A 49 -9.13 3.61 -7.83
N ILE A 50 -9.39 4.61 -6.99
CA ILE A 50 -10.37 4.53 -5.92
C ILE A 50 -11.74 4.17 -6.49
N ASP A 51 -12.08 4.64 -7.68
CA ASP A 51 -13.37 4.38 -8.33
C ASP A 51 -13.49 2.95 -8.86
N PHE A 52 -12.50 2.46 -9.61
CA PHE A 52 -12.47 1.11 -10.16
C PHE A 52 -12.14 0.08 -9.10
N LEU A 53 -11.02 0.27 -8.39
CA LEU A 53 -10.57 -0.65 -7.34
C LEU A 53 -11.67 -0.82 -6.30
N ASN A 54 -12.50 0.21 -6.06
CA ASN A 54 -13.60 0.05 -5.09
C ASN A 54 -14.48 -1.16 -5.47
N GLN A 55 -14.73 -1.34 -6.77
CA GLN A 55 -15.54 -2.47 -7.27
C GLN A 55 -14.76 -3.76 -7.16
N LEU A 56 -13.46 -3.76 -7.50
CA LEU A 56 -12.60 -4.94 -7.43
C LEU A 56 -12.60 -5.51 -6.01
N ASP A 57 -12.44 -4.62 -5.01
CA ASP A 57 -12.44 -4.97 -3.59
C ASP A 57 -13.78 -5.63 -3.23
N SER A 58 -14.88 -5.12 -3.78
CA SER A 58 -16.23 -5.61 -3.54
C SER A 58 -16.47 -6.98 -4.17
N GLU A 59 -15.79 -7.31 -5.27
CA GLU A 59 -15.92 -8.60 -5.92
C GLU A 59 -15.25 -9.68 -5.07
N GLU A 60 -14.12 -9.33 -4.45
CA GLU A 60 -13.35 -10.24 -3.62
C GLU A 60 -13.86 -10.33 -2.19
N GLN A 61 -14.38 -9.22 -1.65
CA GLN A 61 -14.89 -9.06 -0.29
C GLN A 61 -13.82 -9.44 0.76
N THR A 62 -12.54 -9.47 0.39
CA THR A 62 -11.40 -9.81 1.24
C THR A 62 -10.20 -9.00 0.78
N LYS A 63 -9.16 -8.97 1.62
CA LYS A 63 -7.89 -8.27 1.40
C LYS A 63 -6.87 -8.76 2.42
N GLY A 64 -5.58 -8.63 2.13
CA GLY A 64 -4.55 -9.06 3.06
C GLY A 64 -3.23 -9.40 2.39
N SER A 65 -2.18 -8.68 2.73
CA SER A 65 -0.84 -8.89 2.21
C SER A 65 0.16 -8.20 3.15
N GLY A 66 1.45 -8.48 2.97
CA GLY A 66 2.54 -7.93 3.76
C GLY A 66 3.54 -9.05 4.01
N SER A 67 4.75 -8.94 3.45
CA SER A 67 5.79 -9.94 3.61
C SER A 67 7.16 -9.31 3.33
N GLY A 68 8.21 -10.07 3.62
CA GLY A 68 9.60 -9.68 3.42
C GLY A 68 10.12 -8.75 4.53
N SER A 69 11.44 -8.65 4.62
CA SER A 69 12.21 -7.84 5.56
C SER A 69 13.71 -8.20 5.46
N GLY A 70 14.56 -7.42 6.12
CA GLY A 70 16.00 -7.54 6.20
C GLY A 70 16.68 -6.45 5.36
N SER A 71 17.57 -5.70 6.00
CA SER A 71 18.36 -4.60 5.47
C SER A 71 19.43 -4.25 6.53
N GLY A 72 20.34 -3.31 6.23
CA GLY A 72 21.41 -2.84 7.11
C GLY A 72 22.72 -3.57 6.88
N SER A 73 23.81 -2.80 6.67
CA SER A 73 25.18 -3.24 6.45
C SER A 73 26.15 -2.04 6.51
N GLY A 74 27.46 -2.28 6.35
CA GLY A 74 28.52 -1.26 6.36
C GLY A 74 29.33 -1.21 7.66
N SER A 75 30.32 -0.31 7.68
CA SER A 75 31.28 0.04 8.73
C SER A 75 31.34 -0.93 9.93
N LEU A 76 32.20 -1.94 9.86
CA LEU A 76 32.36 -2.95 10.91
C LEU A 76 32.78 -2.34 12.26
N LEU A 77 33.39 -1.15 12.24
CA LEU A 77 33.83 -0.45 13.44
C LEU A 77 32.65 -0.12 14.35
N LYS A 78 31.48 0.22 13.78
CA LYS A 78 30.29 0.51 14.58
C LYS A 78 29.62 -0.78 15.00
N GLU A 79 29.65 -1.83 14.16
CA GLU A 79 29.01 -3.11 14.43
C GLU A 79 29.54 -3.71 15.72
N LYS A 80 30.86 -3.76 15.88
CA LYS A 80 31.44 -4.33 17.09
C LYS A 80 31.09 -3.52 18.34
N ARG A 81 30.83 -2.21 18.21
CA ARG A 81 30.46 -1.39 19.37
C ARG A 81 28.98 -1.60 19.69
N LYS A 82 28.11 -1.49 18.69
CA LYS A 82 26.67 -1.65 18.89
C LYS A 82 26.30 -3.05 19.33
N HIS A 83 27.06 -4.09 18.96
CA HIS A 83 26.75 -5.46 19.36
C HIS A 83 26.75 -5.61 20.89
N PHE A 84 27.50 -4.76 21.63
CA PHE A 84 27.52 -4.81 23.08
C PHE A 84 26.18 -4.28 23.60
N GLN A 85 25.80 -3.07 23.20
CA GLN A 85 24.56 -2.43 23.60
C GLN A 85 24.03 -1.57 22.45
N ALA A 86 22.82 -1.90 21.99
CA ALA A 86 22.06 -1.25 20.92
C ALA A 86 20.75 -2.00 20.72
N GLU A 87 19.79 -1.36 20.07
CA GLU A 87 18.48 -1.94 19.76
C GLU A 87 18.23 -1.62 18.28
N GLN A 88 17.41 -2.42 17.61
CA GLN A 88 17.08 -2.23 16.21
C GLN A 88 15.59 -2.08 16.06
N ASN A 89 15.18 -1.74 14.84
CA ASN A 89 13.80 -1.58 14.46
C ASN A 89 13.54 -2.44 13.22
N SER A 90 14.58 -2.71 12.42
CA SER A 90 14.55 -3.51 11.20
C SER A 90 13.56 -3.04 10.12
N SER A 91 12.77 -1.99 10.35
CA SER A 91 11.81 -1.49 9.38
C SER A 91 11.79 0.05 9.33
N GLN A 92 12.82 0.70 9.86
CA GLN A 92 12.99 2.15 9.91
C GLN A 92 13.45 2.73 8.55
N GLU A 93 13.04 2.12 7.44
CA GLU A 93 13.39 2.50 6.08
C GLU A 93 12.20 2.26 5.12
N TYR A 94 10.98 2.11 5.63
CA TYR A 94 9.79 1.88 4.82
C TYR A 94 9.16 3.23 4.52
N LEU A 95 8.91 3.50 3.24
CA LEU A 95 8.29 4.73 2.80
C LEU A 95 6.90 4.33 2.31
N ARG A 96 5.89 5.14 2.57
CA ARG A 96 4.50 4.93 2.20
C ARG A 96 3.87 6.27 1.85
N GLY A 97 2.73 6.26 1.20
CA GLY A 97 2.01 7.48 0.86
C GLY A 97 0.57 7.17 0.52
N GLU A 98 -0.21 8.21 0.34
CA GLU A 98 -1.62 8.20 0.00
C GLU A 98 -1.77 9.06 -1.23
N ILE A 99 -2.11 8.42 -2.34
CA ILE A 99 -2.29 9.02 -3.65
C ILE A 99 -3.59 9.79 -3.66
N GLY A 1 -10.73 4.36 -19.90
CA GLY A 1 -9.48 4.84 -20.52
C GLY A 1 -8.34 4.11 -19.85
N ILE A 2 -7.77 4.69 -18.81
CA ILE A 2 -6.71 4.04 -18.07
C ILE A 2 -7.48 3.15 -17.07
N ASP A 3 -7.13 1.87 -17.02
CA ASP A 3 -7.76 0.93 -16.11
C ASP A 3 -6.94 0.83 -14.85
N ALA A 4 -7.60 0.82 -13.69
CA ALA A 4 -6.90 0.76 -12.41
C ALA A 4 -5.95 -0.42 -12.35
N ALA A 5 -6.36 -1.57 -12.90
CA ALA A 5 -5.55 -2.78 -12.90
C ALA A 5 -4.20 -2.51 -13.57
N GLN A 6 -4.17 -1.72 -14.66
CA GLN A 6 -2.93 -1.40 -15.38
C GLN A 6 -2.04 -0.52 -14.51
N ILE A 7 -2.64 0.38 -13.72
CA ILE A 7 -1.87 1.27 -12.85
C ILE A 7 -1.27 0.47 -11.69
N VAL A 8 -2.03 -0.49 -11.15
CA VAL A 8 -1.53 -1.35 -10.06
C VAL A 8 -0.46 -2.27 -10.64
N ASP A 9 -0.62 -2.76 -11.87
CA ASP A 9 0.34 -3.67 -12.51
C ASP A 9 1.74 -3.07 -12.52
N GLU A 10 1.79 -1.80 -12.89
CA GLU A 10 2.96 -0.94 -12.98
C GLU A 10 3.62 -0.81 -11.60
N ALA A 11 2.80 -0.75 -10.56
CA ALA A 11 3.24 -0.62 -9.19
C ALA A 11 3.94 -1.89 -8.74
N LEU A 12 3.28 -3.04 -8.92
CA LEU A 12 3.81 -4.32 -8.51
C LEU A 12 5.10 -4.65 -9.20
N GLU A 13 5.19 -4.39 -10.50
CA GLU A 13 6.45 -4.68 -11.20
C GLU A 13 7.57 -3.80 -10.66
N GLN A 14 7.24 -2.59 -10.19
CA GLN A 14 8.19 -1.65 -9.61
C GLN A 14 8.47 -1.97 -8.14
N GLY A 15 7.75 -2.92 -7.57
CA GLY A 15 7.87 -3.38 -6.19
C GLY A 15 7.05 -2.56 -5.21
N ILE A 16 6.15 -1.71 -5.71
CA ILE A 16 5.28 -0.88 -4.89
C ILE A 16 3.94 -1.60 -4.78
N THR A 17 3.38 -1.59 -3.58
CA THR A 17 2.11 -2.24 -3.32
C THR A 17 1.06 -1.20 -2.97
N LEU A 18 0.20 -0.85 -3.94
CA LEU A 18 -0.88 0.10 -3.72
C LEU A 18 -2.21 -0.58 -3.99
N PHE A 19 -3.24 -0.13 -3.30
CA PHE A 19 -4.60 -0.65 -3.41
C PHE A 19 -5.55 0.29 -2.69
N VAL A 20 -6.85 0.01 -2.74
CA VAL A 20 -7.86 0.83 -2.11
C VAL A 20 -8.03 0.24 -0.72
N VAL A 21 -8.12 1.12 0.26
CA VAL A 21 -8.30 0.76 1.66
C VAL A 21 -9.06 1.93 2.25
N ASN A 22 -10.10 1.70 3.04
CA ASN A 22 -10.87 2.77 3.68
C ASN A 22 -11.32 3.88 2.71
N ASN A 23 -11.61 3.49 1.46
CA ASN A 23 -12.06 4.30 0.34
C ASN A 23 -11.03 5.33 -0.16
N ARG A 24 -9.75 4.99 -0.06
CA ARG A 24 -8.62 5.81 -0.45
C ARG A 24 -7.50 4.95 -1.00
N LEU A 25 -6.63 5.53 -1.81
CA LEU A 25 -5.50 4.79 -2.36
C LEU A 25 -4.29 5.03 -1.46
N GLN A 26 -3.47 4.01 -1.22
CA GLN A 26 -2.25 4.14 -0.42
C GLN A 26 -1.21 3.20 -1.02
N TYR A 27 0.08 3.52 -0.89
CA TYR A 27 1.19 2.73 -1.40
C TYR A 27 2.19 2.39 -0.31
N GLU A 28 2.98 1.32 -0.50
CA GLU A 28 3.98 0.86 0.44
C GLU A 28 5.11 0.14 -0.32
N THR A 29 6.35 0.32 0.14
CA THR A 29 7.55 -0.32 -0.43
C THR A 29 8.80 0.11 0.34
N SER A 30 9.74 -0.75 0.70
CA SER A 30 10.97 -0.19 1.29
C SER A 30 12.00 -0.51 0.20
N ARG A 31 12.12 0.24 -0.92
CA ARG A 31 13.19 -0.13 -1.86
C ARG A 31 14.20 0.96 -2.16
N ASP A 32 13.82 1.85 -3.08
CA ASP A 32 14.55 3.03 -3.49
C ASP A 32 13.93 4.37 -3.18
N SER A 33 12.60 4.34 -3.27
CA SER A 33 11.56 5.37 -3.15
C SER A 33 10.57 5.04 -4.27
N ILE A 34 9.81 6.04 -4.73
CA ILE A 34 8.81 5.85 -5.78
C ILE A 34 9.21 6.56 -7.07
N PRO A 35 9.20 5.87 -8.23
CA PRO A 35 9.52 6.47 -9.52
C PRO A 35 8.42 7.46 -9.92
N THR A 36 8.78 8.69 -10.26
CA THR A 36 7.85 9.73 -10.67
C THR A 36 7.03 9.24 -11.88
N GLU A 37 7.55 8.30 -12.69
CA GLU A 37 6.83 7.82 -13.87
C GLU A 37 5.43 7.32 -13.55
N LEU A 38 5.31 6.43 -12.57
CA LEU A 38 4.03 5.91 -12.15
C LEU A 38 3.39 6.86 -11.16
N LEU A 39 4.17 7.43 -10.26
CA LEU A 39 3.70 8.34 -9.22
C LEU A 39 2.99 9.56 -9.78
N ASN A 40 3.56 10.22 -10.80
CA ASN A 40 2.94 11.37 -11.44
C ASN A 40 1.57 10.97 -12.00
N LYS A 41 1.47 9.74 -12.52
CA LYS A 41 0.23 9.19 -13.06
C LYS A 41 -0.72 8.87 -11.91
N TRP A 42 -0.21 8.34 -10.80
CA TRP A 42 -0.99 7.96 -9.64
C TRP A 42 -1.79 9.11 -9.09
N LYS A 43 -1.13 10.23 -8.76
CA LYS A 43 -1.85 11.37 -8.21
C LYS A 43 -2.85 11.93 -9.20
N GLN A 44 -2.51 11.90 -10.49
CA GLN A 44 -3.36 12.39 -11.54
C GLN A 44 -4.62 11.54 -11.71
N HIS A 45 -4.48 10.22 -11.69
CA HIS A 45 -5.58 9.25 -11.87
C HIS A 45 -6.02 8.63 -10.55
N LYS A 46 -5.75 9.31 -9.43
CA LYS A 46 -6.05 8.91 -8.07
C LYS A 46 -7.51 8.46 -7.95
N GLN A 47 -8.43 9.28 -8.44
CA GLN A 47 -9.84 8.97 -8.37
C GLN A 47 -10.18 7.75 -9.20
N GLU A 48 -9.51 7.51 -10.33
CA GLU A 48 -9.79 6.36 -11.19
C GLU A 48 -9.47 5.07 -10.48
N LEU A 49 -8.36 5.01 -9.72
CA LEU A 49 -8.04 3.79 -9.00
C LEU A 49 -9.08 3.62 -7.91
N ILE A 50 -9.31 4.63 -7.09
CA ILE A 50 -10.27 4.59 -6.00
C ILE A 50 -11.65 4.19 -6.53
N ASP A 51 -12.02 4.60 -7.73
CA ASP A 51 -13.30 4.31 -8.38
C ASP A 51 -13.40 2.87 -8.87
N PHE A 52 -12.39 2.38 -9.59
CA PHE A 52 -12.36 1.02 -10.11
C PHE A 52 -12.04 0.03 -8.98
N LEU A 53 -10.92 0.22 -8.26
CA LEU A 53 -10.50 -0.65 -7.17
C LEU A 53 -11.61 -0.76 -6.12
N ASN A 54 -12.41 0.31 -5.90
CA ASN A 54 -13.51 0.18 -4.93
C ASN A 54 -14.51 -0.88 -5.39
N GLN A 55 -14.77 -0.91 -6.70
CA GLN A 55 -15.72 -1.86 -7.30
C GLN A 55 -15.16 -3.27 -7.17
N LEU A 56 -13.86 -3.42 -7.43
CA LEU A 56 -13.15 -4.69 -7.35
C LEU A 56 -13.32 -5.27 -5.94
N ASP A 57 -13.06 -4.47 -4.91
CA ASP A 57 -13.18 -4.87 -3.51
C ASP A 57 -14.61 -5.26 -3.13
N SER A 58 -15.61 -4.76 -3.86
CA SER A 58 -17.00 -5.09 -3.61
C SER A 58 -17.31 -6.41 -4.29
N GLU A 59 -16.71 -6.68 -5.45
CA GLU A 59 -16.94 -7.93 -6.15
C GLU A 59 -16.26 -9.08 -5.38
N GLU A 60 -15.13 -8.79 -4.75
CA GLU A 60 -14.31 -9.72 -3.98
C GLU A 60 -14.82 -9.95 -2.56
N GLN A 61 -15.18 -8.87 -1.86
CA GLN A 61 -15.63 -8.88 -0.47
C GLN A 61 -14.62 -9.57 0.49
N THR A 62 -13.37 -9.76 0.04
CA THR A 62 -12.29 -10.38 0.78
C THR A 62 -11.10 -9.40 0.79
N LYS A 63 -10.06 -9.73 1.55
CA LYS A 63 -8.80 -9.01 1.72
C LYS A 63 -7.88 -9.90 2.56
N GLY A 64 -6.63 -9.50 2.76
CA GLY A 64 -5.68 -10.29 3.54
C GLY A 64 -4.63 -9.44 4.23
N SER A 65 -3.73 -10.11 4.96
CA SER A 65 -2.62 -9.54 5.72
C SER A 65 -1.33 -10.25 5.33
N GLY A 66 -0.19 -9.79 5.88
CA GLY A 66 1.12 -10.38 5.62
C GLY A 66 1.33 -11.56 6.59
N SER A 67 2.48 -12.22 6.50
CA SER A 67 2.86 -13.34 7.35
C SER A 67 4.37 -13.27 7.57
N GLY A 68 4.86 -13.72 8.73
CA GLY A 68 6.27 -13.70 9.08
C GLY A 68 7.02 -14.90 8.47
N SER A 69 8.32 -15.00 8.77
CA SER A 69 9.21 -16.04 8.29
C SER A 69 10.04 -16.58 9.47
N GLY A 70 9.85 -17.85 9.84
CA GLY A 70 10.56 -18.50 10.93
C GLY A 70 9.70 -19.58 11.58
N SER A 71 10.33 -20.42 12.42
CA SER A 71 9.74 -21.51 13.19
C SER A 71 10.72 -21.90 14.29
N GLY A 72 10.25 -22.55 15.35
CA GLY A 72 11.05 -23.01 16.49
C GLY A 72 10.40 -24.25 17.12
N SER A 73 11.05 -24.84 18.11
CA SER A 73 10.56 -26.03 18.82
C SER A 73 11.23 -26.23 20.19
N GLY A 74 12.14 -25.34 20.59
CA GLY A 74 12.88 -25.39 21.83
C GLY A 74 14.28 -24.86 21.53
N SER A 75 15.32 -25.43 22.15
CA SER A 75 16.71 -25.06 21.96
C SER A 75 16.91 -23.53 21.98
N LEU A 76 16.32 -22.89 23.00
CA LEU A 76 16.31 -21.45 23.25
C LEU A 76 17.70 -20.82 23.23
N LEU A 77 18.77 -21.60 23.41
CA LEU A 77 20.13 -21.07 23.36
C LEU A 77 20.39 -20.41 21.99
N LYS A 78 19.72 -20.86 20.91
CA LYS A 78 19.92 -20.23 19.60
C LYS A 78 19.30 -18.83 19.62
N GLU A 79 18.12 -18.70 20.24
CA GLU A 79 17.42 -17.45 20.34
C GLU A 79 18.22 -16.50 21.24
N LYS A 80 18.71 -16.97 22.39
CA LYS A 80 19.48 -16.10 23.27
C LYS A 80 20.74 -15.60 22.55
N ARG A 81 21.39 -16.44 21.72
CA ARG A 81 22.59 -16.01 20.98
C ARG A 81 22.22 -14.87 20.03
N LYS A 82 21.15 -15.00 19.23
CA LYS A 82 20.77 -13.91 18.32
C LYS A 82 20.27 -12.70 19.10
N HIS A 83 19.72 -12.87 20.31
CA HIS A 83 19.28 -11.72 21.10
C HIS A 83 20.54 -10.94 21.45
N PHE A 84 21.59 -11.61 21.95
CA PHE A 84 22.86 -10.99 22.34
C PHE A 84 23.47 -10.20 21.18
N GLN A 85 23.48 -10.75 19.96
CA GLN A 85 24.03 -10.04 18.82
C GLN A 85 23.31 -10.46 17.54
N ALA A 86 22.79 -9.47 16.83
CA ALA A 86 22.08 -9.61 15.57
C ALA A 86 22.05 -8.24 14.89
N GLU A 87 21.69 -8.23 13.61
CA GLU A 87 21.63 -6.99 12.83
C GLU A 87 20.30 -6.24 13.00
N GLN A 88 19.37 -6.93 13.64
CA GLN A 88 18.01 -6.54 13.99
C GLN A 88 17.15 -6.18 12.79
N ASN A 89 15.92 -5.74 13.08
CA ASN A 89 14.89 -5.35 12.14
C ASN A 89 14.31 -3.98 12.46
N SER A 90 15.17 -2.96 12.62
CA SER A 90 14.67 -1.62 12.92
C SER A 90 13.75 -1.14 11.77
N SER A 91 14.02 -1.63 10.55
CA SER A 91 13.31 -1.39 9.31
C SER A 91 12.58 -0.05 9.28
N GLN A 92 13.38 1.01 9.16
CA GLN A 92 13.01 2.41 9.09
C GLN A 92 13.09 2.95 7.68
N GLU A 93 13.29 2.07 6.70
CA GLU A 93 13.42 2.46 5.30
C GLU A 93 12.10 2.46 4.54
N TYR A 94 11.08 1.96 5.22
CA TYR A 94 9.74 1.83 4.71
C TYR A 94 9.16 3.22 4.50
N LEU A 95 8.89 3.51 3.23
CA LEU A 95 8.31 4.74 2.74
C LEU A 95 6.93 4.38 2.19
N ARG A 96 5.90 5.08 2.63
CA ARG A 96 4.51 4.87 2.24
C ARG A 96 3.84 6.23 2.11
N GLY A 97 2.72 6.26 1.41
CA GLY A 97 1.95 7.49 1.24
C GLY A 97 0.54 7.22 0.76
N GLU A 98 -0.19 8.30 0.48
CA GLU A 98 -1.57 8.30 0.03
C GLU A 98 -1.74 9.04 -1.29
N ILE A 99 -2.04 8.31 -2.36
CA ILE A 99 -2.27 8.84 -3.69
C ILE A 99 -3.61 9.55 -3.63
N GLY A 1 -8.55 8.03 -20.47
CA GLY A 1 -9.09 6.75 -20.01
C GLY A 1 -7.93 5.85 -19.64
N ILE A 2 -7.97 5.23 -18.47
CA ILE A 2 -6.97 4.35 -17.90
C ILE A 2 -7.69 3.40 -16.95
N ASP A 3 -7.28 2.14 -16.85
CA ASP A 3 -7.86 1.15 -15.96
C ASP A 3 -7.07 1.12 -14.67
N ALA A 4 -7.73 1.06 -13.51
CA ALA A 4 -7.03 1.01 -12.24
C ALA A 4 -6.06 -0.17 -12.18
N ALA A 5 -6.46 -1.32 -12.72
CA ALA A 5 -5.66 -2.53 -12.72
C ALA A 5 -4.33 -2.26 -13.45
N GLN A 6 -4.37 -1.50 -14.56
CA GLN A 6 -3.18 -1.17 -15.31
C GLN A 6 -2.23 -0.31 -14.51
N ILE A 7 -2.77 0.56 -13.65
CA ILE A 7 -1.98 1.44 -12.81
C ILE A 7 -1.33 0.63 -11.67
N VAL A 8 -2.08 -0.31 -11.09
CA VAL A 8 -1.59 -1.17 -10.01
C VAL A 8 -0.51 -2.11 -10.55
N ASP A 9 -0.69 -2.68 -11.75
CA ASP A 9 0.27 -3.62 -12.33
C ASP A 9 1.67 -3.04 -12.38
N GLU A 10 1.78 -1.77 -12.82
CA GLU A 10 3.06 -1.09 -12.91
C GLU A 10 3.69 -0.95 -11.51
N ALA A 11 2.86 -0.80 -10.48
CA ALA A 11 3.31 -0.69 -9.10
C ALA A 11 3.98 -2.02 -8.73
N LEU A 12 3.30 -3.15 -8.98
CA LEU A 12 3.82 -4.46 -8.63
C LEU A 12 5.11 -4.80 -9.36
N GLU A 13 5.21 -4.51 -10.65
CA GLU A 13 6.46 -4.81 -11.38
C GLU A 13 7.57 -3.93 -10.78
N GLN A 14 7.24 -2.72 -10.31
CA GLN A 14 8.21 -1.84 -9.69
C GLN A 14 8.47 -2.19 -8.21
N GLY A 15 7.69 -3.08 -7.62
CA GLY A 15 7.84 -3.50 -6.24
C GLY A 15 7.02 -2.67 -5.25
N ILE A 16 6.09 -1.84 -5.71
CA ILE A 16 5.24 -1.02 -4.83
C ILE A 16 3.89 -1.69 -4.71
N THR A 17 3.32 -1.69 -3.51
CA THR A 17 2.02 -2.31 -3.28
C THR A 17 1.00 -1.26 -2.86
N LEU A 18 0.15 -0.84 -3.82
CA LEU A 18 -0.93 0.13 -3.58
C LEU A 18 -2.28 -0.52 -3.85
N PHE A 19 -3.34 -0.05 -3.17
CA PHE A 19 -4.69 -0.57 -3.28
C PHE A 19 -5.70 0.31 -2.55
N VAL A 20 -7.00 -0.03 -2.62
CA VAL A 20 -8.04 0.74 -1.97
C VAL A 20 -8.16 0.15 -0.59
N VAL A 21 -8.15 1.09 0.35
CA VAL A 21 -8.25 0.79 1.74
C VAL A 21 -8.97 1.98 2.33
N ASN A 22 -10.15 1.77 2.90
CA ASN A 22 -10.93 2.82 3.55
C ASN A 22 -11.19 4.05 2.68
N ASN A 23 -11.54 3.79 1.42
CA ASN A 23 -11.87 4.72 0.35
C ASN A 23 -10.73 5.63 -0.08
N ARG A 24 -9.49 5.24 0.17
CA ARG A 24 -8.33 6.04 -0.15
C ARG A 24 -7.31 5.16 -0.83
N LEU A 25 -6.42 5.76 -1.60
CA LEU A 25 -5.37 5.03 -2.28
C LEU A 25 -4.11 5.27 -1.50
N GLN A 26 -3.40 4.21 -1.18
CA GLN A 26 -2.15 4.32 -0.45
C GLN A 26 -1.18 3.30 -1.02
N TYR A 27 0.11 3.61 -0.93
CA TYR A 27 1.20 2.77 -1.40
C TYR A 27 2.17 2.50 -0.28
N GLU A 28 2.90 1.38 -0.38
CA GLU A 28 3.89 0.96 0.60
C GLU A 28 4.93 0.11 -0.11
N THR A 29 6.20 0.26 0.28
CA THR A 29 7.34 -0.46 -0.23
C THR A 29 8.59 0.01 0.50
N SER A 30 9.58 -0.84 0.79
CA SER A 30 10.82 -0.30 1.35
C SER A 30 11.83 -0.57 0.24
N ARG A 31 11.97 0.23 -0.84
CA ARG A 31 13.04 -0.13 -1.79
C ARG A 31 14.07 0.97 -2.06
N ASP A 32 13.70 1.89 -2.96
CA ASP A 32 14.45 3.09 -3.33
C ASP A 32 13.81 4.41 -2.99
N SER A 33 12.48 4.37 -3.14
CA SER A 33 11.43 5.39 -3.03
C SER A 33 10.53 5.15 -4.26
N ILE A 34 9.64 6.10 -4.59
CA ILE A 34 8.73 5.94 -5.72
C ILE A 34 9.18 6.68 -7.00
N PRO A 35 9.20 6.02 -8.18
CA PRO A 35 9.53 6.55 -9.49
C PRO A 35 8.39 7.46 -9.92
N THR A 36 8.74 8.62 -10.45
CA THR A 36 7.78 9.58 -10.94
C THR A 36 7.02 8.99 -12.13
N GLU A 37 7.60 8.02 -12.84
CA GLU A 37 6.96 7.44 -14.04
C GLU A 37 5.52 7.02 -13.75
N LEU A 38 5.34 6.22 -12.69
CA LEU A 38 4.06 5.75 -12.24
C LEU A 38 3.40 6.74 -11.29
N LEU A 39 4.16 7.30 -10.34
CA LEU A 39 3.66 8.22 -9.33
C LEU A 39 2.99 9.46 -9.90
N ASN A 40 3.61 10.10 -10.88
CA ASN A 40 3.05 11.28 -11.52
C ASN A 40 1.66 10.94 -12.05
N LYS A 41 1.49 9.73 -12.61
CA LYS A 41 0.21 9.25 -13.14
C LYS A 41 -0.72 8.90 -11.98
N TRP A 42 -0.20 8.33 -10.89
CA TRP A 42 -0.98 7.92 -9.73
C TRP A 42 -1.81 9.07 -9.21
N LYS A 43 -1.16 10.20 -8.94
CA LYS A 43 -1.91 11.33 -8.42
C LYS A 43 -2.82 11.92 -9.48
N GLN A 44 -2.37 11.96 -10.74
CA GLN A 44 -3.16 12.49 -11.83
C GLN A 44 -4.47 11.71 -11.98
N HIS A 45 -4.45 10.39 -11.71
CA HIS A 45 -5.60 9.50 -11.82
C HIS A 45 -5.97 8.86 -10.49
N LYS A 46 -5.74 9.59 -9.39
CA LYS A 46 -6.00 9.18 -8.01
C LYS A 46 -7.39 8.60 -7.86
N GLN A 47 -8.36 9.37 -8.31
CA GLN A 47 -9.76 9.03 -8.24
C GLN A 47 -10.11 7.81 -9.07
N GLU A 48 -9.44 7.60 -10.20
CA GLU A 48 -9.73 6.46 -11.07
C GLU A 48 -9.50 5.14 -10.36
N LEU A 49 -8.42 5.06 -9.59
CA LEU A 49 -8.10 3.86 -8.84
C LEU A 49 -9.14 3.64 -7.77
N ILE A 50 -9.39 4.64 -6.94
CA ILE A 50 -10.36 4.58 -5.87
C ILE A 50 -11.72 4.17 -6.41
N ASP A 51 -12.07 4.61 -7.61
CA ASP A 51 -13.36 4.33 -8.24
C ASP A 51 -13.49 2.90 -8.75
N PHE A 52 -12.49 2.42 -9.48
CA PHE A 52 -12.45 1.06 -10.04
C PHE A 52 -12.12 0.05 -8.94
N LEU A 53 -11.02 0.25 -8.21
CA LEU A 53 -10.62 -0.65 -7.13
C LEU A 53 -11.77 -0.81 -6.12
N ASN A 54 -12.55 0.26 -5.90
CA ASN A 54 -13.70 0.19 -4.99
C ASN A 54 -14.66 -0.93 -5.40
N GLN A 55 -14.86 -1.14 -6.71
CA GLN A 55 -15.73 -2.16 -7.27
C GLN A 55 -15.05 -3.54 -7.27
N LEU A 56 -13.77 -3.59 -7.65
CA LEU A 56 -12.97 -4.81 -7.72
C LEU A 56 -12.91 -5.57 -6.40
N ASP A 57 -12.76 -4.90 -5.26
CA ASP A 57 -12.71 -5.61 -3.97
C ASP A 57 -14.09 -6.22 -3.64
N SER A 58 -15.16 -5.63 -4.20
CA SER A 58 -16.52 -6.10 -4.02
C SER A 58 -16.71 -7.41 -4.80
N GLU A 59 -15.85 -7.69 -5.77
CA GLU A 59 -15.90 -8.92 -6.55
C GLU A 59 -15.28 -10.07 -5.73
N GLU A 60 -14.28 -9.76 -4.90
CA GLU A 60 -13.55 -10.69 -4.04
C GLU A 60 -14.30 -10.97 -2.75
N GLN A 61 -14.88 -9.93 -2.14
CA GLN A 61 -15.63 -9.93 -0.90
C GLN A 61 -14.80 -10.52 0.24
N THR A 62 -13.57 -10.04 0.37
CA THR A 62 -12.61 -10.44 1.38
C THR A 62 -12.26 -9.30 2.34
N LYS A 63 -11.48 -9.60 3.39
CA LYS A 63 -11.08 -8.62 4.37
C LYS A 63 -9.76 -8.99 5.04
N GLY A 64 -9.16 -8.02 5.73
CA GLY A 64 -7.89 -8.18 6.41
C GLY A 64 -6.78 -7.86 5.41
N SER A 65 -5.53 -8.07 5.82
CA SER A 65 -4.32 -7.85 5.03
C SER A 65 -3.22 -8.79 5.57
N GLY A 66 -2.06 -8.82 4.92
CA GLY A 66 -0.89 -9.63 5.29
C GLY A 66 0.35 -8.74 5.36
N SER A 67 1.47 -9.25 4.85
CA SER A 67 2.80 -8.64 4.78
C SER A 67 3.47 -8.56 6.15
N GLY A 68 4.80 -8.60 6.16
CA GLY A 68 5.59 -8.53 7.38
C GLY A 68 6.95 -9.18 7.29
N SER A 69 7.26 -9.96 6.27
CA SER A 69 8.55 -10.62 6.10
C SER A 69 9.70 -9.60 6.02
N GLY A 70 10.90 -9.98 6.47
CA GLY A 70 12.08 -9.15 6.49
C GLY A 70 13.22 -9.90 7.18
N SER A 71 14.26 -10.27 6.42
CA SER A 71 15.44 -10.99 6.87
C SER A 71 16.53 -10.90 5.78
N GLY A 72 17.67 -11.57 5.99
CA GLY A 72 18.80 -11.61 5.07
C GLY A 72 19.70 -12.81 5.30
N SER A 73 20.88 -12.86 4.68
CA SER A 73 21.85 -13.96 4.80
C SER A 73 22.08 -14.37 6.25
N GLY A 74 22.64 -13.47 7.07
CA GLY A 74 22.94 -13.69 8.46
C GLY A 74 24.29 -14.36 8.62
N SER A 75 25.22 -13.72 9.34
CA SER A 75 26.56 -14.23 9.59
C SER A 75 26.96 -13.75 10.98
N LEU A 76 27.53 -14.63 11.80
CA LEU A 76 27.95 -14.31 13.17
C LEU A 76 28.93 -13.15 13.22
N LEU A 77 29.86 -13.07 12.26
CA LEU A 77 30.85 -12.01 12.22
C LEU A 77 30.19 -10.62 12.10
N LYS A 78 29.19 -10.47 11.22
CA LYS A 78 28.55 -9.17 11.08
C LYS A 78 27.55 -8.96 12.22
N GLU A 79 26.92 -10.04 12.69
CA GLU A 79 25.94 -10.02 13.77
C GLU A 79 26.58 -9.44 15.03
N LYS A 80 27.76 -9.91 15.44
CA LYS A 80 28.37 -9.35 16.64
C LYS A 80 28.76 -7.90 16.40
N ARG A 81 29.20 -7.52 15.18
CA ARG A 81 29.58 -6.14 14.89
C ARG A 81 28.38 -5.21 15.12
N LYS A 82 27.20 -5.55 14.58
CA LYS A 82 26.00 -4.72 14.77
C LYS A 82 25.58 -4.73 16.24
N HIS A 83 25.64 -5.91 16.90
CA HIS A 83 25.26 -6.07 18.29
C HIS A 83 26.01 -5.12 19.23
N PHE A 84 27.28 -4.79 18.93
CA PHE A 84 28.03 -3.87 19.79
C PHE A 84 27.36 -2.50 19.79
N GLN A 85 27.09 -1.92 18.61
CA GLN A 85 26.44 -0.62 18.45
C GLN A 85 25.70 -0.59 17.12
N ALA A 86 24.39 -0.40 17.19
CA ALA A 86 23.44 -0.29 16.10
C ALA A 86 22.07 -0.06 16.71
N GLU A 87 21.19 0.62 15.98
CA GLU A 87 19.83 0.93 16.40
C GLU A 87 18.79 0.56 15.36
N GLN A 88 19.25 0.03 14.25
CA GLN A 88 18.41 -0.36 13.14
C GLN A 88 17.39 -1.38 13.58
N ASN A 89 16.18 -0.90 13.75
CA ASN A 89 15.02 -1.69 14.14
C ASN A 89 14.56 -2.56 12.95
N SER A 90 15.33 -2.54 11.86
CA SER A 90 15.18 -3.26 10.62
C SER A 90 13.95 -2.86 9.79
N SER A 91 13.15 -1.89 10.25
CA SER A 91 11.96 -1.37 9.60
C SER A 91 12.06 0.12 9.25
N GLN A 92 13.23 0.70 9.46
CA GLN A 92 13.54 2.10 9.24
C GLN A 92 13.68 2.49 7.76
N GLU A 93 13.19 1.67 6.81
CA GLU A 93 13.33 1.96 5.38
C GLU A 93 11.98 1.90 4.63
N TYR A 94 10.88 1.73 5.35
CA TYR A 94 9.53 1.68 4.77
C TYR A 94 9.05 3.09 4.45
N LEU A 95 8.77 3.33 3.18
CA LEU A 95 8.27 4.59 2.68
C LEU A 95 6.85 4.30 2.20
N ARG A 96 5.90 5.15 2.58
CA ARG A 96 4.50 4.99 2.22
C ARG A 96 3.92 6.37 1.96
N GLY A 97 2.79 6.42 1.28
CA GLY A 97 2.10 7.65 0.96
C GLY A 97 0.64 7.36 0.61
N GLU A 98 -0.11 8.41 0.31
CA GLU A 98 -1.53 8.36 -0.04
C GLU A 98 -1.69 9.15 -1.34
N ILE A 99 -1.97 8.45 -2.44
CA ILE A 99 -2.14 9.04 -3.77
C ILE A 99 -3.33 9.99 -3.77
N GLY A 1 -10.41 5.66 -19.85
CA GLY A 1 -9.14 6.21 -20.34
C GLY A 1 -7.93 5.37 -19.93
N ILE A 2 -7.85 4.97 -18.66
CA ILE A 2 -6.80 4.16 -18.06
C ILE A 2 -7.55 3.28 -17.05
N ASP A 3 -7.24 1.99 -17.02
CA ASP A 3 -7.84 1.04 -16.10
C ASP A 3 -6.99 0.91 -14.87
N ALA A 4 -7.63 0.85 -13.71
CA ALA A 4 -6.92 0.73 -12.45
C ALA A 4 -5.97 -0.46 -12.43
N ALA A 5 -6.37 -1.59 -13.01
CA ALA A 5 -5.56 -2.81 -13.03
C ALA A 5 -4.23 -2.58 -13.73
N GLN A 6 -4.21 -1.69 -14.73
CA GLN A 6 -3.02 -1.35 -15.48
C GLN A 6 -2.11 -0.49 -14.60
N ILE A 7 -2.70 0.45 -13.83
CA ILE A 7 -1.91 1.31 -12.97
C ILE A 7 -1.28 0.49 -11.84
N VAL A 8 -2.05 -0.45 -11.26
CA VAL A 8 -1.55 -1.30 -10.19
C VAL A 8 -0.41 -2.17 -10.73
N ASP A 9 -0.53 -2.70 -11.94
CA ASP A 9 0.50 -3.56 -12.53
C ASP A 9 1.85 -2.88 -12.57
N GLU A 10 1.89 -1.59 -12.93
CA GLU A 10 3.12 -0.80 -12.99
C GLU A 10 3.72 -0.71 -11.58
N ALA A 11 2.88 -0.62 -10.56
CA ALA A 11 3.30 -0.54 -9.17
C ALA A 11 3.97 -1.86 -8.79
N LEU A 12 3.32 -2.98 -9.04
CA LEU A 12 3.83 -4.31 -8.68
C LEU A 12 5.18 -4.58 -9.31
N GLU A 13 5.35 -4.29 -10.61
CA GLU A 13 6.64 -4.54 -11.26
C GLU A 13 7.71 -3.60 -10.72
N GLN A 14 7.32 -2.49 -10.09
CA GLN A 14 8.24 -1.56 -9.48
C GLN A 14 8.48 -1.89 -8.00
N GLY A 15 7.80 -2.92 -7.49
CA GLY A 15 7.88 -3.39 -6.12
C GLY A 15 6.95 -2.61 -5.20
N ILE A 16 6.10 -1.73 -5.74
CA ILE A 16 5.17 -0.96 -4.93
C ILE A 16 3.85 -1.72 -4.88
N THR A 17 3.28 -1.79 -3.68
CA THR A 17 2.00 -2.49 -3.54
C THR A 17 0.96 -1.51 -3.02
N LEU A 18 0.11 -1.01 -3.92
CA LEU A 18 -0.97 -0.08 -3.63
C LEU A 18 -2.31 -0.75 -3.89
N PHE A 19 -3.36 -0.25 -3.24
CA PHE A 19 -4.73 -0.72 -3.37
C PHE A 19 -5.65 0.25 -2.62
N VAL A 20 -6.96 0.00 -2.66
CA VAL A 20 -7.92 0.86 -1.99
C VAL A 20 -8.09 0.25 -0.61
N VAL A 21 -8.14 1.14 0.37
CA VAL A 21 -8.31 0.79 1.77
C VAL A 21 -9.10 1.95 2.34
N ASN A 22 -10.18 1.67 3.09
CA ASN A 22 -11.02 2.69 3.72
C ASN A 22 -11.37 3.86 2.78
N ASN A 23 -11.70 3.51 1.54
CA ASN A 23 -12.12 4.34 0.41
C ASN A 23 -11.07 5.38 -0.03
N ARG A 24 -9.80 5.05 0.13
CA ARG A 24 -8.68 5.91 -0.22
C ARG A 24 -7.59 5.07 -0.87
N LEU A 25 -6.73 5.69 -1.67
CA LEU A 25 -5.65 4.97 -2.33
C LEU A 25 -4.40 5.11 -1.48
N GLN A 26 -3.59 4.06 -1.38
CA GLN A 26 -2.36 4.14 -0.59
C GLN A 26 -1.37 3.10 -1.07
N TYR A 27 -0.07 3.40 -0.90
CA TYR A 27 1.04 2.53 -1.30
C TYR A 27 2.00 2.19 -0.16
N GLU A 28 2.81 1.15 -0.37
CA GLU A 28 3.81 0.66 0.58
C GLU A 28 4.92 -0.04 -0.22
N THR A 29 6.19 0.15 0.16
CA THR A 29 7.38 -0.45 -0.44
C THR A 29 8.62 0.03 0.31
N SER A 30 9.59 -0.83 0.59
CA SER A 30 10.83 -0.35 1.19
C SER A 30 11.90 -0.54 0.12
N ARG A 31 12.05 0.31 -0.91
CA ARG A 31 13.19 0.05 -1.80
C ARG A 31 14.17 1.22 -1.97
N ASP A 32 13.80 2.13 -2.87
CA ASP A 32 14.44 3.39 -3.24
C ASP A 32 13.71 4.69 -2.95
N SER A 33 12.40 4.56 -3.16
CA SER A 33 11.30 5.54 -3.11
C SER A 33 10.38 5.10 -4.27
N ILE A 34 9.52 6.02 -4.74
CA ILE A 34 8.57 5.80 -5.81
C ILE A 34 9.02 6.50 -7.10
N PRO A 35 9.08 5.79 -8.23
CA PRO A 35 9.45 6.37 -9.52
C PRO A 35 8.37 7.34 -9.96
N THR A 36 8.78 8.56 -10.32
CA THR A 36 7.88 9.59 -10.78
C THR A 36 7.06 9.11 -11.98
N GLU A 37 7.56 8.15 -12.77
CA GLU A 37 6.83 7.68 -13.95
C GLU A 37 5.42 7.22 -13.58
N LEU A 38 5.31 6.34 -12.57
CA LEU A 38 4.01 5.86 -12.13
C LEU A 38 3.43 6.85 -11.14
N LEU A 39 4.25 7.47 -10.29
CA LEU A 39 3.77 8.42 -9.29
C LEU A 39 3.01 9.58 -9.93
N ASN A 40 3.56 10.15 -10.99
CA ASN A 40 2.94 11.25 -11.73
C ASN A 40 1.52 10.83 -12.13
N LYS A 41 1.42 9.62 -12.68
CA LYS A 41 0.16 9.05 -13.13
C LYS A 41 -0.72 8.79 -11.93
N TRP A 42 -0.20 8.35 -10.79
CA TRP A 42 -1.00 8.08 -9.62
C TRP A 42 -1.77 9.29 -9.17
N LYS A 43 -1.10 10.41 -8.93
CA LYS A 43 -1.79 11.62 -8.48
C LYS A 43 -2.73 12.13 -9.55
N GLN A 44 -2.37 12.01 -10.82
CA GLN A 44 -3.19 12.46 -11.92
C GLN A 44 -4.44 11.60 -12.11
N HIS A 45 -4.36 10.30 -11.79
CA HIS A 45 -5.43 9.30 -11.90
C HIS A 45 -5.79 8.71 -10.53
N LYS A 46 -5.71 9.52 -9.48
CA LYS A 46 -6.02 9.17 -8.10
C LYS A 46 -7.43 8.60 -8.01
N GLN A 47 -8.40 9.34 -8.55
CA GLN A 47 -9.78 8.91 -8.51
C GLN A 47 -9.99 7.70 -9.42
N GLU A 48 -9.27 7.55 -10.52
CA GLU A 48 -9.47 6.40 -11.43
C GLU A 48 -9.27 5.08 -10.69
N LEU A 49 -8.24 4.99 -9.84
CA LEU A 49 -7.96 3.78 -9.09
C LEU A 49 -8.94 3.64 -7.97
N ILE A 50 -9.09 4.65 -7.09
CA ILE A 50 -10.05 4.56 -6.00
C ILE A 50 -11.43 4.20 -6.55
N ASP A 51 -11.82 4.67 -7.73
CA ASP A 51 -13.14 4.39 -8.29
C ASP A 51 -13.29 2.96 -8.77
N PHE A 52 -12.28 2.45 -9.48
CA PHE A 52 -12.32 1.08 -9.99
C PHE A 52 -12.09 0.13 -8.82
N LEU A 53 -10.97 0.32 -8.11
CA LEU A 53 -10.55 -0.50 -6.98
C LEU A 53 -11.64 -0.53 -5.90
N ASN A 54 -12.41 0.55 -5.74
CA ASN A 54 -13.52 0.62 -4.75
C ASN A 54 -14.50 -0.52 -4.99
N GLN A 55 -14.83 -0.75 -6.25
CA GLN A 55 -15.74 -1.78 -6.71
C GLN A 55 -15.06 -3.14 -6.75
N LEU A 56 -13.78 -3.20 -7.15
CA LEU A 56 -13.04 -4.46 -7.22
C LEU A 56 -13.05 -5.16 -5.88
N ASP A 57 -12.83 -4.44 -4.77
CA ASP A 57 -12.83 -5.09 -3.45
C ASP A 57 -14.17 -5.76 -3.17
N SER A 58 -15.27 -5.21 -3.69
CA SER A 58 -16.60 -5.78 -3.48
C SER A 58 -16.82 -6.96 -4.43
N GLU A 59 -16.09 -7.02 -5.54
CA GLU A 59 -16.17 -8.09 -6.50
C GLU A 59 -15.34 -9.29 -5.99
N GLU A 60 -14.22 -9.02 -5.32
CA GLU A 60 -13.27 -9.96 -4.73
C GLU A 60 -13.69 -10.48 -3.36
N GLN A 61 -14.13 -9.58 -2.47
CA GLN A 61 -14.57 -9.82 -1.10
C GLN A 61 -13.58 -10.65 -0.26
N THR A 62 -12.28 -10.55 -0.54
CA THR A 62 -11.27 -11.30 0.20
C THR A 62 -10.84 -10.58 1.47
N LYS A 63 -10.12 -11.32 2.31
CA LYS A 63 -9.60 -10.80 3.55
C LYS A 63 -8.34 -10.00 3.28
N GLY A 64 -8.02 -9.09 4.18
CA GLY A 64 -6.85 -8.27 4.04
C GLY A 64 -5.68 -8.87 4.81
N SER A 65 -4.51 -8.88 4.18
CA SER A 65 -3.26 -9.39 4.71
C SER A 65 -2.65 -8.34 5.66
N GLY A 66 -1.45 -8.58 6.21
CA GLY A 66 -0.75 -7.68 7.11
C GLY A 66 -1.65 -7.32 8.30
N SER A 67 -1.55 -6.07 8.76
CA SER A 67 -2.35 -5.56 9.87
C SER A 67 -3.85 -5.50 9.51
N GLY A 68 -4.18 -5.70 8.22
CA GLY A 68 -5.51 -5.70 7.64
C GLY A 68 -5.56 -4.82 6.40
N SER A 69 -6.58 -5.03 5.57
CA SER A 69 -6.83 -4.29 4.33
C SER A 69 -8.30 -4.43 3.88
N GLY A 70 -9.14 -5.15 4.63
CA GLY A 70 -10.54 -5.37 4.31
C GLY A 70 -11.16 -6.24 5.40
N SER A 71 -11.76 -7.37 5.04
CA SER A 71 -12.38 -8.31 5.99
C SER A 71 -13.53 -7.70 6.81
N GLY A 72 -14.49 -7.03 6.16
CA GLY A 72 -15.64 -6.41 6.81
C GLY A 72 -16.52 -7.47 7.47
N SER A 73 -16.32 -7.68 8.77
CA SER A 73 -17.01 -8.64 9.62
C SER A 73 -17.45 -8.03 10.97
N GLY A 74 -17.49 -6.71 11.09
CA GLY A 74 -17.87 -6.05 12.33
C GLY A 74 -16.80 -6.36 13.39
N SER A 75 -17.19 -6.49 14.65
CA SER A 75 -16.30 -6.81 15.78
C SER A 75 -15.03 -5.93 15.81
N LEU A 76 -15.09 -4.70 15.30
CA LEU A 76 -14.00 -3.72 15.19
C LEU A 76 -13.21 -3.49 16.48
N LEU A 77 -13.75 -3.78 17.66
CA LEU A 77 -13.00 -3.62 18.90
C LEU A 77 -11.74 -4.50 18.86
N LYS A 78 -11.79 -5.64 18.14
CA LYS A 78 -10.67 -6.55 18.00
C LYS A 78 -9.50 -5.85 17.31
N GLU A 79 -9.80 -4.95 16.37
CA GLU A 79 -8.82 -4.20 15.61
C GLU A 79 -8.10 -3.24 16.55
N LYS A 80 -8.86 -2.49 17.34
CA LYS A 80 -8.24 -1.55 18.24
C LYS A 80 -7.30 -2.29 19.20
N ARG A 81 -7.74 -3.44 19.71
CA ARG A 81 -6.96 -4.27 20.63
C ARG A 81 -5.68 -4.78 19.95
N LYS A 82 -5.75 -5.32 18.74
CA LYS A 82 -4.52 -5.80 18.10
C LYS A 82 -3.59 -4.63 17.84
N HIS A 83 -4.10 -3.48 17.38
CA HIS A 83 -3.28 -2.31 17.09
C HIS A 83 -2.56 -1.81 18.35
N PHE A 84 -3.14 -2.05 19.54
CA PHE A 84 -2.54 -1.65 20.80
C PHE A 84 -1.14 -2.27 20.95
N GLN A 85 -0.98 -3.54 20.56
CA GLN A 85 0.28 -4.27 20.63
C GLN A 85 0.29 -5.35 19.54
N ALA A 86 1.25 -5.28 18.61
CA ALA A 86 1.36 -6.23 17.52
C ALA A 86 2.77 -6.41 16.98
N GLU A 87 3.73 -5.91 17.76
CA GLU A 87 5.16 -5.91 17.49
C GLU A 87 5.47 -5.14 16.20
N GLN A 88 6.74 -5.12 15.82
CA GLN A 88 7.28 -4.47 14.64
C GLN A 88 8.71 -4.95 14.48
N ASN A 89 9.34 -4.54 13.38
CA ASN A 89 10.70 -4.89 13.01
C ASN A 89 11.52 -3.60 12.80
N SER A 90 11.07 -2.47 13.36
CA SER A 90 11.68 -1.14 13.27
C SER A 90 11.36 -0.54 11.89
N SER A 91 11.71 -1.25 10.81
CA SER A 91 11.45 -0.86 9.42
C SER A 91 11.84 0.60 9.12
N GLN A 92 13.08 0.97 9.46
CA GLN A 92 13.71 2.28 9.30
C GLN A 92 13.90 2.78 7.86
N GLU A 93 13.40 2.05 6.88
CA GLU A 93 13.51 2.35 5.45
C GLU A 93 12.21 2.08 4.69
N TYR A 94 11.14 1.77 5.40
CA TYR A 94 9.84 1.49 4.78
C TYR A 94 9.14 2.81 4.54
N LEU A 95 8.88 3.12 3.27
CA LEU A 95 8.20 4.35 2.86
C LEU A 95 6.81 4.02 2.36
N ARG A 96 5.87 4.90 2.67
CA ARG A 96 4.46 4.76 2.32
C ARG A 96 3.88 6.13 2.02
N GLY A 97 2.74 6.14 1.35
CA GLY A 97 2.05 7.37 1.02
C GLY A 97 0.61 7.06 0.60
N GLU A 98 -0.17 8.13 0.38
CA GLU A 98 -1.57 8.08 0.00
C GLU A 98 -1.78 8.91 -1.25
N ILE A 99 -2.23 8.29 -2.33
CA ILE A 99 -2.53 8.97 -3.59
C ILE A 99 -3.89 9.63 -3.39
N GLY A 1 -8.75 6.47 -21.20
CA GLY A 1 -9.39 5.52 -20.28
C GLY A 1 -8.35 4.56 -19.74
N ILE A 2 -7.76 4.94 -18.61
CA ILE A 2 -6.76 4.15 -17.94
C ILE A 2 -7.52 3.23 -16.96
N ASP A 3 -7.13 1.97 -16.92
CA ASP A 3 -7.71 0.98 -16.04
C ASP A 3 -6.88 0.91 -14.77
N ALA A 4 -7.55 0.85 -13.62
CA ALA A 4 -6.86 0.78 -12.34
C ALA A 4 -5.86 -0.36 -12.32
N ALA A 5 -6.22 -1.50 -12.91
CA ALA A 5 -5.38 -2.68 -12.95
C ALA A 5 -4.05 -2.34 -13.60
N GLN A 6 -4.05 -1.58 -14.69
CA GLN A 6 -2.82 -1.22 -15.40
C GLN A 6 -1.93 -0.34 -14.52
N ILE A 7 -2.54 0.51 -13.72
CA ILE A 7 -1.81 1.40 -12.84
C ILE A 7 -1.21 0.58 -11.68
N VAL A 8 -1.98 -0.34 -11.10
CA VAL A 8 -1.52 -1.20 -10.01
C VAL A 8 -0.44 -2.15 -10.56
N ASP A 9 -0.62 -2.68 -11.77
CA ASP A 9 0.31 -3.59 -12.44
C ASP A 9 1.70 -2.95 -12.47
N GLU A 10 1.75 -1.68 -12.86
CA GLU A 10 2.98 -0.91 -12.95
C GLU A 10 3.63 -0.77 -11.56
N ALA A 11 2.82 -0.70 -10.50
CA ALA A 11 3.29 -0.57 -9.13
C ALA A 11 3.97 -1.86 -8.72
N LEU A 12 3.30 -2.99 -8.92
CA LEU A 12 3.82 -4.29 -8.54
C LEU A 12 5.14 -4.59 -9.20
N GLU A 13 5.25 -4.36 -10.51
CA GLU A 13 6.52 -4.60 -11.21
C GLU A 13 7.64 -3.73 -10.62
N GLN A 14 7.29 -2.52 -10.16
CA GLN A 14 8.25 -1.59 -9.57
C GLN A 14 8.54 -1.93 -8.11
N GLY A 15 7.87 -2.94 -7.57
CA GLY A 15 8.00 -3.42 -6.20
C GLY A 15 7.12 -2.64 -5.23
N ILE A 16 6.25 -1.76 -5.73
CA ILE A 16 5.37 -0.95 -4.90
C ILE A 16 4.02 -1.67 -4.78
N THR A 17 3.43 -1.66 -3.59
CA THR A 17 2.15 -2.30 -3.35
C THR A 17 1.09 -1.27 -2.96
N LEU A 18 0.20 -0.86 -3.90
CA LEU A 18 -0.89 0.07 -3.64
C LEU A 18 -2.23 -0.60 -3.90
N PHE A 19 -3.28 -0.12 -3.21
CA PHE A 19 -4.62 -0.67 -3.32
C PHE A 19 -5.65 0.23 -2.63
N VAL A 20 -6.95 -0.13 -2.68
CA VAL A 20 -8.03 0.65 -2.08
C VAL A 20 -8.14 0.13 -0.66
N VAL A 21 -8.09 1.08 0.27
CA VAL A 21 -8.21 0.76 1.67
C VAL A 21 -8.90 1.94 2.32
N ASN A 22 -9.99 1.71 3.03
CA ASN A 22 -10.73 2.76 3.74
C ASN A 22 -11.04 3.99 2.88
N ASN A 23 -11.43 3.71 1.63
CA ASN A 23 -11.82 4.65 0.58
C ASN A 23 -10.70 5.59 0.12
N ARG A 24 -9.46 5.14 0.19
CA ARG A 24 -8.32 5.94 -0.20
C ARG A 24 -7.33 5.05 -0.91
N LEU A 25 -6.49 5.65 -1.74
CA LEU A 25 -5.45 4.90 -2.41
C LEU A 25 -4.23 5.09 -1.51
N GLN A 26 -3.44 4.06 -1.31
CA GLN A 26 -2.26 4.18 -0.48
C GLN A 26 -1.22 3.20 -0.98
N TYR A 27 0.07 3.53 -0.83
CA TYR A 27 1.18 2.69 -1.27
C TYR A 27 2.13 2.38 -0.13
N GLU A 28 2.96 1.37 -0.35
CA GLU A 28 3.97 0.91 0.57
C GLU A 28 5.08 0.23 -0.21
N THR A 29 6.33 0.50 0.17
CA THR A 29 7.50 -0.12 -0.43
C THR A 29 8.74 0.28 0.35
N SER A 30 9.62 -0.67 0.67
CA SER A 30 10.85 -0.23 1.29
C SER A 30 11.90 -0.55 0.23
N ARG A 31 12.08 0.27 -0.83
CA ARG A 31 13.22 -0.10 -1.67
C ARG A 31 14.20 1.05 -1.80
N ASP A 32 13.96 1.91 -2.79
CA ASP A 32 14.68 3.13 -3.08
C ASP A 32 13.94 4.43 -2.95
N SER A 33 12.65 4.40 -3.36
CA SER A 33 11.66 5.48 -3.46
C SER A 33 10.56 5.03 -4.44
N ILE A 34 9.76 5.97 -4.97
CA ILE A 34 8.69 5.77 -5.91
C ILE A 34 9.09 6.44 -7.25
N PRO A 35 9.12 5.71 -8.37
CA PRO A 35 9.45 6.27 -9.68
C PRO A 35 8.37 7.27 -10.09
N THR A 36 8.77 8.49 -10.43
CA THR A 36 7.87 9.55 -10.86
C THR A 36 7.00 9.09 -12.04
N GLU A 37 7.48 8.14 -12.84
CA GLU A 37 6.74 7.65 -14.00
C GLU A 37 5.33 7.22 -13.63
N LEU A 38 5.23 6.36 -12.60
CA LEU A 38 3.98 5.88 -12.10
C LEU A 38 3.41 6.85 -11.09
N LEU A 39 4.23 7.44 -10.22
CA LEU A 39 3.77 8.37 -9.19
C LEU A 39 3.01 9.54 -9.79
N ASN A 40 3.56 10.18 -10.81
CA ASN A 40 2.91 11.29 -11.50
C ASN A 40 1.51 10.87 -12.00
N LYS A 41 1.43 9.68 -12.60
CA LYS A 41 0.20 9.10 -13.14
C LYS A 41 -0.75 8.79 -12.01
N TRP A 42 -0.23 8.26 -10.91
CA TRP A 42 -1.00 7.87 -9.75
C TRP A 42 -1.81 9.01 -9.20
N LYS A 43 -1.16 10.12 -8.90
CA LYS A 43 -1.88 11.25 -8.35
C LYS A 43 -2.86 11.83 -9.36
N GLN A 44 -2.50 11.85 -10.64
CA GLN A 44 -3.38 12.37 -11.65
C GLN A 44 -4.66 11.52 -11.74
N HIS A 45 -4.52 10.19 -11.72
CA HIS A 45 -5.63 9.25 -11.81
C HIS A 45 -5.98 8.66 -10.43
N LYS A 46 -5.71 9.39 -9.35
CA LYS A 46 -5.95 9.01 -7.96
C LYS A 46 -7.36 8.48 -7.81
N GLN A 47 -8.32 9.29 -8.27
CA GLN A 47 -9.72 8.97 -8.21
C GLN A 47 -10.05 7.73 -9.03
N GLU A 48 -9.43 7.56 -10.20
CA GLU A 48 -9.72 6.41 -11.05
C GLU A 48 -9.47 5.10 -10.32
N LEU A 49 -8.39 4.99 -9.55
CA LEU A 49 -8.08 3.77 -8.82
C LEU A 49 -9.15 3.56 -7.77
N ILE A 50 -9.39 4.56 -6.91
CA ILE A 50 -10.38 4.50 -5.85
C ILE A 50 -11.75 4.15 -6.42
N ASP A 51 -12.07 4.63 -7.61
CA ASP A 51 -13.34 4.42 -8.30
C ASP A 51 -13.47 3.00 -8.87
N PHE A 52 -12.45 2.52 -9.60
CA PHE A 52 -12.43 1.20 -10.22
C PHE A 52 -12.20 0.11 -9.16
N LEU A 53 -11.13 0.24 -8.36
CA LEU A 53 -10.78 -0.70 -7.30
C LEU A 53 -11.96 -0.83 -6.33
N ASN A 54 -12.69 0.25 -6.04
CA ASN A 54 -13.86 0.15 -5.12
C ASN A 54 -14.91 -0.87 -5.61
N GLN A 55 -15.10 -1.00 -6.91
CA GLN A 55 -16.05 -1.93 -7.50
C GLN A 55 -15.48 -3.35 -7.32
N LEU A 56 -14.20 -3.51 -7.63
CA LEU A 56 -13.48 -4.76 -7.53
C LEU A 56 -13.48 -5.34 -6.12
N ASP A 57 -13.32 -4.54 -5.08
CA ASP A 57 -13.33 -5.03 -3.70
C ASP A 57 -14.66 -5.70 -3.36
N SER A 58 -15.74 -5.20 -3.97
CA SER A 58 -17.09 -5.74 -3.78
C SER A 58 -17.29 -6.94 -4.70
N GLU A 59 -16.64 -6.96 -5.87
CA GLU A 59 -16.73 -8.05 -6.80
C GLU A 59 -16.03 -9.27 -6.19
N GLU A 60 -14.90 -9.07 -5.52
CA GLU A 60 -14.10 -10.10 -4.88
C GLU A 60 -14.64 -10.50 -3.51
N GLN A 61 -15.23 -9.55 -2.78
CA GLN A 61 -15.77 -9.69 -1.42
C GLN A 61 -14.70 -10.27 -0.46
N THR A 62 -13.43 -10.16 -0.83
CA THR A 62 -12.29 -10.64 -0.11
C THR A 62 -11.97 -9.82 1.11
N LYS A 63 -11.56 -10.52 2.16
CA LYS A 63 -11.15 -9.88 3.40
C LYS A 63 -9.81 -9.20 3.13
N GLY A 64 -9.53 -8.20 3.94
CA GLY A 64 -8.31 -7.42 3.87
C GLY A 64 -7.32 -8.02 4.88
N SER A 65 -6.29 -7.26 5.23
CA SER A 65 -5.30 -7.70 6.21
C SER A 65 -4.67 -6.53 6.99
N GLY A 66 -4.78 -5.29 6.51
CA GLY A 66 -4.23 -4.14 7.19
C GLY A 66 -4.98 -3.89 8.50
N SER A 67 -4.35 -3.18 9.44
CA SER A 67 -4.95 -2.86 10.72
C SER A 67 -6.25 -2.09 10.49
N GLY A 68 -7.30 -2.39 11.24
CA GLY A 68 -8.58 -1.70 11.09
C GLY A 68 -9.29 -1.94 9.75
N SER A 69 -8.76 -2.71 8.80
CA SER A 69 -9.45 -2.95 7.52
C SER A 69 -10.24 -4.26 7.68
N GLY A 70 -11.10 -4.27 8.69
CA GLY A 70 -11.93 -5.38 9.08
C GLY A 70 -11.12 -6.44 9.81
N SER A 71 -11.79 -7.28 10.58
CA SER A 71 -11.22 -8.36 11.35
C SER A 71 -12.34 -9.22 11.93
N GLY A 72 -12.00 -10.34 12.55
CA GLY A 72 -12.95 -11.26 13.17
C GLY A 72 -12.76 -12.68 12.66
N SER A 73 -12.73 -13.64 13.60
CA SER A 73 -12.58 -15.06 13.31
C SER A 73 -11.41 -15.31 12.35
N GLY A 74 -11.59 -16.19 11.36
CA GLY A 74 -10.56 -16.50 10.38
C GLY A 74 -9.38 -17.20 11.02
N SER A 75 -8.21 -16.98 10.44
CA SER A 75 -6.96 -17.56 10.88
C SER A 75 -6.54 -16.92 12.20
N LEU A 76 -6.80 -17.57 13.34
CA LEU A 76 -6.45 -17.07 14.67
C LEU A 76 -4.93 -16.90 14.79
N LEU A 77 -4.15 -17.58 13.94
CA LEU A 77 -2.70 -17.46 13.95
C LEU A 77 -2.27 -15.99 13.82
N LYS A 78 -3.01 -15.14 13.09
CA LYS A 78 -2.68 -13.72 12.92
C LYS A 78 -2.76 -13.01 14.27
N GLU A 79 -3.82 -13.34 15.03
CA GLU A 79 -4.09 -12.80 16.33
C GLU A 79 -2.97 -13.22 17.28
N LYS A 80 -2.65 -14.51 17.28
CA LYS A 80 -1.60 -14.99 18.17
C LYS A 80 -0.25 -14.36 17.81
N ARG A 81 0.04 -14.13 16.52
CA ARG A 81 1.29 -13.53 16.07
C ARG A 81 1.40 -12.13 16.66
N LYS A 82 0.36 -11.29 16.57
CA LYS A 82 0.44 -9.96 17.15
C LYS A 82 0.60 -10.08 18.67
N HIS A 83 -0.10 -11.02 19.32
CA HIS A 83 0.04 -11.21 20.77
C HIS A 83 1.45 -11.71 21.15
N PHE A 84 2.26 -12.14 20.18
CA PHE A 84 3.62 -12.61 20.40
C PHE A 84 4.61 -11.45 20.24
N GLN A 85 4.24 -10.38 19.52
CA GLN A 85 5.06 -9.20 19.30
C GLN A 85 4.14 -8.08 18.85
N ALA A 86 4.08 -7.00 19.62
CA ALA A 86 3.22 -5.84 19.38
C ALA A 86 3.88 -4.48 19.60
N GLU A 87 5.18 -4.49 19.78
CA GLU A 87 6.04 -3.34 20.03
C GLU A 87 7.12 -3.28 18.93
N GLN A 88 8.03 -2.31 19.03
CA GLN A 88 9.14 -2.05 18.10
C GLN A 88 8.63 -1.61 16.73
N ASN A 89 9.59 -1.30 15.85
CA ASN A 89 9.36 -0.82 14.51
C ASN A 89 9.70 -1.89 13.49
N SER A 90 10.76 -2.66 13.71
CA SER A 90 11.25 -3.73 12.81
C SER A 90 11.30 -3.25 11.34
N SER A 91 11.54 -1.96 11.16
CA SER A 91 11.61 -1.23 9.91
C SER A 91 12.26 0.11 10.22
N GLN A 92 13.01 0.64 9.26
CA GLN A 92 13.68 1.92 9.36
C GLN A 92 13.91 2.55 7.98
N GLU A 93 13.33 1.97 6.94
CA GLU A 93 13.50 2.47 5.57
C GLU A 93 12.22 2.37 4.73
N TYR A 94 11.14 1.91 5.35
CA TYR A 94 9.84 1.73 4.69
C TYR A 94 9.21 3.10 4.50
N LEU A 95 9.00 3.48 3.24
CA LEU A 95 8.40 4.74 2.87
C LEU A 95 7.01 4.42 2.34
N ARG A 96 6.04 5.27 2.68
CA ARG A 96 4.65 5.10 2.29
C ARG A 96 3.97 6.40 1.94
N GLY A 97 2.82 6.27 1.28
CA GLY A 97 2.04 7.43 0.91
C GLY A 97 0.59 7.12 0.63
N GLU A 98 -0.14 8.17 0.28
CA GLU A 98 -1.56 8.19 -0.01
C GLU A 98 -1.78 9.03 -1.27
N ILE A 99 -1.99 8.35 -2.39
CA ILE A 99 -2.21 8.92 -3.71
C ILE A 99 -3.53 9.66 -3.66
N GLY A 1 -9.45 5.26 -22.27
CA GLY A 1 -9.16 5.66 -20.89
C GLY A 1 -7.96 4.92 -20.33
N ILE A 2 -7.95 4.71 -19.01
CA ILE A 2 -6.90 4.00 -18.28
C ILE A 2 -7.65 3.10 -17.29
N ASP A 3 -7.26 1.84 -17.21
CA ASP A 3 -7.84 0.86 -16.29
C ASP A 3 -7.00 0.83 -15.03
N ALA A 4 -7.64 0.89 -13.85
CA ALA A 4 -6.94 0.86 -12.59
C ALA A 4 -5.97 -0.32 -12.51
N ALA A 5 -6.37 -1.49 -13.00
CA ALA A 5 -5.55 -2.69 -12.98
C ALA A 5 -4.22 -2.45 -13.70
N GLN A 6 -4.19 -1.64 -14.77
CA GLN A 6 -2.99 -1.32 -15.52
C GLN A 6 -2.07 -0.41 -14.70
N ILE A 7 -2.66 0.51 -13.94
CA ILE A 7 -1.90 1.43 -13.11
C ILE A 7 -1.28 0.64 -11.94
N VAL A 8 -2.04 -0.28 -11.36
CA VAL A 8 -1.57 -1.12 -10.25
C VAL A 8 -0.50 -2.08 -10.76
N ASP A 9 -0.64 -2.66 -11.95
CA ASP A 9 0.35 -3.60 -12.47
C ASP A 9 1.74 -2.99 -12.51
N GLU A 10 1.81 -1.73 -12.96
CA GLU A 10 3.07 -1.00 -13.03
C GLU A 10 3.69 -0.85 -11.63
N ALA A 11 2.87 -0.73 -10.59
CA ALA A 11 3.32 -0.63 -9.23
C ALA A 11 4.06 -1.92 -8.87
N LEU A 12 3.49 -3.07 -9.23
CA LEU A 12 4.07 -4.37 -8.91
C LEU A 12 5.41 -4.59 -9.59
N GLU A 13 5.57 -4.21 -10.86
CA GLU A 13 6.87 -4.38 -11.52
C GLU A 13 7.91 -3.48 -10.84
N GLN A 14 7.47 -2.37 -10.24
CA GLN A 14 8.31 -1.43 -9.52
C GLN A 14 8.49 -1.83 -8.04
N GLY A 15 7.83 -2.91 -7.61
CA GLY A 15 7.87 -3.43 -6.26
C GLY A 15 6.99 -2.68 -5.29
N ILE A 16 6.13 -1.77 -5.77
CA ILE A 16 5.24 -0.98 -4.92
C ILE A 16 3.93 -1.73 -4.81
N THR A 17 3.36 -1.74 -3.61
CA THR A 17 2.11 -2.43 -3.39
C THR A 17 1.04 -1.42 -2.96
N LEU A 18 0.18 -1.04 -3.91
CA LEU A 18 -0.92 -0.12 -3.66
C LEU A 18 -2.25 -0.80 -3.93
N PHE A 19 -3.29 -0.33 -3.25
CA PHE A 19 -4.65 -0.83 -3.36
C PHE A 19 -5.60 0.14 -2.66
N VAL A 20 -6.91 -0.15 -2.70
CA VAL A 20 -7.93 0.69 -2.10
C VAL A 20 -8.12 0.16 -0.69
N VAL A 21 -8.18 1.09 0.26
CA VAL A 21 -8.35 0.83 1.67
C VAL A 21 -9.13 2.02 2.23
N ASN A 22 -10.20 1.78 2.98
CA ASN A 22 -11.04 2.78 3.64
C ASN A 22 -11.48 3.95 2.76
N ASN A 23 -11.69 3.69 1.48
CA ASN A 23 -12.12 4.63 0.45
C ASN A 23 -11.05 5.66 0.06
N ARG A 24 -9.79 5.23 0.06
CA ARG A 24 -8.60 6.00 -0.31
C ARG A 24 -7.57 5.09 -0.99
N LEU A 25 -6.66 5.64 -1.79
CA LEU A 25 -5.62 4.85 -2.41
C LEU A 25 -4.38 5.04 -1.53
N GLN A 26 -3.63 3.98 -1.25
CA GLN A 26 -2.40 4.09 -0.46
C GLN A 26 -1.37 3.13 -1.03
N TYR A 27 -0.07 3.45 -0.91
CA TYR A 27 1.03 2.60 -1.39
C TYR A 27 2.03 2.30 -0.27
N GLU A 28 2.88 1.30 -0.48
CA GLU A 28 3.94 0.89 0.45
C GLU A 28 5.05 0.23 -0.36
N THR A 29 6.29 0.36 0.10
CA THR A 29 7.47 -0.24 -0.52
C THR A 29 8.74 0.08 0.24
N SER A 30 9.60 -0.90 0.49
CA SER A 30 10.87 -0.53 1.09
C SER A 30 11.93 -0.81 0.02
N ARG A 31 12.11 0.02 -1.02
CA ARG A 31 13.22 -0.23 -1.93
C ARG A 31 14.17 0.96 -2.02
N ASP A 32 13.87 1.96 -2.86
CA ASP A 32 14.59 3.22 -2.96
C ASP A 32 13.85 4.50 -2.61
N SER A 33 12.58 4.50 -3.04
CA SER A 33 11.53 5.53 -3.03
C SER A 33 10.62 5.25 -4.24
N ILE A 34 9.63 6.10 -4.52
CA ILE A 34 8.71 5.88 -5.64
C ILE A 34 9.18 6.50 -6.96
N PRO A 35 9.18 5.74 -8.08
CA PRO A 35 9.54 6.25 -9.40
C PRO A 35 8.47 7.25 -9.82
N THR A 36 8.89 8.44 -10.22
CA THR A 36 7.98 9.48 -10.67
C THR A 36 7.13 9.00 -11.85
N GLU A 37 7.59 8.03 -12.63
CA GLU A 37 6.88 7.54 -13.81
C GLU A 37 5.44 7.13 -13.48
N LEU A 38 5.30 6.29 -12.46
CA LEU A 38 3.99 5.83 -12.02
C LEU A 38 3.40 6.83 -11.04
N LEU A 39 4.22 7.41 -10.17
CA LEU A 39 3.77 8.36 -9.16
C LEU A 39 3.06 9.56 -9.79
N ASN A 40 3.69 10.20 -10.77
CA ASN A 40 3.09 11.34 -11.47
C ASN A 40 1.71 10.98 -12.01
N LYS A 41 1.54 9.76 -12.52
CA LYS A 41 0.29 9.25 -13.06
C LYS A 41 -0.68 8.95 -11.92
N TRP A 42 -0.21 8.40 -10.81
CA TRP A 42 -1.03 8.03 -9.66
C TRP A 42 -1.82 9.20 -9.12
N LYS A 43 -1.14 10.30 -8.79
CA LYS A 43 -1.84 11.46 -8.24
C LYS A 43 -2.79 12.04 -9.27
N GLN A 44 -2.41 12.05 -10.54
CA GLN A 44 -3.24 12.59 -11.61
C GLN A 44 -4.50 11.75 -11.85
N HIS A 45 -4.39 10.42 -11.81
CA HIS A 45 -5.47 9.47 -12.05
C HIS A 45 -5.88 8.75 -10.75
N LYS A 46 -5.77 9.45 -9.63
CA LYS A 46 -6.06 9.02 -8.27
C LYS A 46 -7.48 8.51 -8.12
N GLN A 47 -8.44 9.27 -8.61
CA GLN A 47 -9.84 8.92 -8.53
C GLN A 47 -10.14 7.71 -9.40
N GLU A 48 -9.43 7.54 -10.53
CA GLU A 48 -9.68 6.40 -11.42
C GLU A 48 -9.50 5.09 -10.66
N LEU A 49 -8.44 5.00 -9.84
CA LEU A 49 -8.12 3.82 -9.06
C LEU A 49 -9.16 3.64 -7.97
N ILE A 50 -9.39 4.66 -7.16
CA ILE A 50 -10.35 4.63 -6.06
C ILE A 50 -11.73 4.23 -6.56
N ASP A 51 -12.12 4.63 -7.77
CA ASP A 51 -13.41 4.34 -8.38
C ASP A 51 -13.50 2.89 -8.87
N PHE A 52 -12.49 2.40 -9.59
CA PHE A 52 -12.42 1.03 -10.11
C PHE A 52 -12.12 0.03 -8.99
N LEU A 53 -11.02 0.24 -8.28
CA LEU A 53 -10.58 -0.64 -7.20
C LEU A 53 -11.69 -0.75 -6.14
N ASN A 54 -12.48 0.32 -5.91
CA ASN A 54 -13.59 0.25 -4.96
C ASN A 54 -14.58 -0.87 -5.30
N GLN A 55 -14.83 -1.06 -6.59
CA GLN A 55 -15.73 -2.09 -7.08
C GLN A 55 -15.12 -3.45 -6.75
N LEU A 56 -13.84 -3.63 -7.10
CA LEU A 56 -13.11 -4.87 -6.86
C LEU A 56 -13.12 -5.27 -5.40
N ASP A 57 -12.88 -4.33 -4.48
CA ASP A 57 -12.85 -4.65 -3.05
C ASP A 57 -14.18 -5.28 -2.61
N SER A 58 -15.28 -4.88 -3.22
CA SER A 58 -16.60 -5.40 -2.92
C SER A 58 -16.87 -6.71 -3.63
N GLU A 59 -16.25 -6.95 -4.80
CA GLU A 59 -16.44 -8.19 -5.52
C GLU A 59 -15.69 -9.30 -4.78
N GLU A 60 -14.50 -8.97 -4.25
CA GLU A 60 -13.63 -9.89 -3.54
C GLU A 60 -14.06 -10.06 -2.09
N GLN A 61 -14.58 -9.01 -1.44
CA GLN A 61 -14.99 -9.02 -0.02
C GLN A 61 -13.88 -9.58 0.87
N THR A 62 -12.63 -9.49 0.44
CA THR A 62 -11.47 -9.97 1.14
C THR A 62 -11.26 -9.04 2.32
N LYS A 63 -11.36 -9.59 3.53
CA LYS A 63 -11.22 -8.88 4.80
C LYS A 63 -12.22 -7.72 4.83
N GLY A 64 -11.92 -6.69 5.61
CA GLY A 64 -12.76 -5.51 5.70
C GLY A 64 -13.84 -5.67 6.76
N SER A 65 -13.78 -4.86 7.81
CA SER A 65 -14.72 -4.82 8.92
C SER A 65 -14.63 -3.42 9.58
N GLY A 66 -14.46 -3.34 10.89
CA GLY A 66 -14.36 -2.09 11.64
C GLY A 66 -12.92 -1.84 12.07
N SER A 67 -12.70 -0.81 12.88
CA SER A 67 -11.37 -0.48 13.39
C SER A 67 -10.86 -1.62 14.27
N GLY A 68 -9.54 -1.71 14.48
CA GLY A 68 -8.93 -2.75 15.29
C GLY A 68 -9.50 -2.74 16.72
N SER A 69 -9.34 -3.86 17.42
CA SER A 69 -9.83 -4.02 18.77
C SER A 69 -9.30 -2.92 19.69
N GLY A 70 -10.17 -2.34 20.52
CA GLY A 70 -9.84 -1.29 21.47
C GLY A 70 -10.76 -1.29 22.69
N SER A 71 -11.94 -1.91 22.61
CA SER A 71 -12.90 -1.99 23.72
C SER A 71 -12.52 -3.13 24.67
N GLY A 72 -11.42 -2.93 25.41
CA GLY A 72 -10.87 -3.85 26.41
C GLY A 72 -11.72 -4.00 27.67
N SER A 73 -12.99 -3.58 27.64
CA SER A 73 -13.99 -3.61 28.71
C SER A 73 -13.90 -4.91 29.53
N GLY A 74 -13.67 -4.77 30.84
CA GLY A 74 -13.52 -5.89 31.78
C GLY A 74 -12.10 -6.42 31.74
N SER A 75 -11.65 -6.80 30.54
CA SER A 75 -10.35 -7.33 30.17
C SER A 75 -9.25 -6.23 30.22
N LEU A 76 -9.48 -5.14 30.97
CA LEU A 76 -8.63 -3.96 31.14
C LEU A 76 -7.17 -4.27 31.46
N LEU A 77 -6.87 -5.44 32.03
CA LEU A 77 -5.48 -5.81 32.32
C LEU A 77 -4.65 -5.77 31.04
N LYS A 78 -5.25 -6.07 29.88
CA LYS A 78 -4.55 -6.04 28.60
C LYS A 78 -4.19 -4.59 28.26
N GLU A 79 -5.12 -3.67 28.49
CA GLU A 79 -4.95 -2.25 28.22
C GLU A 79 -3.88 -1.66 29.14
N LYS A 80 -3.73 -2.15 30.37
CA LYS A 80 -2.70 -1.65 31.26
C LYS A 80 -1.35 -1.87 30.58
N ARG A 81 -1.15 -3.04 29.96
CA ARG A 81 0.09 -3.34 29.26
C ARG A 81 0.26 -2.38 28.09
N LYS A 82 -0.80 -2.10 27.32
CA LYS A 82 -0.71 -1.17 26.20
C LYS A 82 -0.23 0.19 26.70
N HIS A 83 -0.68 0.62 27.88
CA HIS A 83 -0.27 1.89 28.46
C HIS A 83 1.22 1.97 28.81
N PHE A 84 1.94 0.85 28.96
CA PHE A 84 3.37 0.90 29.26
C PHE A 84 4.07 1.32 27.97
N GLN A 85 3.83 0.57 26.89
CA GLN A 85 4.42 0.81 25.58
C GLN A 85 3.45 0.29 24.52
N ALA A 86 3.13 1.14 23.56
CA ALA A 86 2.25 0.86 22.43
C ALA A 86 2.76 1.52 21.14
N GLU A 87 3.98 2.04 21.20
CA GLU A 87 4.68 2.72 20.12
C GLU A 87 6.04 2.04 19.85
N GLN A 88 6.68 2.44 18.76
CA GLN A 88 7.98 1.95 18.29
C GLN A 88 8.45 2.85 17.12
N ASN A 89 9.71 2.70 16.67
CA ASN A 89 10.27 3.48 15.57
C ASN A 89 9.65 3.08 14.22
N SER A 90 9.03 1.90 14.15
CA SER A 90 8.39 1.33 12.96
C SER A 90 9.35 1.33 11.76
N SER A 91 10.46 0.59 11.85
CA SER A 91 11.47 0.52 10.81
C SER A 91 12.09 1.89 10.53
N GLN A 92 12.97 1.91 9.54
CA GLN A 92 13.70 3.08 9.07
C GLN A 92 14.01 2.95 7.56
N GLU A 93 13.31 2.05 6.87
CA GLU A 93 13.54 1.80 5.45
C GLU A 93 12.27 1.59 4.62
N TYR A 94 11.10 1.77 5.25
CA TYR A 94 9.79 1.59 4.65
C TYR A 94 9.12 2.94 4.45
N LEU A 95 8.82 3.30 3.20
CA LEU A 95 8.16 4.54 2.88
C LEU A 95 6.77 4.20 2.34
N ARG A 96 5.79 5.02 2.70
CA ARG A 96 4.39 4.85 2.31
C ARG A 96 3.79 6.22 2.02
N GLY A 97 2.67 6.22 1.32
CA GLY A 97 1.95 7.43 0.98
C GLY A 97 0.49 7.13 0.67
N GLU A 98 -0.26 8.19 0.37
CA GLU A 98 -1.68 8.15 0.05
C GLU A 98 -1.85 8.96 -1.23
N ILE A 99 -2.19 8.29 -2.33
CA ILE A 99 -2.42 8.90 -3.63
C ILE A 99 -3.72 9.68 -3.54
N GLY A 1 -8.80 7.97 -20.30
CA GLY A 1 -9.09 6.55 -20.11
C GLY A 1 -7.83 5.81 -19.74
N ILE A 2 -7.82 5.17 -18.58
CA ILE A 2 -6.73 4.38 -18.01
C ILE A 2 -7.45 3.41 -17.06
N ASP A 3 -7.02 2.16 -17.02
CA ASP A 3 -7.59 1.14 -16.17
C ASP A 3 -6.85 1.06 -14.85
N ALA A 4 -7.56 1.01 -13.73
CA ALA A 4 -6.90 0.92 -12.43
C ALA A 4 -5.98 -0.30 -12.38
N ALA A 5 -6.37 -1.41 -13.02
CA ALA A 5 -5.58 -2.62 -13.04
C ALA A 5 -4.21 -2.34 -13.67
N GLN A 6 -4.17 -1.52 -14.73
CA GLN A 6 -2.96 -1.15 -15.44
C GLN A 6 -2.07 -0.29 -14.56
N ILE A 7 -2.66 0.55 -13.71
CA ILE A 7 -1.92 1.42 -12.81
C ILE A 7 -1.33 0.58 -11.66
N VAL A 8 -2.09 -0.40 -11.16
CA VAL A 8 -1.62 -1.29 -10.10
C VAL A 8 -0.56 -2.23 -10.66
N ASP A 9 -0.71 -2.73 -11.89
CA ASP A 9 0.25 -3.64 -12.50
C ASP A 9 1.63 -2.99 -12.52
N GLU A 10 1.66 -1.73 -12.97
CA GLU A 10 2.86 -0.93 -13.05
C GLU A 10 3.50 -0.82 -11.66
N ALA A 11 2.68 -0.70 -10.60
CA ALA A 11 3.16 -0.60 -9.24
C ALA A 11 3.84 -1.88 -8.79
N LEU A 12 3.16 -3.01 -8.95
CA LEU A 12 3.67 -4.31 -8.53
C LEU A 12 4.94 -4.65 -9.26
N GLU A 13 4.98 -4.43 -10.57
CA GLU A 13 6.21 -4.74 -11.30
C GLU A 13 7.36 -3.85 -10.86
N GLN A 14 7.06 -2.68 -10.28
CA GLN A 14 8.05 -1.74 -9.78
C GLN A 14 8.39 -2.02 -8.30
N GLY A 15 7.74 -2.99 -7.68
CA GLY A 15 7.95 -3.36 -6.29
C GLY A 15 7.08 -2.56 -5.33
N ILE A 16 6.14 -1.76 -5.82
CA ILE A 16 5.24 -0.96 -4.99
C ILE A 16 3.92 -1.70 -4.82
N THR A 17 3.38 -1.67 -3.61
CA THR A 17 2.13 -2.34 -3.25
C THR A 17 1.05 -1.32 -2.87
N LEU A 18 0.12 -1.03 -3.79
CA LEU A 18 -1.00 -0.12 -3.56
C LEU A 18 -2.32 -0.78 -3.89
N PHE A 19 -3.38 -0.30 -3.24
CA PHE A 19 -4.75 -0.75 -3.40
C PHE A 19 -5.68 0.20 -2.66
N VAL A 20 -7.00 -0.05 -2.73
CA VAL A 20 -7.99 0.80 -2.08
C VAL A 20 -8.19 0.21 -0.70
N VAL A 21 -8.16 1.10 0.28
CA VAL A 21 -8.35 0.78 1.68
C VAL A 21 -9.20 1.88 2.27
N ASN A 22 -10.34 1.53 2.84
CA ASN A 22 -11.24 2.46 3.48
C ASN A 22 -11.60 3.68 2.62
N ASN A 23 -11.78 3.44 1.33
CA ASN A 23 -12.15 4.38 0.28
C ASN A 23 -11.04 5.34 -0.15
N ARG A 24 -9.77 4.98 0.06
CA ARG A 24 -8.62 5.81 -0.28
C ARG A 24 -7.54 4.96 -0.90
N LEU A 25 -6.66 5.57 -1.70
CA LEU A 25 -5.56 4.83 -2.31
C LEU A 25 -4.35 5.03 -1.41
N GLN A 26 -3.55 4.00 -1.23
CA GLN A 26 -2.34 4.09 -0.42
C GLN A 26 -1.31 3.09 -0.95
N TYR A 27 -0.03 3.42 -0.86
CA TYR A 27 1.10 2.59 -1.32
C TYR A 27 2.12 2.29 -0.22
N GLU A 28 2.98 1.30 -0.48
CA GLU A 28 4.04 0.84 0.39
C GLU A 28 5.15 0.23 -0.46
N THR A 29 6.40 0.42 -0.04
CA THR A 29 7.59 -0.16 -0.66
C THR A 29 8.81 0.29 0.13
N SER A 30 9.70 -0.61 0.54
CA SER A 30 10.90 -0.09 1.18
C SER A 30 12.01 -0.35 0.18
N ARG A 31 12.17 0.46 -0.90
CA ARG A 31 13.34 0.20 -1.73
C ARG A 31 14.28 1.40 -1.89
N ASP A 32 13.97 2.27 -2.86
CA ASP A 32 14.68 3.53 -3.17
C ASP A 32 13.89 4.82 -2.94
N SER A 33 12.60 4.66 -3.26
CA SER A 33 11.46 5.58 -3.31
C SER A 33 10.55 5.07 -4.42
N ILE A 34 9.56 5.86 -4.75
CA ILE A 34 8.55 5.63 -5.75
C ILE A 34 9.00 6.27 -7.07
N PRO A 35 9.12 5.50 -8.17
CA PRO A 35 9.50 6.06 -9.46
C PRO A 35 8.43 7.05 -9.89
N THR A 36 8.84 8.28 -10.15
CA THR A 36 7.95 9.35 -10.60
C THR A 36 7.15 8.92 -11.83
N GLU A 37 7.65 7.99 -12.64
CA GLU A 37 6.97 7.52 -13.85
C GLU A 37 5.53 7.11 -13.51
N LEU A 38 5.38 6.27 -12.48
CA LEU A 38 4.08 5.83 -12.01
C LEU A 38 3.50 6.83 -11.04
N LEU A 39 4.32 7.43 -10.18
CA LEU A 39 3.85 8.37 -9.16
C LEU A 39 3.10 9.53 -9.79
N ASN A 40 3.69 10.15 -10.81
CA ASN A 40 3.06 11.25 -11.52
C ASN A 40 1.67 10.84 -12.01
N LYS A 41 1.55 9.62 -12.54
CA LYS A 41 0.30 9.08 -13.04
C LYS A 41 -0.65 8.82 -11.88
N TRP A 42 -0.14 8.32 -10.75
CA TRP A 42 -0.92 8.00 -9.58
C TRP A 42 -1.73 9.18 -9.12
N LYS A 43 -1.11 10.32 -8.90
CA LYS A 43 -1.87 11.49 -8.46
C LYS A 43 -2.78 11.99 -9.58
N GLN A 44 -2.34 11.91 -10.83
CA GLN A 44 -3.11 12.37 -11.97
C GLN A 44 -4.39 11.55 -12.17
N HIS A 45 -4.38 10.26 -11.82
CA HIS A 45 -5.49 9.34 -11.96
C HIS A 45 -5.90 8.70 -10.62
N LYS A 46 -5.62 9.38 -9.51
CA LYS A 46 -5.88 8.98 -8.13
C LYS A 46 -7.29 8.44 -7.94
N GLN A 47 -8.25 9.23 -8.39
CA GLN A 47 -9.65 8.94 -8.31
C GLN A 47 -10.03 7.77 -9.18
N GLU A 48 -9.41 7.61 -10.34
CA GLU A 48 -9.75 6.50 -11.23
C GLU A 48 -9.46 5.18 -10.52
N LEU A 49 -8.38 5.11 -9.73
CA LEU A 49 -8.07 3.89 -9.00
C LEU A 49 -9.10 3.72 -7.91
N ILE A 50 -9.31 4.72 -7.07
CA ILE A 50 -10.28 4.63 -5.98
C ILE A 50 -11.66 4.26 -6.52
N ASP A 51 -12.02 4.73 -7.71
CA ASP A 51 -13.30 4.47 -8.36
C ASP A 51 -13.44 3.05 -8.87
N PHE A 52 -12.44 2.53 -9.59
CA PHE A 52 -12.42 1.17 -10.14
C PHE A 52 -12.14 0.17 -9.03
N LEU A 53 -11.03 0.36 -8.29
CA LEU A 53 -10.62 -0.52 -7.20
C LEU A 53 -11.69 -0.61 -6.11
N ASN A 54 -12.45 0.46 -5.87
CA ASN A 54 -13.53 0.38 -4.85
C ASN A 54 -14.46 -0.79 -5.18
N GLN A 55 -14.76 -0.94 -6.48
CA GLN A 55 -15.62 -1.99 -6.99
C GLN A 55 -14.92 -3.34 -6.86
N LEU A 56 -13.62 -3.44 -7.18
CA LEU A 56 -12.85 -4.69 -7.10
C LEU A 56 -12.93 -5.29 -5.71
N ASP A 57 -12.80 -4.47 -4.67
CA ASP A 57 -12.85 -4.96 -3.29
C ASP A 57 -14.19 -5.66 -3.02
N SER A 58 -15.27 -5.16 -3.63
CA SER A 58 -16.61 -5.69 -3.52
C SER A 58 -16.87 -6.85 -4.47
N GLU A 59 -16.08 -6.98 -5.54
CA GLU A 59 -16.21 -8.06 -6.49
C GLU A 59 -15.57 -9.30 -5.88
N GLU A 60 -14.42 -9.13 -5.22
CA GLU A 60 -13.68 -10.18 -4.58
C GLU A 60 -14.19 -10.53 -3.17
N GLN A 61 -14.63 -9.52 -2.41
CA GLN A 61 -15.10 -9.63 -1.04
C GLN A 61 -14.02 -10.29 -0.16
N THR A 62 -12.74 -10.13 -0.50
CA THR A 62 -11.60 -10.68 0.23
C THR A 62 -11.14 -9.67 1.29
N LYS A 63 -10.25 -10.10 2.18
CA LYS A 63 -9.72 -9.26 3.25
C LYS A 63 -8.31 -9.72 3.63
N GLY A 64 -7.66 -9.01 4.53
CA GLY A 64 -6.33 -9.29 5.03
C GLY A 64 -5.94 -8.18 5.99
N SER A 65 -5.29 -7.14 5.48
CA SER A 65 -4.83 -5.97 6.21
C SER A 65 -3.85 -6.31 7.36
N GLY A 66 -3.59 -5.33 8.22
CA GLY A 66 -2.69 -5.42 9.37
C GLY A 66 -1.27 -5.04 8.95
N SER A 67 -0.43 -4.69 9.93
CA SER A 67 0.97 -4.30 9.75
C SER A 67 1.77 -4.86 10.93
N GLY A 68 3.10 -4.76 10.92
CA GLY A 68 3.95 -5.28 11.97
C GLY A 68 5.10 -4.37 12.35
N SER A 69 6.32 -4.92 12.29
CA SER A 69 7.60 -4.29 12.61
C SER A 69 7.77 -3.98 14.11
N GLY A 70 9.00 -3.69 14.51
CA GLY A 70 9.39 -3.37 15.88
C GLY A 70 10.84 -2.89 15.88
N SER A 71 11.19 -1.89 16.67
CA SER A 71 12.53 -1.30 16.79
C SER A 71 12.48 -0.17 17.82
N GLY A 72 13.59 0.11 18.52
CA GLY A 72 13.66 1.18 19.50
C GLY A 72 15.10 1.58 19.82
N SER A 73 15.23 2.70 20.54
CA SER A 73 16.49 3.29 20.99
C SER A 73 16.19 4.48 21.92
N GLY A 74 17.09 4.74 22.86
CA GLY A 74 17.03 5.80 23.85
C GLY A 74 17.06 5.25 25.28
N SER A 75 17.64 6.03 26.19
CA SER A 75 17.82 5.72 27.61
C SER A 75 16.56 5.18 28.30
N LEU A 76 16.76 4.45 29.39
CA LEU A 76 15.72 3.80 30.20
C LEU A 76 14.61 4.78 30.57
N LEU A 77 14.94 6.04 30.85
CA LEU A 77 13.95 7.06 31.21
C LEU A 77 12.95 7.28 30.06
N LYS A 78 13.40 7.37 28.80
CA LYS A 78 12.48 7.57 27.68
C LYS A 78 11.85 6.25 27.32
N GLU A 79 12.61 5.16 27.41
CA GLU A 79 12.18 3.81 27.08
C GLU A 79 10.99 3.37 27.95
N LYS A 80 11.07 3.53 29.27
CA LYS A 80 9.96 3.11 30.13
C LYS A 80 8.70 3.93 29.84
N ARG A 81 8.83 5.20 29.44
CA ARG A 81 7.66 6.01 29.13
C ARG A 81 7.01 5.47 27.85
N LYS A 82 7.78 5.24 26.78
CA LYS A 82 7.20 4.71 25.53
C LYS A 82 6.61 3.33 25.77
N HIS A 83 7.23 2.50 26.63
CA HIS A 83 6.73 1.17 26.93
C HIS A 83 5.35 1.21 27.57
N PHE A 84 4.87 2.35 28.10
CA PHE A 84 3.54 2.40 28.68
C PHE A 84 2.53 2.42 27.52
N GLN A 85 2.78 3.27 26.51
CA GLN A 85 1.94 3.40 25.33
C GLN A 85 2.77 4.09 24.24
N ALA A 86 2.99 3.43 23.10
CA ALA A 86 3.73 3.90 21.95
C ALA A 86 3.85 2.82 20.89
N GLU A 87 3.95 3.21 19.62
CA GLU A 87 4.11 2.28 18.50
C GLU A 87 5.58 2.06 18.12
N GLN A 88 6.47 2.71 18.88
CA GLN A 88 7.92 2.68 18.74
C GLN A 88 8.36 3.36 17.44
N ASN A 89 9.64 3.16 17.09
CA ASN A 89 10.28 3.69 15.89
C ASN A 89 9.64 3.12 14.62
N SER A 90 9.25 1.85 14.65
CA SER A 90 8.60 1.10 13.57
C SER A 90 9.22 1.36 12.17
N SER A 91 10.36 0.70 11.92
CA SER A 91 11.15 0.71 10.68
C SER A 91 11.83 2.07 10.37
N GLN A 92 12.82 2.04 9.47
CA GLN A 92 13.58 3.22 9.06
C GLN A 92 13.92 3.28 7.57
N GLU A 93 13.48 2.29 6.81
CA GLU A 93 13.72 2.17 5.37
C GLU A 93 12.40 2.01 4.60
N TYR A 94 11.25 2.29 5.24
CA TYR A 94 9.94 2.14 4.66
C TYR A 94 9.25 3.48 4.40
N LEU A 95 8.96 3.74 3.12
CA LEU A 95 8.27 4.94 2.68
C LEU A 95 6.92 4.48 2.14
N ARG A 96 5.86 5.06 2.68
CA ARG A 96 4.47 4.78 2.36
C ARG A 96 3.75 6.11 2.15
N GLY A 97 2.68 6.12 1.37
CA GLY A 97 1.93 7.33 1.12
C GLY A 97 0.46 7.07 0.81
N GLU A 98 -0.24 8.13 0.44
CA GLU A 98 -1.67 8.13 0.12
C GLU A 98 -1.88 9.01 -1.11
N ILE A 99 -2.15 8.36 -2.24
CA ILE A 99 -2.39 8.96 -3.54
C ILE A 99 -3.77 9.59 -3.47
N GLY A 1 -8.17 7.28 -21.66
CA GLY A 1 -8.71 6.38 -20.63
C GLY A 1 -7.60 5.56 -19.99
N ILE A 2 -7.76 5.20 -18.73
CA ILE A 2 -6.79 4.39 -18.00
C ILE A 2 -7.59 3.55 -16.99
N ASP A 3 -7.29 2.26 -16.93
CA ASP A 3 -7.91 1.30 -16.05
C ASP A 3 -7.07 1.17 -14.81
N ALA A 4 -7.72 1.13 -13.64
CA ALA A 4 -7.02 1.03 -12.38
C ALA A 4 -6.10 -0.18 -12.34
N ALA A 5 -6.54 -1.31 -12.88
CA ALA A 5 -5.77 -2.55 -12.90
C ALA A 5 -4.41 -2.32 -13.58
N GLN A 6 -4.38 -1.53 -14.66
CA GLN A 6 -3.15 -1.24 -15.36
C GLN A 6 -2.22 -0.39 -14.48
N ILE A 7 -2.80 0.50 -13.69
CA ILE A 7 -2.03 1.36 -12.81
C ILE A 7 -1.44 0.48 -11.69
N VAL A 8 -2.23 -0.43 -11.11
CA VAL A 8 -1.73 -1.30 -10.05
C VAL A 8 -0.64 -2.24 -10.57
N ASP A 9 -0.79 -2.82 -11.76
CA ASP A 9 0.19 -3.75 -12.33
C ASP A 9 1.58 -3.13 -12.37
N GLU A 10 1.65 -1.90 -12.86
CA GLU A 10 2.90 -1.16 -12.96
C GLU A 10 3.50 -0.95 -11.56
N ALA A 11 2.66 -0.79 -10.53
CA ALA A 11 3.13 -0.63 -9.16
C ALA A 11 3.85 -1.91 -8.75
N LEU A 12 3.23 -3.06 -8.97
CA LEU A 12 3.78 -4.36 -8.59
C LEU A 12 5.10 -4.62 -9.28
N GLU A 13 5.20 -4.40 -10.60
CA GLU A 13 6.49 -4.63 -11.27
C GLU A 13 7.58 -3.68 -10.75
N GLN A 14 7.20 -2.54 -10.18
CA GLN A 14 8.10 -1.56 -9.62
C GLN A 14 8.38 -1.83 -8.13
N GLY A 15 7.78 -2.88 -7.58
CA GLY A 15 7.94 -3.31 -6.20
C GLY A 15 7.03 -2.53 -5.25
N ILE A 16 6.09 -1.74 -5.77
CA ILE A 16 5.15 -0.97 -4.96
C ILE A 16 3.87 -1.76 -4.79
N THR A 17 3.32 -1.76 -3.58
CA THR A 17 2.08 -2.46 -3.30
C THR A 17 1.06 -1.40 -2.91
N LEU A 18 0.18 -1.04 -3.84
CA LEU A 18 -0.88 -0.08 -3.59
C LEU A 18 -2.23 -0.73 -3.88
N PHE A 19 -3.29 -0.25 -3.24
CA PHE A 19 -4.66 -0.73 -3.39
C PHE A 19 -5.63 0.22 -2.68
N VAL A 20 -6.94 -0.07 -2.76
CA VAL A 20 -7.96 0.76 -2.13
C VAL A 20 -8.12 0.15 -0.74
N VAL A 21 -8.15 1.02 0.26
CA VAL A 21 -8.28 0.61 1.64
C VAL A 21 -9.17 1.64 2.31
N ASN A 22 -10.37 1.26 2.72
CA ASN A 22 -11.29 2.17 3.38
C ASN A 22 -11.66 3.37 2.52
N ASN A 23 -11.86 3.13 1.22
CA ASN A 23 -12.27 4.10 0.21
C ASN A 23 -11.17 5.07 -0.23
N ARG A 24 -9.89 4.73 -0.03
CA ARG A 24 -8.79 5.61 -0.40
C ARG A 24 -7.63 4.82 -0.97
N LEU A 25 -6.79 5.45 -1.78
CA LEU A 25 -5.64 4.79 -2.36
C LEU A 25 -4.45 5.08 -1.46
N GLN A 26 -3.61 4.08 -1.24
CA GLN A 26 -2.39 4.21 -0.46
C GLN A 26 -1.37 3.21 -1.00
N TYR A 27 -0.06 3.51 -0.88
CA TYR A 27 1.02 2.63 -1.33
C TYR A 27 2.04 2.37 -0.24
N GLU A 28 2.83 1.33 -0.43
CA GLU A 28 3.88 0.92 0.48
C GLU A 28 4.96 0.18 -0.30
N THR A 29 6.23 0.35 0.09
CA THR A 29 7.39 -0.32 -0.48
C THR A 29 8.66 0.11 0.24
N SER A 30 9.59 -0.80 0.51
CA SER A 30 10.83 -0.34 1.08
C SER A 30 11.89 -0.59 0.01
N ARG A 31 12.08 0.24 -1.04
CA ARG A 31 13.21 -0.12 -1.91
C ARG A 31 14.24 1.00 -1.97
N ASP A 32 14.04 1.98 -2.88
CA ASP A 32 14.85 3.17 -3.03
C ASP A 32 14.13 4.48 -2.74
N SER A 33 12.85 4.51 -3.15
CA SER A 33 11.81 5.57 -3.15
C SER A 33 10.78 5.13 -4.22
N ILE A 34 9.92 6.05 -4.72
CA ILE A 34 8.90 5.78 -5.74
C ILE A 34 9.29 6.39 -7.10
N PRO A 35 9.27 5.61 -8.20
CA PRO A 35 9.58 6.11 -9.54
C PRO A 35 8.53 7.13 -9.93
N THR A 36 8.97 8.34 -10.28
CA THR A 36 8.05 9.39 -10.69
C THR A 36 7.16 8.97 -11.86
N GLU A 37 7.60 8.01 -12.69
CA GLU A 37 6.82 7.60 -13.84
C GLU A 37 5.41 7.21 -13.46
N LEU A 38 5.29 6.31 -12.48
CA LEU A 38 4.00 5.87 -12.01
C LEU A 38 3.47 6.84 -10.99
N LEU A 39 4.33 7.41 -10.15
CA LEU A 39 3.89 8.33 -9.12
C LEU A 39 3.15 9.52 -9.71
N ASN A 40 3.73 10.17 -10.71
CA ASN A 40 3.10 11.31 -11.37
C ASN A 40 1.73 10.90 -11.93
N LYS A 41 1.61 9.68 -12.47
CA LYS A 41 0.37 9.17 -13.01
C LYS A 41 -0.62 8.93 -11.88
N TRP A 42 -0.17 8.40 -10.73
CA TRP A 42 -1.00 8.08 -9.58
C TRP A 42 -1.82 9.26 -9.14
N LYS A 43 -1.15 10.36 -8.89
CA LYS A 43 -1.82 11.57 -8.44
C LYS A 43 -2.72 12.18 -9.52
N GLN A 44 -2.33 12.03 -10.79
CA GLN A 44 -3.08 12.56 -11.92
C GLN A 44 -4.38 11.78 -12.18
N HIS A 45 -4.41 10.48 -11.90
CA HIS A 45 -5.58 9.62 -12.12
C HIS A 45 -6.00 8.93 -10.82
N LYS A 46 -5.81 9.58 -9.69
CA LYS A 46 -6.10 9.14 -8.33
C LYS A 46 -7.53 8.60 -8.18
N GLN A 47 -8.51 9.40 -8.61
CA GLN A 47 -9.91 9.01 -8.51
C GLN A 47 -10.17 7.76 -9.34
N GLU A 48 -9.52 7.61 -10.48
CA GLU A 48 -9.73 6.45 -11.36
C GLU A 48 -9.49 5.15 -10.58
N LEU A 49 -8.43 5.09 -9.79
CA LEU A 49 -8.15 3.90 -9.01
C LEU A 49 -9.17 3.71 -7.92
N ILE A 50 -9.40 4.71 -7.08
CA ILE A 50 -10.34 4.63 -5.98
C ILE A 50 -11.72 4.17 -6.45
N ASP A 51 -12.14 4.59 -7.64
CA ASP A 51 -13.42 4.25 -8.22
C ASP A 51 -13.46 2.82 -8.72
N PHE A 52 -12.47 2.39 -9.51
CA PHE A 52 -12.42 1.04 -10.06
C PHE A 52 -12.01 0.04 -8.98
N LEU A 53 -10.93 0.30 -8.24
CA LEU A 53 -10.45 -0.57 -7.19
C LEU A 53 -11.53 -0.73 -6.13
N ASN A 54 -12.36 0.30 -5.86
CA ASN A 54 -13.46 0.10 -4.88
C ASN A 54 -14.33 -1.08 -5.35
N GLN A 55 -14.59 -1.14 -6.65
CA GLN A 55 -15.40 -2.20 -7.22
C GLN A 55 -14.70 -3.54 -7.05
N LEU A 56 -13.39 -3.62 -7.30
CA LEU A 56 -12.61 -4.83 -7.13
C LEU A 56 -12.63 -5.29 -5.67
N ASP A 57 -12.57 -4.34 -4.72
CA ASP A 57 -12.60 -4.61 -3.30
C ASP A 57 -13.98 -5.15 -2.90
N SER A 58 -15.04 -4.64 -3.51
CA SER A 58 -16.43 -5.05 -3.26
C SER A 58 -16.75 -6.36 -4.00
N GLU A 59 -15.91 -6.75 -4.95
CA GLU A 59 -16.06 -7.97 -5.71
C GLU A 59 -15.69 -9.14 -4.82
N GLU A 60 -14.58 -9.01 -4.11
CA GLU A 60 -14.03 -10.01 -3.19
C GLU A 60 -14.69 -9.96 -1.82
N GLN A 61 -15.23 -8.79 -1.46
CA GLN A 61 -15.91 -8.48 -0.21
C GLN A 61 -15.06 -8.80 1.02
N THR A 62 -13.73 -8.82 0.85
CA THR A 62 -12.71 -9.12 1.82
C THR A 62 -12.97 -10.45 2.54
N LYS A 63 -12.15 -10.76 3.53
CA LYS A 63 -12.24 -12.01 4.28
C LYS A 63 -11.46 -11.86 5.57
N GLY A 64 -11.37 -12.94 6.35
CA GLY A 64 -10.63 -12.93 7.60
C GLY A 64 -9.12 -12.96 7.30
N SER A 65 -8.29 -13.00 8.33
CA SER A 65 -6.84 -13.04 8.21
C SER A 65 -6.27 -14.27 8.90
N GLY A 66 -5.01 -14.59 8.61
CA GLY A 66 -4.31 -15.72 9.20
C GLY A 66 -3.03 -15.29 9.91
N SER A 67 -2.56 -14.05 9.69
CA SER A 67 -1.38 -13.43 10.28
C SER A 67 -0.25 -14.46 10.52
N GLY A 68 0.40 -14.84 9.43
CA GLY A 68 1.48 -15.80 9.41
C GLY A 68 1.36 -16.62 8.13
N SER A 69 2.48 -16.95 7.52
CA SER A 69 2.49 -17.72 6.28
C SER A 69 2.13 -19.18 6.55
N GLY A 70 1.77 -19.89 5.49
CA GLY A 70 1.44 -21.31 5.57
C GLY A 70 2.75 -22.09 5.66
N SER A 71 2.66 -23.40 5.80
CA SER A 71 3.85 -24.24 5.90
C SER A 71 4.68 -24.12 4.61
N GLY A 72 5.93 -24.59 4.61
CA GLY A 72 6.81 -24.51 3.45
C GLY A 72 7.36 -23.09 3.39
N SER A 73 8.37 -22.80 4.19
CA SER A 73 9.02 -21.51 4.27
C SER A 73 10.52 -21.79 4.47
N GLY A 74 11.22 -22.09 3.37
CA GLY A 74 12.64 -22.38 3.36
C GLY A 74 13.42 -21.20 2.81
N SER A 75 13.03 -20.71 1.62
CA SER A 75 13.65 -19.59 0.93
C SER A 75 13.74 -18.35 1.85
N LEU A 76 12.72 -18.16 2.69
CA LEU A 76 12.64 -17.06 3.65
C LEU A 76 13.84 -16.99 4.58
N LEU A 77 14.60 -18.08 4.75
CA LEU A 77 15.78 -18.03 5.61
C LEU A 77 16.72 -16.93 5.11
N LYS A 78 16.77 -16.70 3.78
CA LYS A 78 17.61 -15.67 3.19
C LYS A 78 17.05 -14.29 3.54
N GLU A 79 15.73 -14.14 3.57
CA GLU A 79 15.09 -12.87 3.89
C GLU A 79 15.42 -12.50 5.34
N LYS A 80 15.25 -13.41 6.29
CA LYS A 80 15.57 -13.11 7.68
C LYS A 80 17.06 -12.83 7.84
N ARG A 81 17.92 -13.60 7.16
CA ARG A 81 19.35 -13.44 7.21
C ARG A 81 19.71 -12.07 6.65
N LYS A 82 19.10 -11.61 5.55
CA LYS A 82 19.42 -10.32 4.99
C LYS A 82 18.85 -9.20 5.85
N HIS A 83 17.69 -9.39 6.53
CA HIS A 83 17.13 -8.36 7.40
C HIS A 83 18.12 -8.03 8.52
N PHE A 84 18.96 -9.00 8.95
CA PHE A 84 19.94 -8.80 10.00
C PHE A 84 20.90 -7.68 9.59
N GLN A 85 21.58 -7.83 8.45
CA GLN A 85 22.54 -6.90 7.86
C GLN A 85 22.60 -7.21 6.36
N ALA A 86 22.28 -6.27 5.46
CA ALA A 86 22.33 -6.47 4.00
C ALA A 86 22.20 -5.14 3.24
N GLU A 87 22.14 -5.20 1.91
CA GLU A 87 22.00 -4.04 1.03
C GLU A 87 20.55 -3.54 1.03
N GLN A 88 20.29 -2.40 0.37
CA GLN A 88 18.99 -1.74 0.22
C GLN A 88 18.37 -1.31 1.56
N ASN A 89 19.24 -0.99 2.52
CA ASN A 89 19.01 -0.56 3.91
C ASN A 89 18.50 -1.69 4.79
N SER A 90 17.92 -2.72 4.17
CA SER A 90 17.36 -3.94 4.73
C SER A 90 16.54 -3.69 6.00
N SER A 91 15.30 -3.25 5.79
CA SER A 91 14.27 -2.89 6.75
C SER A 91 14.57 -1.50 7.31
N GLN A 92 13.70 -0.99 8.18
CA GLN A 92 13.85 0.33 8.80
C GLN A 92 13.97 1.45 7.74
N GLU A 93 13.40 1.26 6.54
CA GLU A 93 13.43 2.19 5.41
C GLU A 93 12.13 1.97 4.62
N TYR A 94 11.00 1.99 5.33
CA TYR A 94 9.68 1.81 4.75
C TYR A 94 9.10 3.17 4.46
N LEU A 95 8.85 3.44 3.17
CA LEU A 95 8.28 4.69 2.70
C LEU A 95 6.89 4.34 2.17
N ARG A 96 5.91 5.14 2.58
CA ARG A 96 4.51 5.00 2.24
C ARG A 96 3.89 6.36 2.01
N GLY A 97 2.83 6.42 1.22
CA GLY A 97 2.13 7.65 0.90
C GLY A 97 0.63 7.43 0.75
N GLU A 98 -0.08 8.42 0.25
CA GLU A 98 -1.53 8.41 0.02
C GLU A 98 -1.80 9.15 -1.29
N ILE A 99 -2.20 8.42 -2.33
CA ILE A 99 -2.49 9.00 -3.64
C ILE A 99 -3.81 9.73 -3.48
N GLY A 1 -9.75 5.39 -21.40
CA GLY A 1 -9.88 5.43 -19.95
C GLY A 1 -8.73 4.64 -19.35
N ILE A 2 -8.10 5.14 -18.29
CA ILE A 2 -7.00 4.40 -17.69
C ILE A 2 -7.68 3.41 -16.74
N ASP A 3 -7.24 2.16 -16.74
CA ASP A 3 -7.76 1.12 -15.89
C ASP A 3 -6.94 1.06 -14.63
N ALA A 4 -7.60 0.94 -13.49
CA ALA A 4 -6.87 0.86 -12.24
C ALA A 4 -5.93 -0.34 -12.22
N ALA A 5 -6.29 -1.43 -12.88
CA ALA A 5 -5.49 -2.64 -12.92
C ALA A 5 -4.15 -2.33 -13.58
N GLN A 6 -4.16 -1.49 -14.62
CA GLN A 6 -2.98 -1.09 -15.37
C GLN A 6 -2.08 -0.22 -14.49
N ILE A 7 -2.66 0.64 -13.65
CA ILE A 7 -1.87 1.51 -12.80
C ILE A 7 -1.26 0.67 -11.64
N VAL A 8 -2.01 -0.29 -11.11
CA VAL A 8 -1.55 -1.17 -10.04
C VAL A 8 -0.46 -2.09 -10.60
N ASP A 9 -0.61 -2.59 -11.83
CA ASP A 9 0.37 -3.50 -12.43
C ASP A 9 1.76 -2.89 -12.41
N GLU A 10 1.83 -1.61 -12.76
CA GLU A 10 3.07 -0.86 -12.78
C GLU A 10 3.67 -0.76 -11.37
N ALA A 11 2.81 -0.69 -10.34
CA ALA A 11 3.25 -0.63 -8.96
C ALA A 11 3.92 -1.96 -8.63
N LEU A 12 3.26 -3.08 -8.93
CA LEU A 12 3.77 -4.41 -8.64
C LEU A 12 5.07 -4.68 -9.34
N GLU A 13 5.22 -4.33 -10.62
CA GLU A 13 6.50 -4.56 -11.32
C GLU A 13 7.59 -3.75 -10.59
N GLN A 14 7.24 -2.58 -10.06
CA GLN A 14 8.15 -1.72 -9.33
C GLN A 14 8.30 -2.12 -7.85
N GLY A 15 7.61 -3.16 -7.42
CA GLY A 15 7.66 -3.65 -6.06
C GLY A 15 6.80 -2.84 -5.10
N ILE A 16 6.01 -1.89 -5.60
CA ILE A 16 5.17 -1.06 -4.77
C ILE A 16 3.82 -1.75 -4.67
N THR A 17 3.25 -1.75 -3.47
CA THR A 17 1.96 -2.37 -3.24
C THR A 17 0.92 -1.32 -2.89
N LEU A 18 0.01 -0.97 -3.81
CA LEU A 18 -1.04 -0.02 -3.53
C LEU A 18 -2.40 -0.64 -3.84
N PHE A 19 -3.43 -0.19 -3.13
CA PHE A 19 -4.81 -0.67 -3.28
C PHE A 19 -5.77 0.29 -2.59
N VAL A 20 -7.09 0.01 -2.68
CA VAL A 20 -8.13 0.84 -2.09
C VAL A 20 -8.35 0.26 -0.70
N VAL A 21 -8.31 1.16 0.28
CA VAL A 21 -8.46 0.85 1.68
C VAL A 21 -9.10 2.09 2.30
N ASN A 22 -10.12 1.92 3.15
CA ASN A 22 -10.79 3.03 3.83
C ASN A 22 -11.18 4.18 2.89
N ASN A 23 -11.61 3.83 1.69
CA ASN A 23 -12.06 4.70 0.61
C ASN A 23 -10.96 5.58 0.02
N ARG A 24 -9.70 5.19 0.15
CA ARG A 24 -8.55 5.97 -0.31
C ARG A 24 -7.51 5.05 -0.91
N LEU A 25 -6.67 5.60 -1.76
CA LEU A 25 -5.60 4.84 -2.37
C LEU A 25 -4.37 5.06 -1.51
N GLN A 26 -3.57 4.04 -1.26
CA GLN A 26 -2.35 4.17 -0.45
C GLN A 26 -1.33 3.13 -0.88
N TYR A 27 -0.04 3.49 -0.79
CA TYR A 27 1.10 2.66 -1.18
C TYR A 27 2.15 2.46 -0.08
N GLU A 28 2.97 1.42 -0.24
CA GLU A 28 4.07 1.09 0.67
C GLU A 28 5.17 0.34 -0.10
N THR A 29 6.45 0.53 0.27
CA THR A 29 7.61 -0.12 -0.34
C THR A 29 8.94 0.29 0.31
N SER A 30 9.83 -0.65 0.64
CA SER A 30 11.14 -0.20 1.10
C SER A 30 12.10 -0.63 -0.01
N ARG A 31 12.23 0.09 -1.13
CA ARG A 31 13.29 -0.34 -2.06
C ARG A 31 14.25 0.82 -2.25
N ASP A 32 13.94 1.75 -3.17
CA ASP A 32 14.64 3.00 -3.42
C ASP A 32 13.86 4.29 -3.20
N SER A 33 12.58 4.20 -3.56
CA SER A 33 11.51 5.21 -3.59
C SER A 33 10.57 4.86 -4.76
N ILE A 34 9.60 5.73 -4.95
CA ILE A 34 8.56 5.67 -5.92
C ILE A 34 9.01 6.37 -7.23
N PRO A 35 9.10 5.65 -8.36
CA PRO A 35 9.44 6.22 -9.66
C PRO A 35 8.34 7.19 -10.07
N THR A 36 8.73 8.39 -10.48
CA THR A 36 7.83 9.45 -10.92
C THR A 36 6.92 8.93 -12.05
N GLU A 37 7.37 7.93 -12.82
CA GLU A 37 6.61 7.37 -13.95
C GLU A 37 5.19 6.98 -13.52
N LEU A 38 5.13 6.22 -12.43
CA LEU A 38 3.90 5.76 -11.83
C LEU A 38 3.36 6.81 -10.89
N LEU A 39 4.21 7.39 -10.04
CA LEU A 39 3.81 8.38 -9.05
C LEU A 39 3.07 9.57 -9.66
N ASN A 40 3.64 10.17 -10.69
CA ASN A 40 3.06 11.31 -11.37
C ASN A 40 1.68 10.96 -11.92
N LYS A 41 1.52 9.74 -12.43
CA LYS A 41 0.26 9.26 -12.97
C LYS A 41 -0.72 9.00 -11.84
N TRP A 42 -0.26 8.44 -10.72
CA TRP A 42 -1.06 8.10 -9.56
C TRP A 42 -1.82 9.29 -9.03
N LYS A 43 -1.11 10.37 -8.71
CA LYS A 43 -1.75 11.56 -8.16
C LYS A 43 -2.74 12.15 -9.16
N GLN A 44 -2.39 12.10 -10.45
CA GLN A 44 -3.24 12.65 -11.50
C GLN A 44 -4.52 11.83 -11.70
N HIS A 45 -4.44 10.50 -11.71
CA HIS A 45 -5.56 9.61 -11.94
C HIS A 45 -5.98 8.87 -10.66
N LYS A 46 -5.79 9.54 -9.54
CA LYS A 46 -6.08 9.08 -8.19
C LYS A 46 -7.50 8.56 -8.08
N GLN A 47 -8.45 9.38 -8.53
CA GLN A 47 -9.86 9.05 -8.48
C GLN A 47 -10.17 7.79 -9.30
N GLU A 48 -9.50 7.62 -10.44
CA GLU A 48 -9.73 6.48 -11.33
C GLU A 48 -9.48 5.16 -10.61
N LEU A 49 -8.40 5.09 -9.84
CA LEU A 49 -8.07 3.90 -9.09
C LEU A 49 -9.13 3.67 -8.03
N ILE A 50 -9.42 4.67 -7.21
CA ILE A 50 -10.41 4.53 -6.15
C ILE A 50 -11.76 4.12 -6.73
N ASP A 51 -12.12 4.56 -7.93
CA ASP A 51 -13.39 4.22 -8.55
C ASP A 51 -13.43 2.77 -9.02
N PHE A 52 -12.40 2.34 -9.76
CA PHE A 52 -12.31 0.97 -10.29
C PHE A 52 -11.98 -0.02 -9.20
N LEU A 53 -10.91 0.23 -8.42
CA LEU A 53 -10.48 -0.65 -7.34
C LEU A 53 -11.57 -0.81 -6.30
N ASN A 54 -12.38 0.23 -6.07
CA ASN A 54 -13.48 0.09 -5.10
C ASN A 54 -14.40 -1.05 -5.53
N GLN A 55 -14.62 -1.20 -6.83
CA GLN A 55 -15.46 -2.27 -7.37
C GLN A 55 -14.74 -3.61 -7.26
N LEU A 56 -13.41 -3.66 -7.43
CA LEU A 56 -12.65 -4.90 -7.31
C LEU A 56 -12.87 -5.48 -5.90
N ASP A 57 -12.82 -4.61 -4.88
CA ASP A 57 -13.02 -5.02 -3.50
C ASP A 57 -14.40 -5.65 -3.26
N SER A 58 -15.39 -5.36 -4.09
CA SER A 58 -16.72 -5.91 -3.98
C SER A 58 -16.77 -7.29 -4.61
N GLU A 59 -15.95 -7.53 -5.64
CA GLU A 59 -15.88 -8.82 -6.30
C GLU A 59 -15.04 -9.77 -5.44
N GLU A 60 -14.06 -9.20 -4.73
CA GLU A 60 -13.14 -9.89 -3.86
C GLU A 60 -13.73 -10.24 -2.50
N GLN A 61 -14.36 -9.26 -1.84
CA GLN A 61 -14.95 -9.38 -0.51
C GLN A 61 -13.96 -9.80 0.60
N THR A 62 -12.66 -9.94 0.27
CA THR A 62 -11.61 -10.34 1.19
C THR A 62 -11.41 -9.34 2.31
N LYS A 63 -11.04 -9.88 3.46
CA LYS A 63 -10.76 -9.14 4.68
C LYS A 63 -9.26 -9.09 4.94
N GLY A 64 -8.85 -8.39 5.99
CA GLY A 64 -7.47 -8.27 6.39
C GLY A 64 -7.35 -7.36 7.59
N SER A 65 -6.20 -7.34 8.24
CA SER A 65 -5.92 -6.51 9.41
C SER A 65 -4.40 -6.53 9.69
N GLY A 66 -3.97 -5.83 10.74
CA GLY A 66 -2.59 -5.74 11.14
C GLY A 66 -2.32 -6.65 12.33
N SER A 67 -1.36 -7.56 12.17
CA SER A 67 -0.89 -8.52 13.15
C SER A 67 0.59 -8.83 12.85
N GLY A 68 1.26 -9.53 13.76
CA GLY A 68 2.65 -9.93 13.60
C GLY A 68 3.69 -8.88 13.96
N SER A 69 3.75 -8.47 15.22
CA SER A 69 4.69 -7.50 15.73
C SER A 69 4.73 -7.71 17.24
N GLY A 70 5.88 -8.10 17.79
CA GLY A 70 6.04 -8.34 19.21
C GLY A 70 7.34 -9.08 19.49
N SER A 71 7.62 -9.37 20.76
CA SER A 71 8.82 -10.07 21.21
C SER A 71 8.67 -10.62 22.64
N GLY A 72 7.53 -10.42 23.31
CA GLY A 72 7.29 -10.86 24.68
C GLY A 72 7.34 -9.64 25.59
N SER A 73 7.66 -9.80 26.88
CA SER A 73 7.73 -8.67 27.81
C SER A 73 8.94 -8.74 28.73
N GLY A 74 9.34 -9.92 29.22
CA GLY A 74 10.48 -10.02 30.13
C GLY A 74 10.11 -9.45 31.48
N SER A 75 11.09 -8.96 32.25
CA SER A 75 10.89 -8.38 33.57
C SER A 75 11.07 -6.86 33.55
N LEU A 76 10.48 -6.18 34.53
CA LEU A 76 10.57 -4.71 34.64
C LEU A 76 12.01 -4.25 34.74
N LEU A 77 12.87 -4.97 35.49
CA LEU A 77 14.27 -4.59 35.66
C LEU A 77 15.00 -4.45 34.32
N LYS A 78 14.79 -5.38 33.36
CA LYS A 78 15.46 -5.27 32.07
C LYS A 78 14.73 -4.25 31.21
N GLU A 79 13.39 -4.20 31.29
CA GLU A 79 12.59 -3.26 30.52
C GLU A 79 12.96 -1.82 30.82
N LYS A 80 13.03 -1.42 32.10
CA LYS A 80 13.37 -0.03 32.43
C LYS A 80 14.75 0.32 31.89
N ARG A 81 15.73 -0.60 31.97
CA ARG A 81 17.07 -0.29 31.46
C ARG A 81 17.03 -0.01 29.96
N LYS A 82 16.40 -0.87 29.15
CA LYS A 82 16.36 -0.61 27.71
C LYS A 82 15.46 0.56 27.37
N HIS A 83 14.38 0.77 28.13
CA HIS A 83 13.49 1.87 27.87
C HIS A 83 14.19 3.22 28.12
N PHE A 84 15.13 3.27 29.07
CA PHE A 84 15.86 4.49 29.38
C PHE A 84 16.65 4.91 28.14
N GLN A 85 17.52 4.04 27.64
CA GLN A 85 18.35 4.28 26.47
C GLN A 85 18.57 2.94 25.75
N ALA A 86 18.19 2.86 24.48
CA ALA A 86 18.33 1.68 23.62
C ALA A 86 17.80 2.00 22.23
N GLU A 87 18.43 1.46 21.18
CA GLU A 87 18.02 1.66 19.79
C GLU A 87 18.43 0.45 18.93
N GLN A 88 17.68 0.18 17.86
CA GLN A 88 17.89 -0.92 16.88
C GLN A 88 17.26 -0.61 15.53
N ASN A 89 16.98 0.66 15.28
CA ASN A 89 16.38 1.17 14.05
C ASN A 89 14.88 0.85 14.01
N SER A 90 14.46 -0.36 14.38
CA SER A 90 13.06 -0.77 14.43
C SER A 90 12.32 -0.64 13.08
N SER A 91 13.04 -0.71 11.96
CA SER A 91 12.50 -0.61 10.60
C SER A 91 12.07 0.83 10.27
N GLN A 92 12.94 1.59 9.61
CA GLN A 92 12.75 2.99 9.21
C GLN A 92 13.10 3.31 7.74
N GLU A 93 13.22 2.31 6.87
CA GLU A 93 13.55 2.49 5.45
C GLU A 93 12.32 2.41 4.53
N TYR A 94 11.21 1.99 5.11
CA TYR A 94 9.92 1.85 4.46
C TYR A 94 9.37 3.23 4.21
N LEU A 95 9.03 3.50 2.96
CA LEU A 95 8.42 4.77 2.59
C LEU A 95 7.01 4.41 2.15
N ARG A 96 6.05 5.26 2.50
CA ARG A 96 4.64 5.09 2.22
C ARG A 96 4.01 6.42 1.85
N GLY A 97 2.83 6.34 1.24
CA GLY A 97 2.07 7.52 0.86
C GLY A 97 0.62 7.16 0.60
N GLU A 98 -0.16 8.20 0.33
CA GLU A 98 -1.59 8.14 0.05
C GLU A 98 -1.82 9.00 -1.19
N ILE A 99 -2.25 8.37 -2.28
CA ILE A 99 -2.53 8.98 -3.57
C ILE A 99 -3.89 9.65 -3.46
N GLY A 1 -9.32 7.55 -19.60
CA GLY A 1 -9.26 6.27 -20.33
C GLY A 1 -8.06 5.45 -19.90
N ILE A 2 -8.03 5.03 -18.65
CA ILE A 2 -6.97 4.23 -18.03
C ILE A 2 -7.70 3.33 -17.04
N ASP A 3 -7.31 2.07 -16.95
CA ASP A 3 -7.87 1.09 -16.04
C ASP A 3 -7.05 1.06 -14.76
N ALA A 4 -7.70 1.05 -13.61
CA ALA A 4 -7.02 1.01 -12.32
C ALA A 4 -6.07 -0.17 -12.24
N ALA A 5 -6.46 -1.32 -12.78
CA ALA A 5 -5.66 -2.53 -12.76
C ALA A 5 -4.36 -2.31 -13.51
N GLN A 6 -4.38 -1.54 -14.59
CA GLN A 6 -3.20 -1.24 -15.39
C GLN A 6 -2.25 -0.37 -14.57
N ILE A 7 -2.78 0.50 -13.73
CA ILE A 7 -1.99 1.38 -12.90
C ILE A 7 -1.35 0.54 -11.77
N VAL A 8 -2.12 -0.37 -11.14
CA VAL A 8 -1.61 -1.25 -10.08
C VAL A 8 -0.55 -2.17 -10.69
N ASP A 9 -0.73 -2.58 -11.95
CA ASP A 9 0.18 -3.47 -12.68
C ASP A 9 1.60 -2.92 -12.60
N GLU A 10 1.74 -1.64 -12.97
CA GLU A 10 2.99 -0.90 -12.97
C GLU A 10 3.59 -0.83 -11.56
N ALA A 11 2.73 -0.75 -10.55
CA ALA A 11 3.14 -0.66 -9.16
C ALA A 11 3.79 -1.96 -8.73
N LEU A 12 3.11 -3.07 -8.95
CA LEU A 12 3.60 -4.39 -8.56
C LEU A 12 4.90 -4.69 -9.28
N GLU A 13 4.98 -4.43 -10.59
CA GLU A 13 6.22 -4.70 -11.30
C GLU A 13 7.37 -3.80 -10.80
N GLN A 14 7.06 -2.66 -10.18
CA GLN A 14 8.07 -1.76 -9.61
C GLN A 14 8.38 -2.12 -8.16
N GLY A 15 7.68 -3.09 -7.58
CA GLY A 15 7.84 -3.54 -6.20
C GLY A 15 6.96 -2.75 -5.23
N ILE A 16 6.07 -1.89 -5.72
CA ILE A 16 5.17 -1.09 -4.88
C ILE A 16 3.87 -1.84 -4.72
N THR A 17 3.30 -1.81 -3.52
CA THR A 17 2.04 -2.47 -3.28
C THR A 17 1.06 -1.45 -2.77
N LEU A 18 0.22 -1.02 -3.69
CA LEU A 18 -0.85 -0.07 -3.43
C LEU A 18 -2.20 -0.71 -3.72
N PHE A 19 -3.25 -0.23 -3.06
CA PHE A 19 -4.63 -0.70 -3.21
C PHE A 19 -5.58 0.25 -2.48
N VAL A 20 -6.89 0.00 -2.59
CA VAL A 20 -7.92 0.82 -1.97
C VAL A 20 -8.17 0.22 -0.60
N VAL A 21 -8.26 1.11 0.36
CA VAL A 21 -8.53 0.79 1.75
C VAL A 21 -9.20 2.03 2.32
N ASN A 22 -10.26 1.86 3.09
CA ASN A 22 -11.00 2.95 3.74
C ASN A 22 -11.31 4.14 2.84
N ASN A 23 -11.67 3.83 1.59
CA ASN A 23 -12.06 4.73 0.50
C ASN A 23 -10.96 5.66 0.00
N ARG A 24 -9.70 5.27 0.14
CA ARG A 24 -8.51 6.03 -0.24
C ARG A 24 -7.49 5.10 -0.88
N LEU A 25 -6.58 5.63 -1.68
CA LEU A 25 -5.54 4.82 -2.28
C LEU A 25 -4.26 5.04 -1.47
N GLN A 26 -3.49 4.01 -1.19
CA GLN A 26 -2.25 4.16 -0.43
C GLN A 26 -1.20 3.26 -1.06
N TYR A 27 0.08 3.62 -0.95
CA TYR A 27 1.18 2.81 -1.46
C TYR A 27 2.17 2.52 -0.34
N GLU A 28 2.93 1.44 -0.52
CA GLU A 28 3.92 0.98 0.45
C GLU A 28 5.01 0.20 -0.28
N THR A 29 6.26 0.38 0.14
CA THR A 29 7.45 -0.31 -0.39
C THR A 29 8.69 0.18 0.35
N SER A 30 9.65 -0.66 0.74
CA SER A 30 10.86 -0.08 1.31
C SER A 30 11.94 -0.38 0.27
N ARG A 31 12.07 0.37 -0.86
CA ARG A 31 13.20 0.02 -1.74
C ARG A 31 14.17 1.16 -2.01
N ASP A 32 13.81 2.02 -2.98
CA ASP A 32 14.54 3.20 -3.40
C ASP A 32 13.88 4.54 -3.10
N SER A 33 12.55 4.49 -3.25
CA SER A 33 11.51 5.50 -3.16
C SER A 33 10.52 5.12 -4.28
N ILE A 34 9.72 6.05 -4.76
CA ILE A 34 8.74 5.79 -5.82
C ILE A 34 9.14 6.45 -7.15
N PRO A 35 9.17 5.71 -8.27
CA PRO A 35 9.50 6.26 -9.58
C PRO A 35 8.41 7.26 -9.98
N THR A 36 8.81 8.46 -10.38
CA THR A 36 7.89 9.50 -10.80
C THR A 36 7.04 9.00 -11.98
N GLU A 37 7.53 8.03 -12.76
CA GLU A 37 6.79 7.54 -13.91
C GLU A 37 5.38 7.11 -13.54
N LEU A 38 5.27 6.25 -12.52
CA LEU A 38 3.99 5.78 -12.04
C LEU A 38 3.42 6.76 -11.04
N LEU A 39 4.25 7.35 -10.18
CA LEU A 39 3.78 8.28 -9.15
C LEU A 39 3.04 9.47 -9.75
N ASN A 40 3.63 10.13 -10.75
CA ASN A 40 2.97 11.25 -11.40
C ASN A 40 1.59 10.84 -11.91
N LYS A 41 1.49 9.63 -12.45
CA LYS A 41 0.26 9.06 -12.97
C LYS A 41 -0.69 8.78 -11.81
N TRP A 42 -0.20 8.26 -10.69
CA TRP A 42 -1.00 7.93 -9.53
C TRP A 42 -1.80 9.11 -9.04
N LYS A 43 -1.14 10.24 -8.78
CA LYS A 43 -1.87 11.41 -8.30
C LYS A 43 -2.79 11.94 -9.38
N GLN A 44 -2.34 11.94 -10.63
CA GLN A 44 -3.12 12.43 -11.74
C GLN A 44 -4.40 11.62 -11.94
N HIS A 45 -4.36 10.31 -11.69
CA HIS A 45 -5.48 9.39 -11.82
C HIS A 45 -5.88 8.75 -10.49
N LYS A 46 -5.74 9.52 -9.41
CA LYS A 46 -6.05 9.13 -8.03
C LYS A 46 -7.45 8.57 -7.92
N GLN A 47 -8.43 9.34 -8.41
CA GLN A 47 -9.82 8.98 -8.36
C GLN A 47 -10.08 7.74 -9.19
N GLU A 48 -9.44 7.61 -10.35
CA GLU A 48 -9.64 6.47 -11.24
C GLU A 48 -9.41 5.15 -10.52
N LEU A 49 -8.29 5.06 -9.79
CA LEU A 49 -7.94 3.87 -9.04
C LEU A 49 -8.95 3.64 -7.92
N ILE A 50 -9.19 4.64 -7.08
CA ILE A 50 -10.12 4.55 -5.98
C ILE A 50 -11.50 4.16 -6.49
N ASP A 51 -11.89 4.61 -7.68
CA ASP A 51 -13.17 4.34 -8.31
C ASP A 51 -13.28 2.90 -8.82
N PHE A 52 -12.30 2.43 -9.59
CA PHE A 52 -12.30 1.06 -10.12
C PHE A 52 -11.94 0.05 -9.03
N LEU A 53 -10.83 0.25 -8.31
CA LEU A 53 -10.40 -0.67 -7.25
C LEU A 53 -11.48 -0.84 -6.20
N ASN A 54 -12.25 0.23 -5.94
CA ASN A 54 -13.37 0.15 -4.97
C ASN A 54 -14.32 -0.98 -5.33
N GLN A 55 -14.61 -1.08 -6.64
CA GLN A 55 -15.50 -2.08 -7.21
C GLN A 55 -14.84 -3.45 -7.22
N LEU A 56 -13.54 -3.55 -7.51
CA LEU A 56 -12.82 -4.83 -7.54
C LEU A 56 -12.97 -5.55 -6.21
N ASP A 57 -12.95 -4.81 -5.10
CA ASP A 57 -13.12 -5.41 -3.77
C ASP A 57 -14.47 -6.10 -3.68
N SER A 58 -15.53 -5.41 -4.11
CA SER A 58 -16.89 -5.94 -4.07
C SER A 58 -17.02 -7.15 -4.97
N GLU A 59 -16.34 -7.15 -6.12
CA GLU A 59 -16.40 -8.24 -7.07
C GLU A 59 -15.89 -9.55 -6.44
N GLU A 60 -14.82 -9.46 -5.64
CA GLU A 60 -14.25 -10.63 -4.98
C GLU A 60 -15.00 -10.99 -3.70
N GLN A 61 -15.64 -9.99 -3.08
CA GLN A 61 -16.43 -10.03 -1.84
C GLN A 61 -15.63 -10.50 -0.60
N THR A 62 -14.39 -10.93 -0.78
CA THR A 62 -13.47 -11.45 0.23
C THR A 62 -12.67 -10.42 1.00
N LYS A 63 -12.89 -9.17 0.66
CA LYS A 63 -12.21 -8.03 1.24
C LYS A 63 -10.70 -8.25 1.18
N GLY A 64 -10.04 -7.99 2.29
CA GLY A 64 -8.63 -8.10 2.47
C GLY A 64 -7.97 -6.81 2.04
N SER A 65 -6.92 -6.40 2.75
CA SER A 65 -6.13 -5.20 2.52
C SER A 65 -4.84 -5.31 3.34
N GLY A 66 -3.92 -4.37 3.12
CA GLY A 66 -2.67 -4.30 3.84
C GLY A 66 -2.91 -3.65 5.21
N SER A 67 -1.86 -3.35 5.95
CA SER A 67 -1.93 -2.72 7.27
C SER A 67 -0.60 -2.06 7.62
N GLY A 68 -0.60 -1.27 8.69
CA GLY A 68 0.53 -0.56 9.21
C GLY A 68 0.64 -0.80 10.71
N SER A 69 1.50 -0.04 11.38
CA SER A 69 1.72 -0.14 12.81
C SER A 69 1.47 1.22 13.47
N GLY A 70 1.36 1.20 14.79
CA GLY A 70 1.13 2.32 15.67
C GLY A 70 0.93 1.74 17.08
N SER A 71 0.57 2.58 18.03
CA SER A 71 0.33 2.21 19.41
C SER A 71 -0.39 3.39 20.08
N GLY A 72 -1.14 3.13 21.14
CA GLY A 72 -1.87 4.15 21.87
C GLY A 72 -1.87 3.87 23.36
N SER A 73 -2.93 4.28 24.03
CA SER A 73 -3.15 4.13 25.47
C SER A 73 -2.13 4.92 26.31
N GLY A 74 -2.27 4.80 27.62
CA GLY A 74 -1.46 5.44 28.65
C GLY A 74 -1.62 6.95 28.72
N SER A 75 -1.21 7.53 29.85
CA SER A 75 -1.25 8.97 30.03
C SER A 75 -0.15 9.52 29.12
N LEU A 76 -0.41 10.59 28.37
CA LEU A 76 0.61 11.14 27.47
C LEU A 76 1.85 11.56 28.26
N LEU A 77 1.73 11.95 29.54
CA LEU A 77 2.89 12.34 30.33
C LEU A 77 3.86 11.16 30.50
N LYS A 78 3.36 9.94 30.75
CA LYS A 78 4.24 8.77 30.92
C LYS A 78 4.69 8.26 29.56
N GLU A 79 3.79 8.26 28.57
CA GLU A 79 4.07 7.76 27.24
C GLU A 79 5.05 8.63 26.44
N LYS A 80 4.84 9.94 26.36
CA LYS A 80 5.76 10.77 25.59
C LYS A 80 7.15 10.71 26.19
N ARG A 81 7.25 10.69 27.52
CA ARG A 81 8.47 10.62 28.24
C ARG A 81 9.21 9.34 27.85
N LYS A 82 8.56 8.17 27.83
CA LYS A 82 9.25 6.95 27.44
C LYS A 82 9.69 7.05 25.98
N HIS A 83 8.86 7.57 25.08
CA HIS A 83 9.21 7.67 23.67
C HIS A 83 10.37 8.63 23.40
N PHE A 84 10.62 9.59 24.31
CA PHE A 84 11.72 10.52 24.16
C PHE A 84 13.05 9.80 24.46
N GLN A 85 13.00 8.54 24.91
CA GLN A 85 14.11 7.65 25.24
C GLN A 85 13.91 6.36 24.42
N ALA A 86 14.84 5.41 24.58
CA ALA A 86 14.91 4.10 23.92
C ALA A 86 15.13 4.24 22.42
N GLU A 87 15.93 3.35 21.84
CA GLU A 87 16.23 3.40 20.42
C GLU A 87 16.23 2.00 19.81
N GLN A 88 16.04 1.94 18.49
CA GLN A 88 16.01 0.75 17.67
C GLN A 88 16.34 1.18 16.23
N ASN A 89 16.45 0.17 15.37
CA ASN A 89 16.75 0.25 13.95
C ASN A 89 15.98 -0.83 13.19
N SER A 90 14.90 -1.37 13.77
CA SER A 90 14.06 -2.42 13.22
C SER A 90 13.86 -2.28 11.70
N SER A 91 13.35 -1.12 11.27
CA SER A 91 13.10 -0.80 9.87
C SER A 91 12.43 0.57 9.83
N GLN A 92 13.18 1.63 9.54
CA GLN A 92 12.67 3.00 9.47
C GLN A 92 12.86 3.55 8.04
N GLU A 93 13.22 2.66 7.11
CA GLU A 93 13.50 2.87 5.68
C GLU A 93 12.27 2.75 4.77
N TYR A 94 11.21 2.26 5.38
CA TYR A 94 9.91 2.00 4.79
C TYR A 94 9.27 3.34 4.49
N LEU A 95 9.02 3.58 3.20
CA LEU A 95 8.42 4.80 2.69
C LEU A 95 7.03 4.45 2.15
N ARG A 96 6.06 5.28 2.51
CA ARG A 96 4.66 5.14 2.14
C ARG A 96 4.06 6.50 1.87
N GLY A 97 2.92 6.50 1.20
CA GLY A 97 2.17 7.70 0.88
C GLY A 97 0.72 7.32 0.56
N GLU A 98 -0.11 8.35 0.37
CA GLU A 98 -1.53 8.24 0.05
C GLU A 98 -1.74 9.00 -1.25
N ILE A 99 -2.18 8.31 -2.29
CA ILE A 99 -2.44 8.90 -3.60
C ILE A 99 -3.81 9.55 -3.49
N GLY A 1 -8.16 5.77 -22.70
CA GLY A 1 -8.56 5.59 -21.30
C GLY A 1 -7.52 4.80 -20.52
N ILE A 2 -7.60 4.83 -19.18
CA ILE A 2 -6.67 4.13 -18.31
C ILE A 2 -7.47 3.25 -17.34
N ASP A 3 -7.08 1.98 -17.22
CA ASP A 3 -7.71 1.03 -16.30
C ASP A 3 -6.93 0.95 -14.99
N ALA A 4 -7.62 0.87 -13.85
CA ALA A 4 -6.96 0.79 -12.56
C ALA A 4 -5.98 -0.37 -12.48
N ALA A 5 -6.33 -1.50 -13.10
CA ALA A 5 -5.49 -2.69 -13.07
C ALA A 5 -4.15 -2.38 -13.74
N GLN A 6 -4.14 -1.59 -14.82
CA GLN A 6 -2.92 -1.24 -15.54
C GLN A 6 -2.02 -0.39 -14.65
N ILE A 7 -2.62 0.50 -13.85
CA ILE A 7 -1.88 1.38 -12.96
C ILE A 7 -1.26 0.55 -11.83
N VAL A 8 -2.04 -0.39 -11.27
CA VAL A 8 -1.57 -1.25 -10.19
C VAL A 8 -0.47 -2.18 -10.72
N ASP A 9 -0.62 -2.72 -11.93
CA ASP A 9 0.35 -3.64 -12.53
C ASP A 9 1.75 -3.06 -12.56
N GLU A 10 1.85 -1.78 -12.96
CA GLU A 10 3.12 -1.08 -13.02
C GLU A 10 3.71 -0.93 -11.60
N ALA A 11 2.84 -0.79 -10.59
CA ALA A 11 3.26 -0.67 -9.20
C ALA A 11 3.98 -1.96 -8.81
N LEU A 12 3.37 -3.11 -9.09
CA LEU A 12 3.92 -4.40 -8.72
C LEU A 12 5.26 -4.63 -9.38
N GLU A 13 5.40 -4.36 -10.67
CA GLU A 13 6.71 -4.56 -11.31
C GLU A 13 7.76 -3.61 -10.71
N GLN A 14 7.34 -2.48 -10.14
CA GLN A 14 8.24 -1.54 -9.49
C GLN A 14 8.47 -1.90 -8.02
N GLY A 15 7.81 -2.96 -7.53
CA GLY A 15 7.90 -3.45 -6.17
C GLY A 15 6.98 -2.67 -5.24
N ILE A 16 6.12 -1.78 -5.75
CA ILE A 16 5.21 -1.00 -4.94
C ILE A 16 3.88 -1.73 -4.83
N THR A 17 3.32 -1.73 -3.64
CA THR A 17 2.06 -2.41 -3.38
C THR A 17 1.01 -1.41 -2.91
N LEU A 18 0.13 -1.03 -3.84
CA LEU A 18 -0.98 -0.14 -3.59
C LEU A 18 -2.31 -0.83 -3.93
N PHE A 19 -3.38 -0.36 -3.29
CA PHE A 19 -4.75 -0.84 -3.42
C PHE A 19 -5.66 0.15 -2.68
N VAL A 20 -6.98 -0.09 -2.70
CA VAL A 20 -7.95 0.79 -2.07
C VAL A 20 -8.08 0.25 -0.66
N VAL A 21 -8.02 1.20 0.30
CA VAL A 21 -8.11 0.93 1.71
C VAL A 21 -8.85 2.13 2.30
N ASN A 22 -9.89 1.92 3.11
CA ASN A 22 -10.66 2.97 3.76
C ASN A 22 -11.06 4.13 2.85
N ASN A 23 -11.45 3.76 1.63
CA ASN A 23 -11.90 4.58 0.50
C ASN A 23 -10.84 5.50 -0.10
N ARG A 24 -9.58 5.13 0.02
CA ARG A 24 -8.46 5.92 -0.46
C ARG A 24 -7.42 5.00 -1.06
N LEU A 25 -6.59 5.54 -1.94
CA LEU A 25 -5.54 4.75 -2.55
C LEU A 25 -4.30 4.99 -1.68
N GLN A 26 -3.62 3.94 -1.25
CA GLN A 26 -2.42 4.06 -0.44
C GLN A 26 -1.41 3.04 -0.94
N TYR A 27 -0.12 3.37 -0.90
CA TYR A 27 0.98 2.53 -1.35
C TYR A 27 1.99 2.26 -0.24
N GLU A 28 2.79 1.21 -0.42
CA GLU A 28 3.81 0.80 0.53
C GLU A 28 4.92 0.06 -0.24
N THR A 29 6.19 0.23 0.15
CA THR A 29 7.36 -0.43 -0.42
C THR A 29 8.63 0.02 0.31
N SER A 30 9.58 -0.85 0.59
CA SER A 30 10.82 -0.37 1.18
C SER A 30 11.91 -0.59 0.12
N ARG A 31 12.06 0.24 -0.93
CA ARG A 31 13.22 -0.02 -1.80
C ARG A 31 14.20 1.15 -1.95
N ASP A 32 13.86 2.05 -2.87
CA ASP A 32 14.58 3.27 -3.21
C ASP A 32 13.89 4.59 -2.89
N SER A 33 12.57 4.52 -3.07
CA SER A 33 11.47 5.48 -2.99
C SER A 33 10.55 5.15 -4.17
N ILE A 34 9.68 6.07 -4.61
CA ILE A 34 8.74 5.84 -5.70
C ILE A 34 9.15 6.55 -7.02
N PRO A 35 9.19 5.84 -8.16
CA PRO A 35 9.51 6.42 -9.46
C PRO A 35 8.41 7.40 -9.86
N THR A 36 8.80 8.62 -10.20
CA THR A 36 7.86 9.65 -10.63
C THR A 36 7.04 9.18 -11.83
N GLU A 37 7.55 8.25 -12.65
CA GLU A 37 6.82 7.79 -13.83
C GLU A 37 5.41 7.30 -13.50
N LEU A 38 5.30 6.40 -12.52
CA LEU A 38 4.01 5.88 -12.09
C LEU A 38 3.40 6.83 -11.09
N LEU A 39 4.21 7.42 -10.20
CA LEU A 39 3.73 8.31 -9.16
C LEU A 39 2.98 9.51 -9.73
N ASN A 40 3.56 10.19 -10.72
CA ASN A 40 2.93 11.34 -11.36
C ASN A 40 1.56 10.94 -11.92
N LYS A 41 1.44 9.73 -12.49
CA LYS A 41 0.20 9.22 -13.04
C LYS A 41 -0.75 8.87 -11.90
N TRP A 42 -0.25 8.29 -10.82
CA TRP A 42 -1.06 7.90 -9.68
C TRP A 42 -1.82 9.07 -9.13
N LYS A 43 -1.13 10.15 -8.79
CA LYS A 43 -1.81 11.31 -8.23
C LYS A 43 -2.77 11.91 -9.24
N GLN A 44 -2.40 11.90 -10.52
CA GLN A 44 -3.21 12.43 -11.57
C GLN A 44 -4.50 11.65 -11.77
N HIS A 45 -4.44 10.32 -11.67
CA HIS A 45 -5.55 9.41 -11.87
C HIS A 45 -5.99 8.72 -10.58
N LYS A 46 -5.77 9.38 -9.45
CA LYS A 46 -6.09 8.95 -8.09
C LYS A 46 -7.52 8.43 -8.00
N GLN A 47 -8.47 9.23 -8.46
CA GLN A 47 -9.87 8.88 -8.43
C GLN A 47 -10.17 7.70 -9.36
N GLU A 48 -9.48 7.57 -10.48
CA GLU A 48 -9.74 6.48 -11.42
C GLU A 48 -9.53 5.14 -10.72
N LEU A 49 -8.51 5.05 -9.85
CA LEU A 49 -8.19 3.86 -9.09
C LEU A 49 -9.19 3.66 -7.98
N ILE A 50 -9.42 4.67 -7.14
CA ILE A 50 -10.36 4.60 -6.02
C ILE A 50 -11.75 4.21 -6.53
N ASP A 51 -12.13 4.62 -7.73
CA ASP A 51 -13.42 4.32 -8.34
C ASP A 51 -13.50 2.87 -8.81
N PHE A 52 -12.49 2.39 -9.55
CA PHE A 52 -12.49 1.02 -10.05
C PHE A 52 -12.15 0.04 -8.94
N LEU A 53 -11.01 0.24 -8.26
CA LEU A 53 -10.58 -0.61 -7.17
C LEU A 53 -11.63 -0.73 -6.07
N ASN A 54 -12.41 0.33 -5.81
CA ASN A 54 -13.48 0.23 -4.79
C ASN A 54 -14.44 -0.88 -5.15
N GLN A 55 -14.80 -0.94 -6.43
CA GLN A 55 -15.69 -1.92 -7.00
C GLN A 55 -15.03 -3.29 -6.91
N LEU A 56 -13.75 -3.41 -7.26
CA LEU A 56 -13.02 -4.68 -7.21
C LEU A 56 -13.05 -5.30 -5.81
N ASP A 57 -12.84 -4.50 -4.76
CA ASP A 57 -12.87 -5.05 -3.39
C ASP A 57 -14.30 -5.49 -3.02
N SER A 58 -15.30 -4.72 -3.48
CA SER A 58 -16.69 -5.03 -3.23
C SER A 58 -17.11 -6.28 -4.03
N GLU A 59 -16.46 -6.55 -5.16
CA GLU A 59 -16.75 -7.69 -6.02
C GLU A 59 -16.47 -8.99 -5.29
N GLU A 60 -15.41 -9.02 -4.48
CA GLU A 60 -15.07 -10.21 -3.72
C GLU A 60 -16.16 -10.46 -2.67
N GLN A 61 -16.74 -9.39 -2.12
CA GLN A 61 -17.79 -9.40 -1.11
C GLN A 61 -17.44 -10.21 0.15
N THR A 62 -16.18 -10.62 0.29
CA THR A 62 -15.66 -11.41 1.38
C THR A 62 -15.78 -10.67 2.72
N LYS A 63 -15.48 -11.40 3.79
CA LYS A 63 -15.50 -10.96 5.17
C LYS A 63 -14.58 -9.77 5.49
N GLY A 64 -13.71 -9.42 4.56
CA GLY A 64 -12.77 -8.32 4.70
C GLY A 64 -11.71 -8.43 3.62
N SER A 65 -10.68 -7.58 3.70
CA SER A 65 -9.58 -7.51 2.75
C SER A 65 -8.28 -7.91 3.47
N GLY A 66 -7.75 -7.04 4.31
CA GLY A 66 -6.51 -7.32 5.02
C GLY A 66 -6.50 -6.68 6.40
N SER A 67 -5.57 -5.78 6.64
CA SER A 67 -5.41 -5.08 7.90
C SER A 67 -5.07 -3.62 7.62
N GLY A 68 -5.61 -2.69 8.42
CA GLY A 68 -5.37 -1.27 8.22
C GLY A 68 -5.59 -0.45 9.48
N SER A 69 -5.48 0.86 9.35
CA SER A 69 -5.64 1.88 10.38
C SER A 69 -6.24 3.14 9.74
N GLY A 70 -6.55 4.14 10.56
CA GLY A 70 -7.14 5.41 10.15
C GLY A 70 -8.15 5.88 11.19
N SER A 71 -8.79 7.02 10.96
CA SER A 71 -9.79 7.56 11.87
C SER A 71 -11.00 6.62 12.02
N GLY A 72 -11.77 6.83 13.08
CA GLY A 72 -12.94 6.05 13.43
C GLY A 72 -13.16 6.26 14.92
N SER A 73 -14.06 7.16 15.28
CA SER A 73 -14.38 7.50 16.66
C SER A 73 -15.06 6.35 17.41
N GLY A 74 -15.45 6.59 18.66
CA GLY A 74 -16.14 5.65 19.52
C GLY A 74 -15.21 4.64 20.22
N SER A 75 -14.38 3.93 19.46
CA SER A 75 -13.44 2.92 19.97
C SER A 75 -12.17 3.56 20.56
N LEU A 76 -12.34 4.55 21.44
CA LEU A 76 -11.25 5.30 22.09
C LEU A 76 -10.24 4.36 22.77
N LEU A 77 -10.65 3.18 23.23
CA LEU A 77 -9.73 2.24 23.85
C LEU A 77 -8.54 1.92 22.95
N LYS A 78 -8.69 1.93 21.61
CA LYS A 78 -7.54 1.64 20.74
C LYS A 78 -6.59 2.83 20.72
N GLU A 79 -7.09 4.05 20.94
CA GLU A 79 -6.30 5.27 20.97
C GLU A 79 -5.54 5.27 22.30
N LYS A 80 -6.18 4.89 23.42
CA LYS A 80 -5.52 4.85 24.72
C LYS A 80 -4.28 3.96 24.65
N ARG A 81 -4.39 2.80 23.99
CA ARG A 81 -3.29 1.85 23.85
C ARG A 81 -2.07 2.50 23.20
N LYS A 82 -2.26 3.23 22.08
CA LYS A 82 -1.13 3.90 21.43
C LYS A 82 -0.66 5.10 22.26
N HIS A 83 -1.55 5.76 23.01
CA HIS A 83 -1.21 6.90 23.84
C HIS A 83 -0.10 6.56 24.85
N PHE A 84 0.00 5.29 25.25
CA PHE A 84 1.02 4.80 26.17
C PHE A 84 2.35 4.65 25.42
N GLN A 85 2.35 3.91 24.30
CA GLN A 85 3.51 3.66 23.46
C GLN A 85 3.08 3.65 22.00
N ALA A 86 3.68 4.56 21.21
CA ALA A 86 3.42 4.70 19.78
C ALA A 86 4.67 4.87 18.95
N GLU A 87 5.82 4.78 19.59
CA GLU A 87 7.13 4.94 18.96
C GLU A 87 7.83 3.59 18.97
N GLN A 88 8.11 3.05 17.79
CA GLN A 88 8.76 1.76 17.59
C GLN A 88 9.57 1.80 16.31
N ASN A 89 10.74 1.18 16.35
CA ASN A 89 11.68 1.09 15.24
C ASN A 89 11.40 -0.23 14.50
N SER A 90 10.13 -0.49 14.16
CA SER A 90 9.72 -1.71 13.47
C SER A 90 10.61 -1.94 12.25
N SER A 91 10.77 -0.90 11.42
CA SER A 91 11.59 -0.88 10.23
C SER A 91 11.84 0.60 9.94
N GLN A 92 12.98 0.94 9.33
CA GLN A 92 13.32 2.33 9.04
C GLN A 92 13.56 2.59 7.55
N GLU A 93 13.34 1.57 6.73
CA GLU A 93 13.53 1.63 5.27
C GLU A 93 12.21 1.63 4.51
N TYR A 94 11.09 1.64 5.23
CA TYR A 94 9.75 1.61 4.67
C TYR A 94 9.16 3.01 4.54
N LEU A 95 8.88 3.40 3.29
CA LEU A 95 8.27 4.66 2.87
C LEU A 95 6.90 4.32 2.28
N ARG A 96 5.86 5.07 2.63
CA ARG A 96 4.47 4.91 2.20
C ARG A 96 3.85 6.26 1.90
N GLY A 97 2.74 6.26 1.18
CA GLY A 97 2.00 7.48 0.86
C GLY A 97 0.57 7.16 0.44
N GLU A 98 -0.21 8.23 0.25
CA GLU A 98 -1.61 8.18 -0.15
C GLU A 98 -1.74 8.93 -1.47
N ILE A 99 -2.22 8.21 -2.48
CA ILE A 99 -2.46 8.75 -3.80
C ILE A 99 -3.85 9.34 -3.68
N GLY A 1 -8.32 7.10 -21.47
CA GLY A 1 -8.82 5.83 -20.93
C GLY A 1 -7.68 5.04 -20.30
N ILE A 2 -7.75 4.78 -19.00
CA ILE A 2 -6.76 4.03 -18.25
C ILE A 2 -7.54 3.18 -17.24
N ASP A 3 -7.21 1.91 -17.11
CA ASP A 3 -7.84 0.99 -16.19
C ASP A 3 -7.04 0.96 -14.90
N ALA A 4 -7.72 1.00 -13.75
CA ALA A 4 -7.07 0.97 -12.46
C ALA A 4 -6.09 -0.21 -12.35
N ALA A 5 -6.49 -1.37 -12.87
CA ALA A 5 -5.67 -2.57 -12.81
C ALA A 5 -4.34 -2.36 -13.51
N GLN A 6 -4.31 -1.64 -14.64
CA GLN A 6 -3.08 -1.38 -15.39
C GLN A 6 -2.14 -0.48 -14.59
N ILE A 7 -2.71 0.47 -13.83
CA ILE A 7 -1.90 1.37 -13.02
C ILE A 7 -1.28 0.58 -11.87
N VAL A 8 -2.05 -0.33 -11.25
CA VAL A 8 -1.55 -1.16 -10.15
C VAL A 8 -0.50 -2.13 -10.69
N ASP A 9 -0.68 -2.70 -11.89
CA ASP A 9 0.27 -3.65 -12.44
C ASP A 9 1.68 -3.06 -12.54
N GLU A 10 1.77 -1.78 -12.95
CA GLU A 10 3.04 -1.08 -13.06
C GLU A 10 3.65 -0.94 -11.66
N ALA A 11 2.80 -0.75 -10.64
CA ALA A 11 3.23 -0.63 -9.26
C ALA A 11 3.91 -1.93 -8.83
N LEU A 12 3.24 -3.05 -9.05
CA LEU A 12 3.75 -4.35 -8.65
C LEU A 12 5.08 -4.67 -9.30
N GLU A 13 5.22 -4.47 -10.61
CA GLU A 13 6.49 -4.74 -11.27
C GLU A 13 7.59 -3.86 -10.67
N GLN A 14 7.25 -2.64 -10.23
CA GLN A 14 8.18 -1.70 -9.62
C GLN A 14 8.44 -2.00 -8.14
N GLY A 15 7.71 -2.97 -7.57
CA GLY A 15 7.82 -3.39 -6.19
C GLY A 15 6.95 -2.56 -5.25
N ILE A 16 6.03 -1.75 -5.78
CA ILE A 16 5.14 -0.92 -4.99
C ILE A 16 3.80 -1.63 -4.92
N THR A 17 3.20 -1.63 -3.74
CA THR A 17 1.91 -2.28 -3.53
C THR A 17 0.86 -1.25 -3.10
N LEU A 18 -0.01 -0.81 -4.03
CA LEU A 18 -1.07 0.13 -3.74
C LEU A 18 -2.43 -0.51 -4.00
N PHE A 19 -3.41 -0.13 -3.19
CA PHE A 19 -4.77 -0.63 -3.25
C PHE A 19 -5.72 0.32 -2.51
N VAL A 20 -7.02 0.03 -2.50
CA VAL A 20 -8.02 0.87 -1.85
C VAL A 20 -8.16 0.36 -0.42
N VAL A 21 -8.23 1.32 0.50
CA VAL A 21 -8.36 1.05 1.91
C VAL A 21 -9.14 2.21 2.51
N ASN A 22 -10.26 1.95 3.18
CA ASN A 22 -11.06 2.98 3.83
C ASN A 22 -11.46 4.15 2.91
N ASN A 23 -11.68 3.84 1.64
CA ASN A 23 -12.08 4.72 0.54
C ASN A 23 -10.94 5.60 -0.01
N ARG A 24 -9.69 5.29 0.32
CA ARG A 24 -8.53 6.05 -0.10
C ARG A 24 -7.51 5.14 -0.74
N LEU A 25 -6.66 5.70 -1.58
CA LEU A 25 -5.62 4.96 -2.26
C LEU A 25 -4.37 5.13 -1.43
N GLN A 26 -3.56 4.10 -1.30
CA GLN A 26 -2.33 4.20 -0.55
C GLN A 26 -1.34 3.17 -1.07
N TYR A 27 -0.05 3.48 -0.96
CA TYR A 27 1.05 2.62 -1.42
C TYR A 27 2.04 2.30 -0.31
N GLU A 28 2.87 1.27 -0.53
CA GLU A 28 3.91 0.83 0.40
C GLU A 28 5.02 0.14 -0.40
N THR A 29 6.29 0.33 0.01
CA THR A 29 7.47 -0.29 -0.59
C THR A 29 8.72 0.13 0.18
N SER A 30 9.66 -0.78 0.48
CA SER A 30 10.89 -0.29 1.08
C SER A 30 11.96 -0.55 0.00
N ARG A 31 12.12 0.29 -1.05
CA ARG A 31 13.25 -0.04 -1.93
C ARG A 31 14.25 1.10 -2.03
N ASP A 32 13.97 2.07 -2.92
CA ASP A 32 14.71 3.30 -3.13
C ASP A 32 13.97 4.59 -2.83
N SER A 33 12.67 4.51 -3.15
CA SER A 33 11.57 5.48 -3.13
C SER A 33 10.66 5.15 -4.32
N ILE A 34 9.65 5.98 -4.58
CA ILE A 34 8.71 5.77 -5.67
C ILE A 34 9.19 6.43 -6.97
N PRO A 35 9.18 5.71 -8.11
CA PRO A 35 9.57 6.26 -9.40
C PRO A 35 8.52 7.29 -9.82
N THR A 36 8.94 8.51 -10.16
CA THR A 36 8.03 9.57 -10.60
C THR A 36 7.22 9.11 -11.83
N GLU A 37 7.75 8.16 -12.62
CA GLU A 37 7.10 7.66 -13.83
C GLU A 37 5.66 7.22 -13.56
N LEU A 38 5.46 6.37 -12.55
CA LEU A 38 4.15 5.90 -12.16
C LEU A 38 3.50 6.86 -11.17
N LEU A 39 4.28 7.40 -10.23
CA LEU A 39 3.80 8.30 -9.19
C LEU A 39 3.11 9.52 -9.76
N ASN A 40 3.74 10.20 -10.71
CA ASN A 40 3.16 11.37 -11.34
C ASN A 40 1.77 11.03 -11.93
N LYS A 41 1.61 9.83 -12.49
CA LYS A 41 0.36 9.35 -13.07
C LYS A 41 -0.60 9.00 -11.95
N TRP A 42 -0.14 8.41 -10.85
CA TRP A 42 -0.97 8.00 -9.71
C TRP A 42 -1.79 9.14 -9.19
N LYS A 43 -1.15 10.25 -8.86
CA LYS A 43 -1.91 11.38 -8.34
C LYS A 43 -2.85 11.95 -9.39
N GLN A 44 -2.42 11.93 -10.65
CA GLN A 44 -3.23 12.44 -11.74
C GLN A 44 -4.48 11.58 -11.97
N HIS A 45 -4.39 10.26 -11.77
CA HIS A 45 -5.46 9.30 -11.95
C HIS A 45 -5.91 8.69 -10.62
N LYS A 46 -5.74 9.44 -9.53
CA LYS A 46 -6.05 9.05 -8.16
C LYS A 46 -7.46 8.46 -8.05
N GLN A 47 -8.45 9.18 -8.55
CA GLN A 47 -9.82 8.74 -8.49
C GLN A 47 -10.01 7.51 -9.34
N GLU A 48 -9.32 7.36 -10.47
CA GLU A 48 -9.53 6.19 -11.33
C GLU A 48 -9.34 4.90 -10.54
N LEU A 49 -8.32 4.87 -9.69
CA LEU A 49 -8.01 3.69 -8.92
C LEU A 49 -9.01 3.54 -7.79
N ILE A 50 -9.18 4.55 -6.94
CA ILE A 50 -10.12 4.54 -5.83
C ILE A 50 -11.52 4.16 -6.30
N ASP A 51 -11.92 4.63 -7.47
CA ASP A 51 -13.23 4.39 -8.06
C ASP A 51 -13.37 2.98 -8.60
N PHE A 52 -12.41 2.49 -9.40
CA PHE A 52 -12.52 1.14 -9.95
C PHE A 52 -12.20 0.11 -8.87
N LEU A 53 -11.05 0.27 -8.19
CA LEU A 53 -10.63 -0.62 -7.11
C LEU A 53 -11.74 -0.72 -6.05
N ASN A 54 -12.51 0.36 -5.81
CA ASN A 54 -13.63 0.29 -4.84
C ASN A 54 -14.59 -0.86 -5.18
N GLN A 55 -14.84 -1.07 -6.47
CA GLN A 55 -15.72 -2.09 -7.00
C GLN A 55 -15.01 -3.45 -7.05
N LEU A 56 -13.74 -3.49 -7.44
CA LEU A 56 -12.98 -4.74 -7.52
C LEU A 56 -12.98 -5.45 -6.18
N ASP A 57 -12.72 -4.71 -5.10
CA ASP A 57 -12.70 -5.27 -3.75
C ASP A 57 -14.07 -5.85 -3.37
N SER A 58 -15.15 -5.41 -4.03
CA SER A 58 -16.50 -5.88 -3.80
C SER A 58 -16.74 -7.17 -4.59
N GLU A 59 -16.08 -7.32 -5.74
CA GLU A 59 -16.22 -8.52 -6.54
C GLU A 59 -15.37 -9.63 -5.92
N GLU A 60 -14.21 -9.29 -5.36
CA GLU A 60 -13.34 -10.27 -4.75
C GLU A 60 -13.78 -10.62 -3.33
N GLN A 61 -14.31 -9.64 -2.57
CA GLN A 61 -14.76 -9.76 -1.19
C GLN A 61 -13.76 -10.53 -0.31
N THR A 62 -12.50 -10.11 -0.39
CA THR A 62 -11.38 -10.67 0.37
C THR A 62 -10.43 -9.53 0.77
N LYS A 63 -9.35 -9.82 1.48
CA LYS A 63 -8.36 -8.83 1.90
C LYS A 63 -7.01 -9.43 2.28
N GLY A 64 -6.87 -10.75 2.23
CA GLY A 64 -5.66 -11.41 2.61
C GLY A 64 -4.97 -12.18 1.50
N SER A 65 -4.26 -11.50 0.60
CA SER A 65 -3.51 -12.11 -0.50
C SER A 65 -2.02 -11.78 -0.29
N GLY A 66 -1.10 -12.55 -0.88
CA GLY A 66 0.34 -12.33 -0.74
C GLY A 66 1.13 -13.58 -1.16
N SER A 67 1.89 -13.48 -2.26
CA SER A 67 2.69 -14.60 -2.78
C SER A 67 3.94 -14.10 -3.50
N GLY A 68 4.97 -14.94 -3.63
CA GLY A 68 6.24 -14.64 -4.27
C GLY A 68 7.32 -15.56 -3.69
N SER A 69 8.57 -15.11 -3.69
CA SER A 69 9.73 -15.82 -3.17
C SER A 69 10.07 -17.11 -3.95
N GLY A 70 11.09 -17.82 -3.49
CA GLY A 70 11.56 -19.07 -4.06
C GLY A 70 12.66 -18.83 -5.10
N SER A 71 13.91 -19.04 -4.71
CA SER A 71 15.11 -18.91 -5.52
C SER A 71 16.10 -20.00 -5.07
N GLY A 72 17.34 -20.03 -5.55
CA GLY A 72 18.30 -21.05 -5.17
C GLY A 72 19.66 -20.82 -5.81
N SER A 73 20.48 -21.86 -5.81
CA SER A 73 21.84 -21.97 -6.36
C SER A 73 22.91 -21.67 -5.30
N GLY A 74 24.17 -21.66 -5.73
CA GLY A 74 25.36 -21.45 -4.92
C GLY A 74 25.54 -20.07 -4.30
N SER A 75 24.66 -19.69 -3.37
CA SER A 75 24.67 -18.43 -2.62
C SER A 75 23.52 -18.34 -1.62
N LEU A 76 22.36 -19.00 -1.81
CA LEU A 76 21.24 -18.94 -0.86
C LEU A 76 21.66 -19.24 0.59
N LEU A 77 22.71 -20.04 0.77
CA LEU A 77 23.26 -20.39 2.07
C LEU A 77 23.63 -19.14 2.88
N LYS A 78 24.01 -18.01 2.26
CA LYS A 78 24.36 -16.78 2.97
C LYS A 78 23.12 -16.13 3.60
N GLU A 79 21.98 -16.27 2.93
CA GLU A 79 20.70 -15.73 3.33
C GLU A 79 20.07 -16.58 4.42
N LYS A 80 20.03 -17.91 4.26
CA LYS A 80 19.41 -18.75 5.29
C LYS A 80 20.09 -18.52 6.64
N ARG A 81 21.40 -18.21 6.63
CA ARG A 81 22.13 -17.92 7.87
C ARG A 81 21.61 -16.62 8.49
N LYS A 82 21.45 -15.53 7.73
CA LYS A 82 20.97 -14.28 8.32
C LYS A 82 19.53 -14.46 8.81
N HIS A 83 18.71 -15.26 8.14
CA HIS A 83 17.34 -15.48 8.57
C HIS A 83 17.26 -16.17 9.94
N PHE A 84 18.30 -16.87 10.39
CA PHE A 84 18.28 -17.51 11.70
C PHE A 84 18.31 -16.45 12.81
N GLN A 85 19.11 -15.40 12.63
CA GLN A 85 19.30 -14.25 13.50
C GLN A 85 20.26 -13.32 12.76
N ALA A 86 19.95 -12.01 12.67
CA ALA A 86 20.80 -11.04 11.96
C ALA A 86 20.42 -9.57 12.15
N GLU A 87 19.61 -9.32 13.16
CA GLU A 87 19.03 -8.07 13.61
C GLU A 87 17.96 -7.57 12.63
N GLN A 88 17.21 -6.61 13.14
CA GLN A 88 16.10 -5.88 12.55
C GLN A 88 16.09 -4.52 13.25
N ASN A 89 15.29 -3.61 12.72
CA ASN A 89 15.15 -2.24 13.23
C ASN A 89 13.68 -1.89 13.39
N SER A 90 12.81 -2.91 13.49
CA SER A 90 11.36 -2.74 13.63
C SER A 90 10.82 -1.86 12.50
N SER A 91 11.45 -1.92 11.31
CA SER A 91 11.17 -1.19 10.09
C SER A 91 11.65 0.27 10.21
N GLN A 92 12.79 0.59 9.57
CA GLN A 92 13.38 1.94 9.57
C GLN A 92 13.65 2.49 8.15
N GLU A 93 13.20 1.77 7.12
CA GLU A 93 13.40 2.12 5.71
C GLU A 93 12.15 1.95 4.83
N TYR A 94 10.96 1.88 5.45
CA TYR A 94 9.70 1.71 4.74
C TYR A 94 9.05 3.05 4.49
N LEU A 95 8.80 3.35 3.23
CA LEU A 95 8.16 4.59 2.81
C LEU A 95 6.79 4.23 2.24
N ARG A 96 5.80 5.03 2.59
CA ARG A 96 4.42 4.85 2.18
C ARG A 96 3.79 6.23 1.95
N GLY A 97 2.68 6.26 1.24
CA GLY A 97 1.95 7.49 0.96
C GLY A 97 0.48 7.22 0.63
N GLU A 98 -0.25 8.28 0.29
CA GLU A 98 -1.67 8.27 -0.05
C GLU A 98 -1.82 8.96 -1.41
N ILE A 99 -2.21 8.22 -2.47
CA ILE A 99 -2.44 8.77 -3.79
C ILE A 99 -3.81 9.43 -3.72
N GLY A 1 -8.75 7.64 -19.88
CA GLY A 1 -8.46 6.47 -20.71
C GLY A 1 -7.41 5.57 -20.07
N ILE A 2 -7.59 5.18 -18.81
CA ILE A 2 -6.64 4.32 -18.10
C ILE A 2 -7.44 3.45 -17.12
N ASP A 3 -7.17 2.15 -17.08
CA ASP A 3 -7.81 1.19 -16.21
C ASP A 3 -7.00 1.05 -14.94
N ALA A 4 -7.68 1.04 -13.81
CA ALA A 4 -7.05 0.94 -12.51
C ALA A 4 -6.13 -0.25 -12.43
N ALA A 5 -6.55 -1.40 -12.95
CA ALA A 5 -5.77 -2.63 -12.90
C ALA A 5 -4.41 -2.46 -13.59
N GLN A 6 -4.35 -1.65 -14.65
CA GLN A 6 -3.15 -1.37 -15.41
C GLN A 6 -2.19 -0.55 -14.54
N ILE A 7 -2.72 0.43 -13.81
CA ILE A 7 -1.92 1.27 -12.93
C ILE A 7 -1.36 0.33 -11.85
N VAL A 8 -2.19 -0.51 -11.22
CA VAL A 8 -1.68 -1.42 -10.18
C VAL A 8 -0.59 -2.36 -10.71
N ASP A 9 -0.73 -2.88 -11.93
CA ASP A 9 0.26 -3.80 -12.51
C ASP A 9 1.64 -3.16 -12.54
N GLU A 10 1.69 -1.88 -12.92
CA GLU A 10 2.91 -1.08 -12.99
C GLU A 10 3.54 -0.96 -11.61
N ALA A 11 2.71 -0.87 -10.58
CA ALA A 11 3.15 -0.73 -9.21
C ALA A 11 3.86 -1.99 -8.80
N LEU A 12 3.21 -3.14 -9.02
CA LEU A 12 3.80 -4.40 -8.63
C LEU A 12 5.12 -4.66 -9.34
N GLU A 13 5.21 -4.38 -10.64
CA GLU A 13 6.47 -4.59 -11.35
C GLU A 13 7.56 -3.68 -10.79
N GLN A 14 7.19 -2.51 -10.25
CA GLN A 14 8.11 -1.56 -9.65
C GLN A 14 8.34 -1.85 -8.16
N GLY A 15 7.74 -2.91 -7.63
CA GLY A 15 7.84 -3.32 -6.25
C GLY A 15 6.94 -2.53 -5.30
N ILE A 16 6.07 -1.67 -5.83
CA ILE A 16 5.17 -0.86 -5.03
C ILE A 16 3.86 -1.60 -4.85
N THR A 17 3.31 -1.54 -3.64
CA THR A 17 2.06 -2.21 -3.33
C THR A 17 1.02 -1.19 -2.88
N LEU A 18 0.10 -0.82 -3.77
CA LEU A 18 -1.00 0.09 -3.51
C LEU A 18 -2.32 -0.63 -3.73
N PHE A 19 -3.40 -0.14 -3.10
CA PHE A 19 -4.76 -0.69 -3.18
C PHE A 19 -5.77 0.25 -2.50
N VAL A 20 -7.05 -0.12 -2.54
CA VAL A 20 -8.14 0.66 -1.97
C VAL A 20 -8.22 0.17 -0.54
N VAL A 21 -8.16 1.14 0.36
CA VAL A 21 -8.21 0.92 1.79
C VAL A 21 -8.95 2.13 2.33
N ASN A 22 -9.96 1.94 3.17
CA ASN A 22 -10.72 3.04 3.76
C ASN A 22 -11.18 4.08 2.73
N ASN A 23 -11.50 3.59 1.53
CA ASN A 23 -11.97 4.34 0.38
C ASN A 23 -10.98 5.39 -0.14
N ARG A 24 -9.69 5.09 -0.05
CA ARG A 24 -8.58 5.93 -0.46
C ARG A 24 -7.48 5.09 -1.08
N LEU A 25 -6.62 5.70 -1.89
CA LEU A 25 -5.50 5.00 -2.48
C LEU A 25 -4.31 5.29 -1.57
N GLN A 26 -3.49 4.28 -1.34
CA GLN A 26 -2.30 4.36 -0.51
C GLN A 26 -1.31 3.36 -1.07
N TYR A 27 -0.01 3.63 -0.93
CA TYR A 27 1.09 2.79 -1.41
C TYR A 27 2.10 2.45 -0.31
N GLU A 28 2.89 1.39 -0.55
CA GLU A 28 3.93 0.92 0.34
C GLU A 28 5.02 0.19 -0.45
N THR A 29 6.28 0.42 -0.07
CA THR A 29 7.45 -0.21 -0.67
C THR A 29 8.69 0.17 0.14
N SER A 30 9.55 -0.76 0.51
CA SER A 30 10.77 -0.31 1.18
C SER A 30 11.92 -0.62 0.23
N ARG A 31 12.19 0.16 -0.84
CA ARG A 31 13.39 -0.22 -1.61
C ARG A 31 14.40 0.90 -1.69
N ASP A 32 14.19 1.80 -2.66
CA ASP A 32 14.97 3.01 -2.90
C ASP A 32 14.23 4.33 -2.71
N SER A 33 12.94 4.30 -3.09
CA SER A 33 11.95 5.37 -3.14
C SER A 33 10.87 4.94 -4.14
N ILE A 34 10.18 5.90 -4.74
CA ILE A 34 9.12 5.70 -5.70
C ILE A 34 9.46 6.31 -7.07
N PRO A 35 9.36 5.55 -8.18
CA PRO A 35 9.62 6.10 -9.49
C PRO A 35 8.54 7.10 -9.85
N THR A 36 8.92 8.34 -10.13
CA THR A 36 8.02 9.42 -10.51
C THR A 36 7.17 9.03 -11.72
N GLU A 37 7.64 8.10 -12.57
CA GLU A 37 6.93 7.68 -13.77
C GLU A 37 5.50 7.28 -13.43
N LEU A 38 5.33 6.42 -12.43
CA LEU A 38 4.02 5.97 -11.98
C LEU A 38 3.43 6.99 -11.03
N LEU A 39 4.24 7.57 -10.14
CA LEU A 39 3.84 8.56 -9.15
C LEU A 39 3.11 9.71 -9.76
N ASN A 40 3.70 10.33 -10.77
CA ASN A 40 3.12 11.47 -11.46
C ASN A 40 1.72 11.14 -11.99
N LYS A 41 1.52 9.92 -12.51
CA LYS A 41 0.24 9.47 -13.02
C LYS A 41 -0.71 9.13 -11.88
N TRP A 42 -0.22 8.53 -10.80
CA TRP A 42 -1.04 8.13 -9.67
C TRP A 42 -1.86 9.29 -9.14
N LYS A 43 -1.21 10.41 -8.83
CA LYS A 43 -1.93 11.57 -8.31
C LYS A 43 -2.91 12.11 -9.34
N GLN A 44 -2.54 12.06 -10.61
CA GLN A 44 -3.39 12.53 -11.69
C GLN A 44 -4.62 11.63 -11.93
N HIS A 45 -4.51 10.33 -11.68
CA HIS A 45 -5.57 9.35 -11.87
C HIS A 45 -5.94 8.69 -10.53
N LYS A 46 -5.85 9.44 -9.44
CA LYS A 46 -6.15 9.02 -8.08
C LYS A 46 -7.56 8.46 -7.99
N GLN A 47 -8.53 9.25 -8.44
CA GLN A 47 -9.94 8.89 -8.43
C GLN A 47 -10.20 7.62 -9.23
N GLU A 48 -9.52 7.46 -10.37
CA GLU A 48 -9.71 6.32 -11.24
C GLU A 48 -9.48 5.01 -10.48
N LEU A 49 -8.41 4.94 -9.68
CA LEU A 49 -8.09 3.74 -8.92
C LEU A 49 -9.13 3.51 -7.85
N ILE A 50 -9.39 4.51 -7.02
CA ILE A 50 -10.35 4.43 -5.93
C ILE A 50 -11.72 4.02 -6.46
N ASP A 51 -12.10 4.48 -7.65
CA ASP A 51 -13.38 4.19 -8.26
C ASP A 51 -13.49 2.77 -8.79
N PHE A 52 -12.51 2.31 -9.56
CA PHE A 52 -12.51 0.98 -10.12
C PHE A 52 -12.17 -0.04 -9.04
N LEU A 53 -11.05 0.15 -8.34
CA LEU A 53 -10.63 -0.76 -7.27
C LEU A 53 -11.74 -0.91 -6.22
N ASN A 54 -12.54 0.15 -5.98
CA ASN A 54 -13.64 0.04 -5.01
C ASN A 54 -14.57 -1.13 -5.40
N GLN A 55 -14.90 -1.23 -6.69
CA GLN A 55 -15.76 -2.27 -7.22
C GLN A 55 -15.07 -3.63 -7.15
N LEU A 56 -13.76 -3.70 -7.41
CA LEU A 56 -13.00 -4.95 -7.35
C LEU A 56 -13.05 -5.53 -5.94
N ASP A 57 -12.95 -4.70 -4.91
CA ASP A 57 -13.03 -5.16 -3.52
C ASP A 57 -14.42 -5.75 -3.25
N SER A 58 -15.43 -5.16 -3.87
CA SER A 58 -16.84 -5.52 -3.82
C SER A 58 -17.10 -6.81 -4.60
N GLU A 59 -16.16 -7.29 -5.42
CA GLU A 59 -16.33 -8.52 -6.16
C GLU A 59 -16.10 -9.72 -5.23
N GLU A 60 -15.13 -9.60 -4.32
CA GLU A 60 -14.76 -10.65 -3.38
C GLU A 60 -15.67 -10.72 -2.17
N GLN A 61 -16.16 -9.55 -1.72
CA GLN A 61 -17.03 -9.36 -0.55
C GLN A 61 -16.44 -9.93 0.76
N THR A 62 -15.16 -10.32 0.77
CA THR A 62 -14.47 -10.91 1.90
C THR A 62 -13.85 -9.84 2.82
N LYS A 63 -13.11 -10.34 3.79
CA LYS A 63 -12.38 -9.64 4.84
C LYS A 63 -10.89 -9.58 4.51
N GLY A 64 -10.12 -8.86 5.31
CA GLY A 64 -8.70 -8.70 5.12
C GLY A 64 -8.10 -7.92 6.27
N SER A 65 -6.92 -7.37 6.03
CA SER A 65 -6.22 -6.58 7.01
C SER A 65 -5.94 -5.21 6.40
N GLY A 66 -6.43 -4.16 7.06
CA GLY A 66 -6.25 -2.79 6.64
C GLY A 66 -7.55 -2.02 6.39
N SER A 67 -8.59 -2.65 5.85
CA SER A 67 -9.88 -2.03 5.54
C SER A 67 -11.09 -2.60 6.29
N GLY A 68 -10.91 -3.69 7.03
CA GLY A 68 -11.95 -4.39 7.80
C GLY A 68 -12.43 -3.67 9.07
N SER A 69 -12.56 -2.34 9.05
CA SER A 69 -13.02 -1.54 10.18
C SER A 69 -14.55 -1.55 10.27
N GLY A 70 -15.07 -1.18 11.45
CA GLY A 70 -16.49 -1.12 11.76
C GLY A 70 -17.05 -2.45 12.24
N SER A 71 -16.93 -2.75 13.53
CA SER A 71 -17.44 -4.00 14.11
C SER A 71 -18.02 -3.80 15.53
N GLY A 72 -17.99 -2.57 16.06
CA GLY A 72 -18.51 -2.24 17.38
C GLY A 72 -17.40 -1.93 18.39
N SER A 73 -17.82 -1.37 19.52
CA SER A 73 -17.01 -0.96 20.67
C SER A 73 -15.64 -0.40 20.29
N GLY A 74 -15.66 0.64 19.45
CA GLY A 74 -14.49 1.36 18.94
C GLY A 74 -13.50 0.39 18.33
N SER A 75 -12.42 0.13 19.06
CA SER A 75 -11.35 -0.77 18.65
C SER A 75 -10.90 -1.67 19.80
N LEU A 76 -11.60 -1.75 20.95
CA LEU A 76 -11.12 -2.58 22.06
C LEU A 76 -11.00 -4.06 21.69
N LEU A 77 -12.03 -4.68 21.12
CA LEU A 77 -11.99 -6.11 20.77
C LEU A 77 -10.81 -6.48 19.86
N LYS A 78 -10.45 -5.61 18.91
CA LYS A 78 -9.33 -5.83 18.00
C LYS A 78 -8.02 -5.48 18.68
N GLU A 79 -7.96 -4.37 19.42
CA GLU A 79 -6.77 -3.90 20.12
C GLU A 79 -6.32 -4.83 21.23
N LYS A 80 -7.24 -5.38 22.03
CA LYS A 80 -6.89 -6.29 23.13
C LYS A 80 -6.09 -7.47 22.58
N ARG A 81 -6.40 -7.91 21.36
CA ARG A 81 -5.71 -9.01 20.71
C ARG A 81 -4.28 -8.60 20.40
N LYS A 82 -4.04 -7.38 19.89
CA LYS A 82 -2.70 -6.89 19.62
C LYS A 82 -1.92 -6.82 20.92
N HIS A 83 -2.57 -6.32 21.97
CA HIS A 83 -2.00 -6.17 23.30
C HIS A 83 -1.63 -7.55 23.89
N PHE A 84 -2.22 -8.64 23.40
CA PHE A 84 -1.96 -9.99 23.87
C PHE A 84 -0.63 -10.50 23.29
N GLN A 85 -0.31 -10.18 22.03
CA GLN A 85 0.91 -10.61 21.36
C GLN A 85 1.44 -9.48 20.48
N ALA A 86 2.66 -9.01 20.75
CA ALA A 86 3.33 -7.96 20.01
C ALA A 86 4.82 -8.27 19.94
N GLU A 87 5.54 -7.56 19.09
CA GLU A 87 6.97 -7.73 18.88
C GLU A 87 7.55 -6.42 18.33
N GLN A 88 8.63 -6.49 17.55
CA GLN A 88 9.31 -5.37 16.94
C GLN A 88 8.90 -5.29 15.47
N ASN A 89 9.14 -4.12 14.90
CA ASN A 89 8.84 -3.86 13.51
C ASN A 89 10.10 -4.13 12.70
N SER A 90 11.28 -3.75 13.22
CA SER A 90 12.59 -3.91 12.59
C SER A 90 12.63 -3.33 11.17
N SER A 91 11.80 -2.32 10.91
CA SER A 91 11.69 -1.64 9.63
C SER A 91 12.05 -0.18 9.84
N GLN A 92 13.04 0.33 9.12
CA GLN A 92 13.51 1.71 9.21
C GLN A 92 13.87 2.27 7.83
N GLU A 93 13.35 1.66 6.76
CA GLU A 93 13.55 2.00 5.36
C GLU A 93 12.20 1.90 4.61
N TYR A 94 11.08 1.93 5.33
CA TYR A 94 9.75 1.82 4.73
C TYR A 94 9.19 3.22 4.48
N LEU A 95 8.97 3.53 3.21
CA LEU A 95 8.42 4.79 2.71
C LEU A 95 7.04 4.44 2.14
N ARG A 96 6.03 5.18 2.56
CA ARG A 96 4.64 5.00 2.18
C ARG A 96 3.98 6.37 2.02
N GLY A 97 2.89 6.42 1.27
CA GLY A 97 2.13 7.64 1.05
C GLY A 97 0.70 7.35 0.59
N GLU A 98 -0.10 8.41 0.46
CA GLU A 98 -1.51 8.40 0.06
C GLU A 98 -1.65 9.20 -1.24
N ILE A 99 -2.04 8.55 -2.33
CA ILE A 99 -2.24 9.12 -3.67
C ILE A 99 -3.53 9.92 -3.62
#